data_2M19
#
_entry.id   2M19
#
_entity_poly.entity_id   1
_entity_poly.type   'polypeptide(L)'
_entity_poly.pdbx_seq_one_letter_code
;GGGRDYKDDDDKGTMELELRFFATFREVVGQKSIYWRVDDDATVGDVLRSLEAEYDGLAGRLIEDGEVKPHVNVLKNGRE
VVHLDGMATALDDGDAVSVFPPVAGG
;
_entity_poly.pdbx_strand_id   A
#
# COMPACT_ATOMS: atom_id res chain seq x y z
N GLY A 1 -23.11 -14.53 6.28
CA GLY A 1 -22.89 -13.51 5.23
C GLY A 1 -21.77 -13.88 4.27
N GLY A 2 -21.79 -13.30 3.06
CA GLY A 2 -20.77 -13.55 2.04
C GLY A 2 -19.54 -12.65 2.21
N GLY A 3 -18.42 -13.05 1.60
CA GLY A 3 -17.18 -12.26 1.60
C GLY A 3 -17.14 -11.25 0.46
N ARG A 4 -15.98 -10.56 0.31
CA ARG A 4 -15.75 -9.49 -0.68
C ARG A 4 -16.80 -8.36 -0.47
N ASP A 5 -16.47 -7.42 0.40
CA ASP A 5 -17.32 -6.26 0.73
C ASP A 5 -16.51 -4.96 0.65
N TYR A 6 -15.61 -4.90 -0.33
CA TYR A 6 -14.58 -3.83 -0.43
C TYR A 6 -15.15 -2.59 -1.14
N LYS A 7 -16.06 -1.93 -0.42
CA LYS A 7 -16.83 -0.76 -0.87
C LYS A 7 -17.18 0.13 0.34
N ASP A 8 -17.89 1.24 0.11
CA ASP A 8 -18.44 2.08 1.19
C ASP A 8 -19.95 1.78 1.34
N ASP A 9 -20.58 2.28 2.43
CA ASP A 9 -22.01 2.06 2.77
C ASP A 9 -22.28 0.61 3.24
N ASP A 10 -23.31 0.45 4.12
CA ASP A 10 -23.73 -0.87 4.68
C ASP A 10 -22.61 -1.46 5.60
N ASP A 11 -22.81 -2.66 6.17
CA ASP A 11 -21.74 -3.39 6.87
C ASP A 11 -20.72 -3.93 5.85
N LYS A 12 -19.43 -3.76 6.14
CA LYS A 12 -18.32 -4.18 5.26
C LYS A 12 -17.00 -4.14 6.02
N GLY A 13 -16.89 -3.14 6.92
CA GLY A 13 -15.72 -2.98 7.77
C GLY A 13 -14.47 -2.58 7.02
N THR A 14 -14.64 -1.83 5.93
CA THR A 14 -13.52 -1.32 5.16
C THR A 14 -13.09 0.04 5.70
N MET A 15 -11.77 0.26 5.73
CA MET A 15 -11.16 1.53 6.12
C MET A 15 -10.59 2.21 4.87
N GLU A 16 -10.24 3.48 5.01
CA GLU A 16 -9.71 4.28 3.89
C GLU A 16 -8.31 4.78 4.25
N LEU A 17 -7.36 4.65 3.31
CA LEU A 17 -5.93 4.95 3.55
C LEU A 17 -5.43 5.93 2.50
N GLU A 18 -4.55 6.87 2.91
CA GLU A 18 -3.91 7.81 2.01
C GLU A 18 -2.62 7.19 1.48
N LEU A 19 -2.64 6.70 0.24
CA LEU A 19 -1.48 6.04 -0.36
C LEU A 19 -0.69 7.09 -1.15
N ARG A 20 0.42 7.49 -0.56
CA ARG A 20 1.29 8.53 -1.09
C ARG A 20 2.42 7.87 -1.90
N PHE A 21 2.47 8.16 -3.20
CA PHE A 21 3.48 7.59 -4.13
C PHE A 21 4.50 8.65 -4.47
N PHE A 22 5.79 8.25 -4.50
CA PHE A 22 6.91 9.17 -4.83
C PHE A 22 7.84 8.50 -5.85
N ALA A 23 8.56 9.34 -6.59
CA ALA A 23 9.54 8.93 -7.61
C ALA A 23 8.88 8.12 -8.76
N THR A 24 9.44 6.95 -9.15
CA THR A 24 8.90 6.09 -10.22
C THR A 24 7.45 5.66 -9.90
N PHE A 25 7.21 5.20 -8.66
CA PHE A 25 5.89 4.74 -8.20
C PHE A 25 4.81 5.85 -8.33
N ARG A 26 5.27 7.13 -8.28
CA ARG A 26 4.39 8.30 -8.41
C ARG A 26 3.87 8.44 -9.84
N GLU A 27 4.79 8.39 -10.83
CA GLU A 27 4.44 8.60 -12.26
C GLU A 27 3.71 7.38 -12.85
N VAL A 28 3.97 6.20 -12.26
CA VAL A 28 3.22 4.95 -12.57
C VAL A 28 1.73 5.14 -12.27
N VAL A 29 1.46 5.55 -11.03
CA VAL A 29 0.11 5.82 -10.54
C VAL A 29 -0.43 7.13 -11.16
N GLY A 30 0.51 8.01 -11.56
CA GLY A 30 0.20 9.35 -12.05
C GLY A 30 -0.35 10.28 -10.98
N GLN A 31 -0.25 9.83 -9.71
CA GLN A 31 -0.84 10.51 -8.55
C GLN A 31 0.16 10.39 -7.38
N LYS A 32 0.38 11.50 -6.64
CA LYS A 32 1.37 11.56 -5.55
C LYS A 32 0.77 11.16 -4.19
N SER A 33 -0.55 11.27 -4.06
CA SER A 33 -1.30 10.79 -2.89
C SER A 33 -2.75 10.52 -3.32
N ILE A 34 -3.30 9.37 -2.91
CA ILE A 34 -4.69 8.97 -3.21
C ILE A 34 -5.38 8.51 -1.92
N TYR A 35 -6.67 8.16 -2.00
CA TYR A 35 -7.37 7.46 -0.90
C TYR A 35 -8.01 6.18 -1.45
N TRP A 36 -7.48 5.04 -0.99
CA TRP A 36 -7.96 3.69 -1.34
C TRP A 36 -8.91 3.19 -0.27
N ARG A 37 -9.77 2.23 -0.65
CA ARG A 37 -10.65 1.55 0.30
C ARG A 37 -10.30 0.05 0.31
N VAL A 38 -9.62 -0.39 1.37
CA VAL A 38 -9.37 -1.81 1.66
C VAL A 38 -10.09 -2.17 2.97
N ASP A 39 -10.13 -3.46 3.32
CA ASP A 39 -10.75 -3.92 4.58
C ASP A 39 -9.88 -3.47 5.78
N ASP A 40 -10.49 -3.38 6.98
CA ASP A 40 -9.80 -2.91 8.21
C ASP A 40 -8.65 -3.85 8.61
N ASP A 41 -8.80 -5.14 8.24
CA ASP A 41 -7.84 -6.21 8.60
C ASP A 41 -6.64 -6.18 7.64
N ALA A 42 -6.85 -5.62 6.44
CA ALA A 42 -5.83 -5.51 5.39
C ALA A 42 -4.70 -4.57 5.84
N THR A 43 -3.45 -5.03 5.71
CA THR A 43 -2.26 -4.26 6.13
C THR A 43 -1.43 -3.82 4.89
N VAL A 44 -0.30 -3.09 5.14
CA VAL A 44 0.54 -2.45 4.08
C VAL A 44 0.91 -3.45 2.96
N GLY A 45 1.14 -4.71 3.35
CA GLY A 45 1.47 -5.78 2.42
C GLY A 45 0.33 -6.14 1.46
N ASP A 46 -0.90 -6.19 1.98
CA ASP A 46 -2.12 -6.43 1.18
C ASP A 46 -2.38 -5.25 0.22
N VAL A 47 -2.11 -4.04 0.72
CA VAL A 47 -2.25 -2.80 -0.06
C VAL A 47 -1.37 -2.84 -1.32
N LEU A 48 -0.04 -3.01 -1.16
CA LEU A 48 0.87 -3.10 -2.33
C LEU A 48 0.60 -4.37 -3.16
N ARG A 49 0.14 -5.45 -2.51
CA ARG A 49 -0.33 -6.67 -3.22
C ARG A 49 -1.42 -6.31 -4.25
N SER A 50 -2.39 -5.54 -3.82
CA SER A 50 -3.50 -5.12 -4.65
C SER A 50 -3.08 -4.01 -5.65
N LEU A 51 -2.12 -3.14 -5.26
CA LEU A 51 -1.63 -2.02 -6.10
C LEU A 51 -1.07 -2.50 -7.47
N GLU A 52 -0.36 -3.63 -7.48
CA GLU A 52 0.21 -4.18 -8.73
C GLU A 52 -0.86 -4.80 -9.63
N ALA A 53 -1.93 -5.31 -8.99
CA ALA A 53 -3.10 -5.89 -9.66
C ALA A 53 -3.84 -4.82 -10.49
N GLU A 54 -3.65 -3.54 -10.12
CA GLU A 54 -4.18 -2.39 -10.86
C GLU A 54 -3.14 -1.90 -11.88
N TYR A 55 -1.96 -1.55 -11.35
CA TYR A 55 -0.91 -0.84 -12.09
C TYR A 55 0.17 -1.82 -12.57
N ASP A 56 0.31 -1.93 -13.89
CA ASP A 56 1.35 -2.75 -14.55
C ASP A 56 2.75 -2.23 -14.23
N GLY A 57 2.86 -0.89 -14.09
CA GLY A 57 4.11 -0.22 -13.75
C GLY A 57 4.57 -0.45 -12.31
N LEU A 58 3.70 -1.07 -11.48
CA LEU A 58 4.03 -1.48 -10.10
C LEU A 58 4.24 -2.99 -9.98
N ALA A 59 3.92 -3.76 -11.05
CA ALA A 59 3.94 -5.24 -11.02
C ALA A 59 5.34 -5.78 -10.68
N GLY A 60 5.42 -6.56 -9.58
CA GLY A 60 6.64 -7.27 -9.17
C GLY A 60 7.58 -6.46 -8.27
N ARG A 61 7.64 -5.14 -8.49
CA ARG A 61 8.66 -4.25 -7.88
C ARG A 61 8.27 -3.75 -6.48
N LEU A 62 7.11 -4.20 -5.99
CA LEU A 62 6.55 -3.81 -4.67
C LEU A 62 6.31 -5.04 -3.77
N ILE A 63 6.52 -6.26 -4.34
CA ILE A 63 6.51 -7.54 -3.60
C ILE A 63 7.75 -8.35 -3.98
N GLU A 64 8.50 -8.84 -2.98
CA GLU A 64 9.56 -9.83 -3.19
C GLU A 64 9.39 -10.99 -2.20
N ASP A 65 9.07 -12.19 -2.72
CA ASP A 65 9.04 -13.46 -1.94
C ASP A 65 8.04 -13.38 -0.74
N GLY A 66 6.96 -12.60 -0.91
CA GLY A 66 5.92 -12.47 0.11
C GLY A 66 6.15 -11.34 1.12
N GLU A 67 7.36 -10.73 1.12
CA GLU A 67 7.61 -9.46 1.86
C GLU A 67 7.57 -8.28 0.89
N VAL A 68 7.89 -7.05 1.38
CA VAL A 68 7.77 -5.83 0.55
C VAL A 68 8.78 -5.81 -0.64
N LYS A 69 10.12 -5.92 -0.38
CA LYS A 69 11.21 -5.84 -1.41
C LYS A 69 12.48 -5.29 -0.73
N PRO A 70 13.68 -5.85 -1.07
CA PRO A 70 14.98 -5.23 -0.72
C PRO A 70 15.14 -3.81 -1.33
N HIS A 71 15.61 -2.86 -0.50
CA HIS A 71 15.94 -1.46 -0.92
C HIS A 71 14.71 -0.57 -1.20
N VAL A 72 13.49 -1.16 -1.34
CA VAL A 72 12.27 -0.36 -1.51
C VAL A 72 12.02 0.39 -0.21
N ASN A 73 11.66 1.67 -0.30
CA ASN A 73 11.42 2.47 0.90
C ASN A 73 9.92 2.71 1.02
N VAL A 74 9.29 1.98 1.94
CA VAL A 74 7.85 2.02 2.18
C VAL A 74 7.59 2.42 3.62
N LEU A 75 6.54 3.22 3.81
CA LEU A 75 6.25 3.99 5.03
C LEU A 75 4.82 3.74 5.49
N LYS A 76 4.52 4.26 6.68
CA LYS A 76 3.27 4.01 7.40
C LYS A 76 3.16 5.06 8.51
N ASN A 77 2.27 6.04 8.32
CA ASN A 77 2.11 7.21 9.22
C ASN A 77 3.49 7.97 9.35
N GLY A 78 4.24 7.98 8.23
CA GLY A 78 5.58 8.59 8.16
C GLY A 78 6.73 7.68 8.60
N ARG A 79 6.40 6.55 9.24
CA ARG A 79 7.40 5.60 9.77
C ARG A 79 7.70 4.55 8.69
N GLU A 80 8.97 4.50 8.24
CA GLU A 80 9.39 3.63 7.14
C GLU A 80 9.42 2.15 7.60
N VAL A 81 8.39 1.38 7.17
CA VAL A 81 8.16 -0.01 7.62
C VAL A 81 9.20 -1.03 7.14
N VAL A 82 10.20 -0.59 6.39
CA VAL A 82 11.35 -1.45 6.05
C VAL A 82 12.19 -1.75 7.32
N HIS A 83 12.14 -0.82 8.30
CA HIS A 83 12.87 -0.93 9.59
C HIS A 83 12.09 -1.82 10.60
N LEU A 84 10.79 -2.03 10.31
CA LEU A 84 9.88 -2.84 11.14
C LEU A 84 9.09 -3.82 10.24
N ASP A 85 7.86 -4.17 10.65
CA ASP A 85 6.96 -5.02 9.87
C ASP A 85 6.47 -4.29 8.60
N GLY A 86 6.96 -4.72 7.43
CA GLY A 86 6.54 -4.15 6.15
C GLY A 86 5.19 -4.65 5.69
N MET A 87 4.98 -5.96 5.86
CA MET A 87 3.76 -6.64 5.38
C MET A 87 2.55 -6.41 6.30
N ALA A 88 2.78 -6.39 7.62
CA ALA A 88 1.69 -6.26 8.62
C ALA A 88 2.15 -5.46 9.85
N THR A 89 2.16 -4.13 9.68
CA THR A 89 2.53 -3.17 10.74
C THR A 89 1.34 -2.86 11.71
N ALA A 90 0.34 -2.06 11.27
CA ALA A 90 -0.63 -1.42 12.20
C ALA A 90 -1.72 -0.60 11.48
N LEU A 91 -2.17 -1.01 10.28
CA LEU A 91 -2.97 -0.12 9.42
C LEU A 91 -4.40 0.07 9.97
N ASP A 92 -4.71 1.34 10.29
CA ASP A 92 -6.01 1.79 10.79
C ASP A 92 -6.59 2.83 9.82
N ASP A 93 -7.84 3.25 10.05
CA ASP A 93 -8.56 4.18 9.16
C ASP A 93 -7.95 5.61 9.18
N GLY A 94 -8.02 6.28 8.02
CA GLY A 94 -7.46 7.62 7.83
C GLY A 94 -5.93 7.67 7.87
N ASP A 95 -5.27 6.50 7.76
CA ASP A 95 -3.78 6.40 7.83
C ASP A 95 -3.14 6.97 6.54
N ALA A 96 -1.80 6.95 6.46
CA ALA A 96 -1.05 7.41 5.27
C ALA A 96 0.17 6.51 5.00
N VAL A 97 0.02 5.58 4.04
CA VAL A 97 1.12 4.71 3.58
C VAL A 97 1.88 5.43 2.45
N SER A 98 3.08 5.91 2.75
CA SER A 98 3.96 6.55 1.75
C SER A 98 4.88 5.50 1.14
N VAL A 99 5.17 5.58 -0.17
CA VAL A 99 6.00 4.58 -0.87
C VAL A 99 6.99 5.29 -1.81
N PHE A 100 8.18 4.70 -1.88
CA PHE A 100 9.29 5.14 -2.73
C PHE A 100 9.85 3.84 -3.38
N PRO A 101 10.14 3.84 -4.71
CA PRO A 101 10.76 2.67 -5.41
C PRO A 101 12.17 2.32 -4.86
N PRO A 102 12.69 1.07 -5.12
CA PRO A 102 13.96 0.61 -4.52
C PRO A 102 15.17 1.44 -5.00
N VAL A 103 15.97 1.89 -4.02
CA VAL A 103 17.09 2.83 -4.23
C VAL A 103 18.40 2.06 -4.45
N ALA A 104 19.25 2.60 -5.34
CA ALA A 104 20.56 2.01 -5.65
C ALA A 104 21.55 2.28 -4.51
N GLY A 105 21.60 1.32 -3.55
CA GLY A 105 22.43 1.43 -2.35
C GLY A 105 23.83 0.84 -2.52
N GLY A 106 24.33 0.86 -3.77
CA GLY A 106 25.66 0.36 -4.10
C GLY A 106 25.99 0.58 -5.58
N GLY A 1 -26.19 2.88 -4.92
CA GLY A 1 -26.03 3.08 -3.46
C GLY A 1 -24.99 4.13 -3.15
N GLY A 2 -23.87 3.71 -2.51
CA GLY A 2 -22.78 4.62 -2.14
C GLY A 2 -21.71 3.94 -1.30
N GLY A 3 -21.30 2.73 -1.72
CA GLY A 3 -20.30 1.95 -1.01
C GLY A 3 -19.83 0.73 -1.80
N ARG A 4 -18.53 0.37 -1.64
CA ARG A 4 -17.92 -0.80 -2.30
C ARG A 4 -18.18 -2.02 -1.39
N ASP A 5 -17.27 -2.25 -0.42
CA ASP A 5 -17.55 -2.94 0.87
C ASP A 5 -17.80 -4.46 0.78
N TYR A 6 -17.70 -5.01 -0.45
CA TYR A 6 -17.50 -6.45 -0.72
C TYR A 6 -18.57 -7.39 -0.13
N LYS A 7 -18.41 -7.69 1.15
CA LYS A 7 -19.12 -8.76 1.87
C LYS A 7 -20.64 -8.59 1.92
N ASP A 8 -21.13 -7.34 1.95
CA ASP A 8 -22.55 -7.06 2.23
C ASP A 8 -22.97 -5.66 1.72
N ASP A 9 -24.27 -5.36 1.86
CA ASP A 9 -24.86 -4.03 1.61
C ASP A 9 -24.62 -3.10 2.80
N ASP A 10 -24.97 -3.58 4.01
CA ASP A 10 -24.79 -2.84 5.28
C ASP A 10 -23.51 -3.31 5.98
N ASP A 11 -22.94 -2.40 6.82
CA ASP A 11 -21.68 -2.61 7.58
C ASP A 11 -20.49 -2.87 6.65
N LYS A 12 -19.70 -1.81 6.43
CA LYS A 12 -18.61 -1.77 5.42
C LYS A 12 -17.47 -2.76 5.73
N GLY A 13 -17.01 -2.80 7.01
CA GLY A 13 -15.80 -3.55 7.39
C GLY A 13 -14.58 -3.19 6.55
N THR A 14 -14.52 -1.93 6.11
CA THR A 14 -13.45 -1.40 5.25
C THR A 14 -12.80 -0.17 5.89
N MET A 15 -11.64 0.21 5.35
CA MET A 15 -10.83 1.32 5.84
C MET A 15 -10.24 2.08 4.64
N GLU A 16 -10.42 3.42 4.64
CA GLU A 16 -9.89 4.30 3.61
C GLU A 16 -8.43 4.63 3.93
N LEU A 17 -7.54 4.59 2.93
CA LEU A 17 -6.08 4.73 3.12
C LEU A 17 -5.54 5.81 2.19
N GLU A 18 -4.71 6.74 2.72
CA GLU A 18 -4.04 7.76 1.90
C GLU A 18 -2.71 7.19 1.41
N LEU A 19 -2.69 6.65 0.20
CA LEU A 19 -1.49 5.98 -0.33
C LEU A 19 -0.67 6.99 -1.10
N ARG A 20 0.41 7.44 -0.48
CA ARG A 20 1.30 8.46 -1.01
C ARG A 20 2.43 7.78 -1.79
N PHE A 21 2.51 8.08 -3.09
CA PHE A 21 3.55 7.51 -3.98
C PHE A 21 4.57 8.58 -4.31
N PHE A 22 5.85 8.20 -4.38
CA PHE A 22 6.96 9.12 -4.70
C PHE A 22 7.87 8.48 -5.75
N ALA A 23 8.66 9.32 -6.45
CA ALA A 23 9.62 8.90 -7.48
C ALA A 23 8.94 8.11 -8.64
N THR A 24 9.49 6.93 -9.03
CA THR A 24 8.91 6.05 -10.06
C THR A 24 7.46 5.68 -9.73
N PHE A 25 7.23 5.23 -8.48
CA PHE A 25 5.89 4.76 -8.03
C PHE A 25 4.84 5.89 -8.14
N ARG A 26 5.30 7.17 -8.05
CA ARG A 26 4.41 8.34 -8.19
C ARG A 26 3.91 8.48 -9.64
N GLU A 27 4.85 8.47 -10.61
CA GLU A 27 4.54 8.74 -12.02
C GLU A 27 3.81 7.54 -12.68
N VAL A 28 3.97 6.36 -12.06
CA VAL A 28 3.18 5.17 -12.40
C VAL A 28 1.68 5.41 -12.11
N VAL A 29 1.40 5.83 -10.88
CA VAL A 29 0.05 6.12 -10.41
C VAL A 29 -0.46 7.45 -11.00
N GLY A 30 0.50 8.30 -11.43
CA GLY A 30 0.23 9.65 -11.90
C GLY A 30 -0.22 10.59 -10.79
N GLN A 31 -0.09 10.11 -9.53
CA GLN A 31 -0.55 10.81 -8.32
C GLN A 31 0.47 10.57 -7.22
N LYS A 32 0.71 11.59 -6.37
CA LYS A 32 1.66 11.49 -5.25
C LYS A 32 0.95 11.14 -3.93
N SER A 33 -0.40 11.15 -3.95
CA SER A 33 -1.26 10.65 -2.84
C SER A 33 -2.66 10.32 -3.42
N ILE A 34 -3.16 9.11 -3.16
CA ILE A 34 -4.54 8.70 -3.51
C ILE A 34 -5.30 8.33 -2.23
N TYR A 35 -6.61 8.12 -2.34
CA TYR A 35 -7.41 7.50 -1.27
C TYR A 35 -8.00 6.19 -1.80
N TRP A 36 -7.52 5.08 -1.24
CA TRP A 36 -8.07 3.72 -1.46
C TRP A 36 -9.08 3.39 -0.38
N ARG A 37 -9.70 2.21 -0.49
CA ARG A 37 -10.56 1.66 0.55
C ARG A 37 -10.62 0.14 0.38
N VAL A 38 -9.91 -0.56 1.28
CA VAL A 38 -9.81 -2.03 1.29
C VAL A 38 -10.50 -2.55 2.56
N ASP A 39 -10.64 -3.87 2.69
CA ASP A 39 -11.25 -4.48 3.89
C ASP A 39 -10.30 -4.31 5.12
N ASP A 40 -10.87 -4.45 6.33
CA ASP A 40 -10.13 -4.14 7.59
C ASP A 40 -9.16 -5.26 7.98
N ASP A 41 -9.30 -6.45 7.36
CA ASP A 41 -8.38 -7.59 7.60
C ASP A 41 -7.11 -7.42 6.76
N ALA A 42 -7.17 -6.53 5.76
CA ALA A 42 -6.01 -6.11 4.97
C ALA A 42 -5.06 -5.24 5.81
N THR A 43 -3.77 -5.27 5.47
CA THR A 43 -2.71 -4.43 6.06
C THR A 43 -1.80 -3.89 4.93
N VAL A 44 -0.68 -3.18 5.28
CA VAL A 44 0.21 -2.47 4.31
C VAL A 44 0.65 -3.39 3.14
N GLY A 45 0.86 -4.67 3.46
CA GLY A 45 1.26 -5.69 2.50
C GLY A 45 0.15 -6.08 1.53
N ASP A 46 -1.08 -6.19 2.04
CA ASP A 46 -2.29 -6.53 1.24
C ASP A 46 -2.62 -5.38 0.27
N VAL A 47 -2.28 -4.17 0.71
CA VAL A 47 -2.40 -2.93 -0.08
C VAL A 47 -1.52 -3.01 -1.32
N LEU A 48 -0.18 -3.15 -1.14
CA LEU A 48 0.78 -3.21 -2.26
C LEU A 48 0.58 -4.49 -3.12
N ARG A 49 0.12 -5.57 -2.48
CA ARG A 49 -0.36 -6.80 -3.18
C ARG A 49 -1.36 -6.45 -4.28
N SER A 50 -2.36 -5.65 -3.91
CA SER A 50 -3.42 -5.21 -4.82
C SER A 50 -2.93 -4.10 -5.79
N LEU A 51 -2.00 -3.23 -5.33
CA LEU A 51 -1.49 -2.09 -6.14
C LEU A 51 -0.89 -2.54 -7.50
N GLU A 52 -0.22 -3.70 -7.53
CA GLU A 52 0.32 -4.26 -8.79
C GLU A 52 -0.80 -4.85 -9.68
N ALA A 53 -1.91 -5.27 -9.06
CA ALA A 53 -3.08 -5.81 -9.77
C ALA A 53 -3.84 -4.68 -10.51
N GLU A 54 -3.68 -3.44 -10.02
CA GLU A 54 -4.26 -2.25 -10.63
C GLU A 54 -3.30 -1.65 -11.67
N TYR A 55 -2.09 -1.33 -11.19
CA TYR A 55 -1.08 -0.59 -11.94
C TYR A 55 0.01 -1.54 -12.47
N ASP A 56 0.19 -1.56 -13.79
CA ASP A 56 1.21 -2.38 -14.47
C ASP A 56 2.63 -1.91 -14.17
N GLY A 57 2.77 -0.59 -13.92
CA GLY A 57 4.06 0.02 -13.59
C GLY A 57 4.49 -0.23 -12.15
N LEU A 58 3.62 -0.88 -11.34
CA LEU A 58 3.94 -1.27 -9.95
C LEU A 58 4.17 -2.79 -9.84
N ALA A 59 4.04 -3.52 -10.96
CA ALA A 59 4.04 -5.00 -10.94
C ALA A 59 5.41 -5.61 -10.52
N GLY A 60 5.40 -6.41 -9.42
CA GLY A 60 6.56 -7.23 -9.01
C GLY A 60 7.73 -6.47 -8.35
N ARG A 61 7.60 -5.14 -8.26
CA ARG A 61 8.65 -4.23 -7.72
C ARG A 61 8.25 -3.68 -6.34
N LEU A 62 7.11 -4.16 -5.82
CA LEU A 62 6.56 -3.75 -4.51
C LEU A 62 6.27 -4.98 -3.63
N ILE A 63 6.52 -6.20 -4.20
CA ILE A 63 6.50 -7.49 -3.48
C ILE A 63 7.78 -8.27 -3.83
N GLU A 64 8.39 -8.89 -2.80
CA GLU A 64 9.51 -9.84 -2.99
C GLU A 64 9.45 -10.87 -1.86
N ASP A 65 9.19 -12.14 -2.23
CA ASP A 65 9.17 -13.32 -1.31
C ASP A 65 8.14 -13.15 -0.16
N GLY A 66 7.04 -12.45 -0.46
CA GLY A 66 5.94 -12.26 0.50
C GLY A 66 6.15 -11.11 1.49
N GLU A 67 7.36 -10.52 1.54
CA GLU A 67 7.58 -9.23 2.23
C GLU A 67 7.48 -8.08 1.21
N VAL A 68 7.77 -6.84 1.65
CA VAL A 68 7.63 -5.66 0.77
C VAL A 68 8.62 -5.72 -0.42
N LYS A 69 9.95 -5.84 -0.15
CA LYS A 69 11.05 -5.82 -1.16
C LYS A 69 12.32 -5.26 -0.48
N PRO A 70 13.50 -5.93 -0.66
CA PRO A 70 14.82 -5.33 -0.33
C PRO A 70 15.10 -4.07 -1.20
N HIS A 71 15.61 -3.00 -0.55
CA HIS A 71 16.00 -1.71 -1.19
C HIS A 71 14.82 -0.75 -1.43
N VAL A 72 13.56 -1.24 -1.40
CA VAL A 72 12.38 -0.37 -1.54
C VAL A 72 12.21 0.43 -0.22
N ASN A 73 11.85 1.72 -0.32
CA ASN A 73 11.65 2.55 0.88
C ASN A 73 10.15 2.77 1.05
N VAL A 74 9.56 2.06 2.01
CA VAL A 74 8.10 2.09 2.24
C VAL A 74 7.82 2.53 3.67
N LEU A 75 6.92 3.50 3.81
CA LEU A 75 6.64 4.21 5.07
C LEU A 75 5.17 4.07 5.45
N LYS A 76 4.91 3.95 6.74
CA LYS A 76 3.61 4.11 7.35
C LYS A 76 3.65 5.38 8.23
N ASN A 77 3.01 6.45 7.72
CA ASN A 77 2.89 7.77 8.39
C ASN A 77 4.27 8.32 8.83
N GLY A 78 5.19 8.44 7.86
CA GLY A 78 6.52 9.00 8.10
C GLY A 78 7.54 8.03 8.70
N ARG A 79 7.07 6.89 9.24
CA ARG A 79 7.95 5.84 9.80
C ARG A 79 8.16 4.76 8.75
N GLU A 80 9.42 4.60 8.28
CA GLU A 80 9.75 3.62 7.24
C GLU A 80 9.65 2.20 7.84
N VAL A 81 8.67 1.43 7.35
CA VAL A 81 8.34 0.09 7.86
C VAL A 81 9.37 -0.98 7.46
N VAL A 82 10.42 -0.60 6.71
CA VAL A 82 11.53 -1.50 6.33
C VAL A 82 12.42 -1.84 7.56
N HIS A 83 12.25 -1.08 8.67
CA HIS A 83 13.00 -1.28 9.93
C HIS A 83 12.21 -2.19 10.90
N LEU A 84 10.90 -2.31 10.66
CA LEU A 84 9.98 -3.13 11.47
C LEU A 84 9.12 -4.00 10.52
N ASP A 85 7.91 -4.38 10.97
CA ASP A 85 6.91 -5.06 10.12
C ASP A 85 6.57 -4.22 8.88
N GLY A 86 6.96 -4.71 7.69
CA GLY A 86 6.64 -4.05 6.44
C GLY A 86 5.21 -4.32 6.01
N MET A 87 4.82 -5.61 6.09
CA MET A 87 3.53 -6.10 5.59
C MET A 87 2.37 -5.84 6.58
N ALA A 88 2.62 -5.98 7.90
CA ALA A 88 1.57 -5.79 8.93
C ALA A 88 2.12 -5.04 10.17
N THR A 89 2.32 -3.72 9.99
CA THR A 89 2.83 -2.82 11.05
C THR A 89 1.72 -2.36 12.02
N ALA A 90 0.79 -1.50 11.53
CA ALA A 90 -0.12 -0.70 12.38
C ALA A 90 -1.10 0.11 11.50
N LEU A 91 -1.47 -0.48 10.35
CA LEU A 91 -2.37 0.15 9.38
C LEU A 91 -3.83 0.11 9.87
N ASP A 92 -4.54 1.23 9.67
CA ASP A 92 -5.91 1.47 10.17
C ASP A 92 -6.62 2.43 9.20
N ASP A 93 -7.85 2.85 9.50
CA ASP A 93 -8.60 3.80 8.66
C ASP A 93 -8.00 5.23 8.74
N GLY A 94 -8.05 5.95 7.60
CA GLY A 94 -7.48 7.29 7.46
C GLY A 94 -5.95 7.32 7.41
N ASP A 95 -5.30 6.15 7.40
CA ASP A 95 -3.84 6.03 7.54
C ASP A 95 -3.12 6.22 6.20
N ALA A 96 -2.03 7.01 6.24
CA ALA A 96 -1.21 7.31 5.07
C ALA A 96 -0.03 6.31 4.95
N VAL A 97 0.06 5.64 3.78
CA VAL A 97 1.21 4.77 3.44
C VAL A 97 2.06 5.47 2.36
N SER A 98 3.23 5.98 2.76
CA SER A 98 4.14 6.71 1.86
C SER A 98 5.19 5.75 1.27
N VAL A 99 5.06 5.39 0.00
CA VAL A 99 5.99 4.46 -0.66
C VAL A 99 6.92 5.20 -1.65
N PHE A 100 8.14 4.70 -1.72
CA PHE A 100 9.20 5.15 -2.64
C PHE A 100 9.75 3.86 -3.28
N PRO A 101 10.07 3.85 -4.61
CA PRO A 101 10.68 2.69 -5.30
C PRO A 101 12.11 2.40 -4.80
N PRO A 102 12.70 1.22 -5.18
CA PRO A 102 14.12 0.96 -4.93
C PRO A 102 14.99 1.85 -5.86
N VAL A 103 15.96 2.56 -5.26
CA VAL A 103 16.84 3.51 -5.99
C VAL A 103 18.15 2.82 -6.43
N ALA A 104 18.35 1.61 -5.91
CA ALA A 104 19.49 0.76 -6.24
C ALA A 104 18.98 -0.68 -6.42
N GLY A 105 18.83 -1.09 -7.69
CA GLY A 105 18.39 -2.45 -8.03
C GLY A 105 19.47 -3.49 -7.73
N GLY A 106 19.41 -4.06 -6.52
CA GLY A 106 20.38 -5.05 -6.08
C GLY A 106 20.04 -5.62 -4.70
N GLY A 1 -22.31 2.36 -5.86
CA GLY A 1 -21.17 3.28 -5.63
C GLY A 1 -20.12 2.68 -4.70
N GLY A 2 -18.96 3.35 -4.61
CA GLY A 2 -17.83 2.94 -3.75
C GLY A 2 -16.99 1.82 -4.38
N GLY A 3 -17.61 0.64 -4.54
CA GLY A 3 -16.97 -0.51 -5.18
C GLY A 3 -16.38 -1.49 -4.18
N ARG A 4 -15.58 -0.97 -3.25
CA ARG A 4 -14.86 -1.77 -2.22
C ARG A 4 -15.45 -1.47 -0.84
N ASP A 5 -16.77 -1.65 -0.73
CA ASP A 5 -17.53 -1.45 0.52
C ASP A 5 -17.64 -2.76 1.31
N TYR A 6 -17.71 -3.89 0.58
CA TYR A 6 -17.98 -5.24 1.13
C TYR A 6 -19.39 -5.31 1.73
N LYS A 7 -19.54 -4.73 2.94
CA LYS A 7 -20.79 -4.70 3.71
C LYS A 7 -21.25 -6.15 4.00
N ASP A 8 -20.47 -6.81 4.89
CA ASP A 8 -20.53 -8.28 5.11
C ASP A 8 -21.92 -8.71 5.63
N ASP A 9 -22.24 -8.29 6.87
CA ASP A 9 -23.58 -8.43 7.45
C ASP A 9 -24.45 -7.24 6.97
N ASP A 10 -23.93 -6.02 7.18
CA ASP A 10 -24.61 -4.76 6.84
C ASP A 10 -23.58 -3.62 6.78
N ASP A 11 -22.79 -3.48 7.87
CA ASP A 11 -21.71 -2.48 7.97
C ASP A 11 -20.58 -2.81 6.97
N LYS A 12 -19.97 -1.75 6.42
CA LYS A 12 -18.90 -1.83 5.41
C LYS A 12 -17.71 -2.70 5.87
N GLY A 13 -17.20 -2.41 7.09
CA GLY A 13 -15.97 -3.03 7.59
C GLY A 13 -14.78 -2.80 6.68
N THR A 14 -14.53 -1.52 6.36
CA THR A 14 -13.47 -1.13 5.42
C THR A 14 -12.64 0.05 5.95
N MET A 15 -11.34 -0.03 5.67
CA MET A 15 -10.31 0.96 6.06
C MET A 15 -9.93 1.86 4.86
N GLU A 16 -10.17 3.18 4.98
CA GLU A 16 -9.74 4.17 3.97
C GLU A 16 -8.31 4.60 4.27
N LEU A 17 -7.43 4.49 3.27
CA LEU A 17 -5.98 4.60 3.45
C LEU A 17 -5.39 5.62 2.46
N GLU A 18 -4.59 6.56 2.96
CA GLU A 18 -3.98 7.61 2.13
C GLU A 18 -2.64 7.10 1.58
N LEU A 19 -2.65 6.61 0.34
CA LEU A 19 -1.47 5.96 -0.24
C LEU A 19 -0.69 7.01 -1.03
N ARG A 20 0.41 7.46 -0.43
CA ARG A 20 1.29 8.48 -0.98
C ARG A 20 2.40 7.80 -1.79
N PHE A 21 2.47 8.08 -3.10
CA PHE A 21 3.48 7.51 -4.02
C PHE A 21 4.51 8.57 -4.35
N PHE A 22 5.79 8.16 -4.42
CA PHE A 22 6.91 9.08 -4.74
C PHE A 22 7.81 8.46 -5.82
N ALA A 23 8.56 9.33 -6.51
CA ALA A 23 9.53 8.98 -7.57
C ALA A 23 8.83 8.22 -8.75
N THR A 24 9.37 7.02 -9.15
CA THR A 24 8.80 6.21 -10.23
C THR A 24 7.35 5.78 -9.92
N PHE A 25 7.12 5.30 -8.68
CA PHE A 25 5.80 4.83 -8.22
C PHE A 25 4.73 5.96 -8.34
N ARG A 26 5.19 7.22 -8.20
CA ARG A 26 4.32 8.40 -8.27
C ARG A 26 3.75 8.59 -9.69
N GLU A 27 4.65 8.65 -10.68
CA GLU A 27 4.28 8.94 -12.09
C GLU A 27 3.58 7.74 -12.76
N VAL A 28 3.78 6.53 -12.20
CA VAL A 28 2.99 5.33 -12.56
C VAL A 28 1.50 5.55 -12.26
N VAL A 29 1.22 5.93 -11.01
CA VAL A 29 -0.13 6.23 -10.53
C VAL A 29 -0.61 7.60 -11.10
N GLY A 30 0.37 8.43 -11.50
CA GLY A 30 0.14 9.80 -11.93
C GLY A 30 -0.27 10.71 -10.77
N GLN A 31 -0.11 10.19 -9.53
CA GLN A 31 -0.53 10.86 -8.30
C GLN A 31 0.52 10.63 -7.22
N LYS A 32 0.72 11.65 -6.38
CA LYS A 32 1.66 11.60 -5.24
C LYS A 32 0.96 11.18 -3.95
N SER A 33 -0.39 11.23 -3.94
CA SER A 33 -1.22 10.76 -2.83
C SER A 33 -2.64 10.43 -3.36
N ILE A 34 -3.21 9.31 -2.91
CA ILE A 34 -4.61 8.92 -3.19
C ILE A 34 -5.29 8.54 -1.87
N TYR A 35 -6.60 8.26 -1.93
CA TYR A 35 -7.31 7.55 -0.86
C TYR A 35 -7.94 6.29 -1.47
N TRP A 36 -7.41 5.14 -1.06
CA TRP A 36 -8.00 3.82 -1.33
C TRP A 36 -8.97 3.47 -0.20
N ARG A 37 -9.62 2.33 -0.35
CA ARG A 37 -10.42 1.72 0.71
C ARG A 37 -10.52 0.22 0.46
N VAL A 38 -9.88 -0.55 1.32
CA VAL A 38 -9.94 -2.03 1.33
C VAL A 38 -10.65 -2.48 2.61
N ASP A 39 -10.86 -3.80 2.80
CA ASP A 39 -11.44 -4.34 4.06
C ASP A 39 -10.53 -4.00 5.26
N ASP A 40 -11.13 -3.83 6.45
CA ASP A 40 -10.41 -3.34 7.66
C ASP A 40 -9.43 -4.39 8.24
N ASP A 41 -9.51 -5.63 7.73
CA ASP A 41 -8.65 -6.75 8.14
C ASP A 41 -7.28 -6.67 7.43
N ALA A 42 -7.25 -5.93 6.31
CA ALA A 42 -6.05 -5.73 5.49
C ALA A 42 -4.97 -4.90 6.22
N THR A 43 -3.73 -5.01 5.73
CA THR A 43 -2.55 -4.28 6.23
C THR A 43 -1.70 -3.78 5.03
N VAL A 44 -0.53 -3.16 5.33
CA VAL A 44 0.35 -2.50 4.32
C VAL A 44 0.66 -3.45 3.14
N GLY A 45 0.80 -4.74 3.47
CA GLY A 45 1.12 -5.80 2.51
C GLY A 45 -0.05 -6.12 1.57
N ASP A 46 -1.27 -6.22 2.12
CA ASP A 46 -2.50 -6.46 1.34
C ASP A 46 -2.80 -5.29 0.40
N VAL A 47 -2.40 -4.08 0.82
CA VAL A 47 -2.54 -2.84 0.03
C VAL A 47 -1.67 -2.92 -1.24
N LEU A 48 -0.35 -3.07 -1.07
CA LEU A 48 0.59 -3.10 -2.20
C LEU A 48 0.36 -4.36 -3.08
N ARG A 49 -0.10 -5.45 -2.45
CA ARG A 49 -0.58 -6.65 -3.16
C ARG A 49 -1.63 -6.32 -4.22
N SER A 50 -2.63 -5.58 -3.80
CA SER A 50 -3.74 -5.18 -4.64
C SER A 50 -3.34 -4.06 -5.65
N LEU A 51 -2.38 -3.18 -5.24
CA LEU A 51 -1.85 -2.10 -6.11
C LEU A 51 -1.27 -2.65 -7.43
N GLU A 52 -0.44 -3.72 -7.35
CA GLU A 52 0.12 -4.36 -8.57
C GLU A 52 -0.96 -5.05 -9.40
N ALA A 53 -2.04 -5.48 -8.73
CA ALA A 53 -3.19 -6.12 -9.39
C ALA A 53 -3.91 -5.15 -10.36
N GLU A 54 -3.76 -3.82 -10.10
CA GLU A 54 -4.38 -2.79 -10.96
C GLU A 54 -3.32 -2.19 -11.91
N TYR A 55 -2.27 -1.61 -11.30
CA TYR A 55 -1.24 -0.85 -12.01
C TYR A 55 -0.15 -1.79 -12.54
N ASP A 56 0.04 -1.77 -13.87
CA ASP A 56 1.07 -2.58 -14.57
C ASP A 56 2.48 -2.09 -14.21
N GLY A 57 2.60 -0.76 -13.98
CA GLY A 57 3.86 -0.11 -13.64
C GLY A 57 4.21 -0.21 -12.17
N LEU A 58 3.37 -0.92 -11.37
CA LEU A 58 3.66 -1.25 -9.97
C LEU A 58 3.82 -2.77 -9.79
N ALA A 59 3.80 -3.55 -10.89
CA ALA A 59 3.82 -5.02 -10.81
C ALA A 59 5.19 -5.58 -10.37
N GLY A 60 5.19 -6.35 -9.24
CA GLY A 60 6.36 -7.13 -8.79
C GLY A 60 7.56 -6.30 -8.33
N ARG A 61 7.33 -5.02 -8.06
CA ARG A 61 8.37 -4.06 -7.60
C ARG A 61 8.02 -3.49 -6.21
N LEU A 62 6.83 -3.87 -5.72
CA LEU A 62 6.29 -3.47 -4.41
C LEU A 62 6.04 -4.73 -3.54
N ILE A 63 6.27 -5.92 -4.16
CA ILE A 63 6.32 -7.23 -3.47
C ILE A 63 7.58 -7.99 -3.94
N GLU A 64 8.24 -8.69 -3.00
CA GLU A 64 9.30 -9.68 -3.33
C GLU A 64 9.44 -10.63 -2.12
N ASP A 65 9.35 -11.95 -2.39
CA ASP A 65 9.53 -13.04 -1.38
C ASP A 65 8.47 -12.95 -0.24
N GLY A 66 7.29 -12.45 -0.61
CA GLY A 66 6.15 -12.30 0.31
C GLY A 66 6.25 -11.10 1.26
N GLU A 67 7.38 -10.37 1.21
CA GLU A 67 7.57 -9.11 1.94
C GLU A 67 7.53 -7.94 0.94
N VAL A 68 7.80 -6.71 1.42
CA VAL A 68 7.69 -5.48 0.60
C VAL A 68 8.63 -5.53 -0.66
N LYS A 69 9.97 -5.73 -0.48
CA LYS A 69 11.00 -5.77 -1.58
C LYS A 69 12.33 -5.29 -1.00
N PRO A 70 13.47 -5.98 -1.32
CA PRO A 70 14.83 -5.47 -1.02
C PRO A 70 15.05 -4.04 -1.55
N HIS A 71 15.45 -3.13 -0.65
CA HIS A 71 15.90 -1.75 -0.98
C HIS A 71 14.75 -0.79 -1.37
N VAL A 72 13.48 -1.26 -1.33
CA VAL A 72 12.32 -0.37 -1.53
C VAL A 72 12.09 0.40 -0.22
N ASN A 73 11.91 1.73 -0.29
CA ASN A 73 11.70 2.55 0.91
C ASN A 73 10.21 2.79 1.08
N VAL A 74 9.62 2.06 2.02
CA VAL A 74 8.16 2.12 2.29
C VAL A 74 7.93 2.53 3.74
N LEU A 75 6.88 3.35 3.93
CA LEU A 75 6.62 4.10 5.17
C LEU A 75 5.16 3.91 5.58
N LYS A 76 4.94 3.77 6.88
CA LYS A 76 3.62 3.85 7.50
C LYS A 76 3.53 5.20 8.21
N ASN A 77 2.76 6.13 7.62
CA ASN A 77 2.47 7.46 8.20
C ASN A 77 3.78 8.25 8.51
N GLY A 78 4.78 8.08 7.63
CA GLY A 78 6.09 8.74 7.75
C GLY A 78 7.15 7.94 8.52
N ARG A 79 6.75 6.84 9.19
CA ARG A 79 7.68 5.93 9.88
C ARG A 79 8.03 4.78 8.92
N GLU A 80 9.29 4.75 8.44
CA GLU A 80 9.71 3.84 7.37
C GLU A 80 9.71 2.37 7.86
N VAL A 81 8.70 1.58 7.40
CA VAL A 81 8.45 0.20 7.85
C VAL A 81 9.53 -0.81 7.40
N VAL A 82 10.54 -0.35 6.64
CA VAL A 82 11.68 -1.19 6.26
C VAL A 82 12.55 -1.54 7.50
N HIS A 83 12.46 -0.72 8.56
CA HIS A 83 13.23 -0.89 9.81
C HIS A 83 12.49 -1.83 10.79
N LEU A 84 11.17 -1.98 10.55
CA LEU A 84 10.27 -2.81 11.38
C LEU A 84 9.43 -3.73 10.47
N ASP A 85 8.22 -4.12 10.93
CA ASP A 85 7.28 -4.92 10.16
C ASP A 85 6.76 -4.14 8.93
N GLY A 86 7.22 -4.55 7.73
CA GLY A 86 6.83 -3.88 6.49
C GLY A 86 5.38 -4.16 6.09
N MET A 87 5.02 -5.45 6.10
CA MET A 87 3.73 -5.92 5.57
C MET A 87 2.58 -5.67 6.57
N ALA A 88 2.85 -5.88 7.87
CA ALA A 88 1.81 -5.74 8.91
C ALA A 88 2.39 -5.14 10.19
N THR A 89 2.62 -3.81 10.15
CA THR A 89 3.07 -3.04 11.31
C THR A 89 1.90 -2.78 12.29
N ALA A 90 0.86 -2.08 11.80
CA ALA A 90 -0.21 -1.49 12.62
C ALA A 90 -1.14 -0.64 11.72
N LEU A 91 -1.33 -1.08 10.47
CA LEU A 91 -2.13 -0.30 9.50
C LEU A 91 -3.61 -0.47 9.85
N ASP A 92 -4.23 0.64 10.24
CA ASP A 92 -5.66 0.72 10.58
C ASP A 92 -6.37 1.72 9.66
N ASP A 93 -7.66 1.95 9.90
CA ASP A 93 -8.48 2.89 9.11
C ASP A 93 -8.02 4.34 9.32
N GLY A 94 -8.09 5.13 8.23
CA GLY A 94 -7.73 6.55 8.24
C GLY A 94 -6.21 6.81 8.26
N ASP A 95 -5.43 5.75 8.07
CA ASP A 95 -3.96 5.78 8.15
C ASP A 95 -3.31 5.92 6.77
N ALA A 96 -2.19 6.66 6.71
CA ALA A 96 -1.43 6.91 5.47
C ALA A 96 -0.31 5.85 5.29
N VAL A 97 -0.09 5.43 4.04
CA VAL A 97 1.05 4.58 3.63
C VAL A 97 1.85 5.33 2.54
N SER A 98 3.03 5.84 2.89
CA SER A 98 3.93 6.53 1.95
C SER A 98 4.89 5.51 1.32
N VAL A 99 5.19 5.60 0.01
CA VAL A 99 6.04 4.62 -0.68
C VAL A 99 7.02 5.33 -1.65
N PHE A 100 8.23 4.78 -1.71
CA PHE A 100 9.30 5.20 -2.63
C PHE A 100 9.81 3.90 -3.30
N PRO A 101 10.04 3.89 -4.65
CA PRO A 101 10.63 2.71 -5.36
C PRO A 101 12.07 2.39 -4.87
N PRO A 102 12.61 1.17 -5.18
CA PRO A 102 13.99 0.84 -4.82
C PRO A 102 14.98 1.62 -5.69
N VAL A 103 15.97 2.26 -5.05
CA VAL A 103 16.95 3.13 -5.74
C VAL A 103 18.06 2.30 -6.41
N ALA A 104 18.19 1.02 -5.98
CA ALA A 104 19.02 -0.02 -6.61
C ALA A 104 20.52 0.32 -6.60
N GLY A 105 20.97 1.07 -5.58
CA GLY A 105 22.38 1.46 -5.41
C GLY A 105 23.21 0.38 -4.70
N GLY A 106 23.12 -0.87 -5.19
CA GLY A 106 23.83 -2.02 -4.61
C GLY A 106 23.08 -2.60 -3.40
N GLY A 1 -25.80 -6.33 3.54
CA GLY A 1 -24.92 -5.21 3.18
C GLY A 1 -25.68 -3.89 3.10
N GLY A 2 -25.43 -3.09 2.06
CA GLY A 2 -26.14 -1.82 1.86
C GLY A 2 -25.70 -1.09 0.60
N GLY A 3 -24.40 -1.19 0.28
CA GLY A 3 -23.80 -0.52 -0.89
C GLY A 3 -22.49 0.14 -0.50
N ARG A 4 -21.41 -0.12 -1.28
CA ARG A 4 -20.01 0.29 -0.94
C ARG A 4 -19.49 -0.52 0.26
N ASP A 5 -19.91 -1.80 0.30
CA ASP A 5 -19.47 -2.77 1.33
C ASP A 5 -18.10 -3.37 0.94
N TYR A 6 -17.82 -3.35 -0.40
CA TYR A 6 -16.61 -3.94 -1.04
C TYR A 6 -16.57 -5.47 -0.92
N LYS A 7 -17.69 -6.05 -0.48
CA LYS A 7 -17.76 -7.42 0.03
C LYS A 7 -19.17 -8.02 -0.22
N ASP A 8 -19.33 -9.31 0.17
CA ASP A 8 -20.60 -10.05 0.07
C ASP A 8 -21.69 -9.42 0.95
N ASP A 9 -21.29 -8.96 2.15
CA ASP A 9 -22.24 -8.45 3.15
C ASP A 9 -21.50 -7.51 4.14
N ASP A 10 -22.07 -7.36 5.38
CA ASP A 10 -21.61 -6.41 6.43
C ASP A 10 -21.90 -4.96 6.04
N ASP A 11 -21.73 -4.02 7.01
CA ASP A 11 -21.93 -2.58 6.77
C ASP A 11 -20.92 -2.09 5.73
N LYS A 12 -19.67 -2.56 5.92
CA LYS A 12 -18.58 -2.48 4.94
C LYS A 12 -17.36 -3.18 5.52
N GLY A 13 -16.96 -2.75 6.74
CA GLY A 13 -15.74 -3.23 7.36
C GLY A 13 -14.50 -2.90 6.55
N THR A 14 -14.50 -1.70 5.99
CA THR A 14 -13.42 -1.18 5.17
C THR A 14 -12.91 0.13 5.77
N MET A 15 -11.61 0.40 5.58
CA MET A 15 -10.95 1.60 6.09
C MET A 15 -10.30 2.36 4.93
N GLU A 16 -10.31 3.71 5.03
CA GLU A 16 -9.72 4.59 4.02
C GLU A 16 -8.25 4.83 4.34
N LEU A 17 -7.39 4.76 3.32
CA LEU A 17 -5.93 4.89 3.47
C LEU A 17 -5.38 5.82 2.38
N GLU A 18 -4.53 6.77 2.76
CA GLU A 18 -3.89 7.70 1.83
C GLU A 18 -2.58 7.08 1.34
N LEU A 19 -2.57 6.65 0.07
CA LEU A 19 -1.40 6.02 -0.53
C LEU A 19 -0.60 7.10 -1.28
N ARG A 20 0.50 7.49 -0.65
CA ARG A 20 1.41 8.51 -1.17
C ARG A 20 2.51 7.83 -1.99
N PHE A 21 2.57 8.15 -3.28
CA PHE A 21 3.58 7.61 -4.21
C PHE A 21 4.61 8.68 -4.52
N PHE A 22 5.89 8.28 -4.58
CA PHE A 22 7.01 9.19 -4.89
C PHE A 22 7.92 8.55 -5.95
N ALA A 23 8.64 9.42 -6.69
CA ALA A 23 9.61 9.03 -7.74
C ALA A 23 8.92 8.26 -8.91
N THR A 24 9.46 7.06 -9.30
CA THR A 24 8.92 6.24 -10.40
C THR A 24 7.49 5.75 -10.09
N PHE A 25 7.26 5.35 -8.83
CA PHE A 25 5.94 4.86 -8.36
C PHE A 25 4.85 5.96 -8.46
N ARG A 26 5.29 7.24 -8.40
CA ARG A 26 4.39 8.42 -8.45
C ARG A 26 3.80 8.60 -9.85
N GLU A 27 4.69 8.65 -10.85
CA GLU A 27 4.33 8.90 -12.27
C GLU A 27 3.60 7.69 -12.90
N VAL A 28 3.82 6.49 -12.32
CA VAL A 28 3.04 5.27 -12.66
C VAL A 28 1.54 5.47 -12.35
N VAL A 29 1.27 5.96 -11.16
CA VAL A 29 -0.09 6.23 -10.67
C VAL A 29 -0.60 7.57 -11.24
N GLY A 30 0.35 8.44 -11.65
CA GLY A 30 0.05 9.80 -12.10
C GLY A 30 -0.36 10.73 -10.96
N GLN A 31 -0.13 10.27 -9.72
CA GLN A 31 -0.56 10.93 -8.48
C GLN A 31 0.51 10.74 -7.41
N LYS A 32 0.73 11.77 -6.56
CA LYS A 32 1.71 11.70 -5.45
C LYS A 32 1.04 11.28 -4.14
N SER A 33 -0.30 11.42 -4.07
CA SER A 33 -1.11 10.97 -2.92
C SER A 33 -2.55 10.70 -3.41
N ILE A 34 -3.09 9.51 -3.12
CA ILE A 34 -4.48 9.13 -3.43
C ILE A 34 -5.17 8.69 -2.14
N TYR A 35 -6.49 8.51 -2.20
CA TYR A 35 -7.25 7.85 -1.13
C TYR A 35 -7.90 6.58 -1.70
N TRP A 36 -7.41 5.44 -1.21
CA TRP A 36 -7.96 4.10 -1.47
C TRP A 36 -8.88 3.71 -0.31
N ARG A 37 -9.46 2.51 -0.41
CA ARG A 37 -10.28 1.93 0.64
C ARG A 37 -10.32 0.42 0.48
N VAL A 38 -9.58 -0.26 1.37
CA VAL A 38 -9.51 -1.73 1.43
C VAL A 38 -10.14 -2.19 2.76
N ASP A 39 -10.17 -3.50 3.00
CA ASP A 39 -10.72 -4.11 4.23
C ASP A 39 -9.99 -3.57 5.49
N ASP A 40 -10.72 -3.51 6.63
CA ASP A 40 -10.23 -2.88 7.87
C ASP A 40 -9.11 -3.72 8.54
N ASP A 41 -9.06 -5.01 8.18
CA ASP A 41 -8.02 -5.94 8.67
C ASP A 41 -6.81 -5.96 7.70
N ALA A 42 -7.04 -5.60 6.42
CA ALA A 42 -5.99 -5.64 5.38
C ALA A 42 -4.93 -4.57 5.66
N THR A 43 -3.66 -4.99 5.68
CA THR A 43 -2.54 -4.14 6.09
C THR A 43 -1.68 -3.73 4.88
N VAL A 44 -0.54 -3.03 5.15
CA VAL A 44 0.34 -2.42 4.09
C VAL A 44 0.73 -3.45 2.99
N GLY A 45 0.98 -4.68 3.41
CA GLY A 45 1.31 -5.78 2.50
C GLY A 45 0.17 -6.15 1.55
N ASP A 46 -1.06 -6.19 2.09
CA ASP A 46 -2.29 -6.45 1.30
C ASP A 46 -2.60 -5.28 0.36
N VAL A 47 -2.22 -4.05 0.79
CA VAL A 47 -2.37 -2.83 0.00
C VAL A 47 -1.50 -2.90 -1.26
N LEU A 48 -0.16 -3.03 -1.11
CA LEU A 48 0.77 -3.10 -2.28
C LEU A 48 0.51 -4.36 -3.14
N ARG A 49 0.03 -5.44 -2.50
CA ARG A 49 -0.47 -6.64 -3.21
C ARG A 49 -1.56 -6.25 -4.24
N SER A 50 -2.51 -5.43 -3.81
CA SER A 50 -3.61 -4.97 -4.66
C SER A 50 -3.14 -3.90 -5.67
N LEU A 51 -2.15 -3.06 -5.29
CA LEU A 51 -1.58 -2.01 -6.18
C LEU A 51 -1.00 -2.59 -7.49
N GLU A 52 -0.39 -3.79 -7.44
CA GLU A 52 0.12 -4.46 -8.66
C GLU A 52 -1.00 -5.11 -9.46
N ALA A 53 -2.08 -5.46 -8.75
CA ALA A 53 -3.30 -6.02 -9.36
C ALA A 53 -4.09 -4.95 -10.15
N GLU A 54 -3.76 -3.66 -9.90
CA GLU A 54 -4.32 -2.53 -10.67
C GLU A 54 -3.29 -2.06 -11.71
N TYR A 55 -2.12 -1.65 -11.20
CA TYR A 55 -1.09 -0.96 -11.96
C TYR A 55 -0.03 -1.94 -12.49
N ASP A 56 0.12 -2.02 -13.81
CA ASP A 56 1.22 -2.77 -14.45
C ASP A 56 2.57 -2.11 -14.17
N GLY A 57 2.55 -0.78 -14.01
CA GLY A 57 3.74 0.01 -13.69
C GLY A 57 4.25 -0.19 -12.26
N LEU A 58 3.43 -0.83 -11.40
CA LEU A 58 3.83 -1.20 -10.02
C LEU A 58 3.97 -2.73 -9.88
N ALA A 59 3.72 -3.46 -10.98
CA ALA A 59 3.67 -4.94 -10.98
C ALA A 59 5.02 -5.57 -10.58
N GLY A 60 5.01 -6.39 -9.49
CA GLY A 60 6.17 -7.20 -9.08
C GLY A 60 7.28 -6.43 -8.32
N ARG A 61 7.35 -5.12 -8.51
CA ARG A 61 8.43 -4.25 -7.97
C ARG A 61 8.07 -3.67 -6.58
N LEU A 62 6.99 -4.20 -5.99
CA LEU A 62 6.46 -3.75 -4.69
C LEU A 62 6.22 -4.96 -3.74
N ILE A 63 6.42 -6.19 -4.28
CA ILE A 63 6.43 -7.46 -3.51
C ILE A 63 7.68 -8.26 -3.92
N GLU A 64 8.45 -8.74 -2.93
CA GLU A 64 9.54 -9.71 -3.15
C GLU A 64 9.53 -10.78 -2.07
N ASP A 65 9.49 -12.06 -2.47
CA ASP A 65 9.66 -13.23 -1.57
C ASP A 65 8.65 -13.21 -0.38
N GLY A 66 7.46 -12.64 -0.63
CA GLY A 66 6.38 -12.56 0.37
C GLY A 66 6.47 -11.36 1.31
N GLU A 67 7.63 -10.67 1.34
CA GLU A 67 7.83 -9.39 2.05
C GLU A 67 7.71 -8.22 1.05
N VAL A 68 7.93 -6.98 1.53
CA VAL A 68 7.70 -5.77 0.68
C VAL A 68 8.66 -5.72 -0.54
N LYS A 69 10.01 -5.74 -0.32
CA LYS A 69 11.05 -5.67 -1.39
C LYS A 69 12.36 -5.10 -0.79
N PRO A 70 13.53 -5.75 -1.07
CA PRO A 70 14.86 -5.18 -0.78
C PRO A 70 15.11 -3.88 -1.57
N HIS A 71 15.64 -2.85 -0.86
CA HIS A 71 16.08 -1.55 -1.42
C HIS A 71 14.92 -0.58 -1.71
N VAL A 72 13.67 -1.10 -1.75
CA VAL A 72 12.47 -0.26 -1.85
C VAL A 72 12.29 0.48 -0.52
N ASN A 73 11.80 1.72 -0.56
CA ASN A 73 11.55 2.49 0.66
C ASN A 73 10.06 2.71 0.79
N VAL A 74 9.45 1.96 1.69
CA VAL A 74 8.00 1.96 1.93
C VAL A 74 7.74 2.36 3.37
N LEU A 75 6.89 3.38 3.54
CA LEU A 75 6.63 4.04 4.81
C LEU A 75 5.17 3.86 5.25
N LYS A 76 4.99 3.89 6.55
CA LYS A 76 3.69 3.78 7.22
C LYS A 76 3.57 5.02 8.13
N ASN A 77 2.74 5.97 7.68
CA ASN A 77 2.52 7.27 8.35
C ASN A 77 3.87 7.98 8.70
N GLY A 78 4.84 7.85 7.75
CA GLY A 78 6.17 8.49 7.88
C GLY A 78 7.24 7.61 8.54
N ARG A 79 6.86 6.41 9.04
CA ARG A 79 7.82 5.44 9.63
C ARG A 79 8.08 4.29 8.62
N GLU A 80 9.30 4.24 8.05
CA GLU A 80 9.66 3.30 6.97
C GLU A 80 9.64 1.84 7.49
N VAL A 81 8.66 1.05 6.97
CA VAL A 81 8.39 -0.33 7.41
C VAL A 81 9.49 -1.36 7.06
N VAL A 82 10.56 -0.91 6.39
CA VAL A 82 11.75 -1.76 6.19
C VAL A 82 12.51 -1.98 7.52
N HIS A 83 12.23 -1.10 8.53
CA HIS A 83 12.84 -1.16 9.88
C HIS A 83 11.96 -1.97 10.85
N LEU A 84 10.74 -2.30 10.42
CA LEU A 84 9.75 -3.07 11.23
C LEU A 84 8.95 -4.01 10.29
N ASP A 85 7.74 -4.38 10.70
CA ASP A 85 6.84 -5.21 9.87
C ASP A 85 6.37 -4.45 8.62
N GLY A 86 6.83 -4.89 7.44
CA GLY A 86 6.38 -4.34 6.17
C GLY A 86 4.97 -4.77 5.79
N MET A 87 4.75 -6.09 5.86
CA MET A 87 3.48 -6.72 5.42
C MET A 87 2.31 -6.41 6.37
N ALA A 88 2.56 -6.35 7.68
CA ALA A 88 1.50 -6.08 8.70
C ALA A 88 2.07 -5.33 9.91
N THR A 89 2.19 -4.00 9.75
CA THR A 89 2.68 -3.08 10.80
C THR A 89 1.58 -2.75 11.85
N ALA A 90 0.67 -1.81 11.51
CA ALA A 90 -0.27 -1.22 12.48
C ALA A 90 -1.33 -0.39 11.75
N LEU A 91 -1.70 -0.85 10.54
CA LEU A 91 -2.44 -0.04 9.58
C LEU A 91 -3.92 0.11 10.01
N ASP A 92 -4.35 1.36 10.15
CA ASP A 92 -5.63 1.74 10.74
C ASP A 92 -6.35 2.71 9.80
N ASP A 93 -7.63 2.97 10.06
CA ASP A 93 -8.44 3.91 9.28
C ASP A 93 -7.93 5.35 9.41
N GLY A 94 -7.85 6.03 8.26
CA GLY A 94 -7.36 7.40 8.19
C GLY A 94 -5.85 7.53 8.23
N ASP A 95 -5.14 6.42 7.94
CA ASP A 95 -3.66 6.39 7.93
C ASP A 95 -3.13 6.85 6.56
N ALA A 96 -1.80 7.08 6.45
CA ALA A 96 -1.15 7.53 5.20
C ALA A 96 0.10 6.66 4.90
N VAL A 97 -0.07 5.66 4.01
CA VAL A 97 1.03 4.76 3.60
C VAL A 97 1.80 5.41 2.44
N SER A 98 3.03 5.87 2.72
CA SER A 98 3.92 6.44 1.69
C SER A 98 4.75 5.32 1.04
N VAL A 99 5.18 5.50 -0.23
CA VAL A 99 6.02 4.51 -0.96
C VAL A 99 7.02 5.25 -1.88
N PHE A 100 8.19 4.65 -2.03
CA PHE A 100 9.28 5.12 -2.91
C PHE A 100 9.81 3.85 -3.61
N PRO A 101 10.17 3.90 -4.93
CA PRO A 101 10.80 2.76 -5.66
C PRO A 101 12.20 2.40 -5.09
N PRO A 102 12.81 1.24 -5.51
CA PRO A 102 14.16 0.86 -5.02
C PRO A 102 15.20 1.92 -5.47
N VAL A 103 16.01 2.40 -4.51
CA VAL A 103 16.93 3.54 -4.71
C VAL A 103 18.38 3.06 -4.91
N ALA A 104 18.58 1.73 -4.80
CA ALA A 104 19.87 1.09 -5.04
C ALA A 104 19.65 -0.34 -5.58
N GLY A 105 20.68 -0.88 -6.26
CA GLY A 105 20.65 -2.28 -6.71
C GLY A 105 21.11 -3.24 -5.61
N GLY A 106 20.74 -4.52 -5.73
CA GLY A 106 21.12 -5.52 -4.73
C GLY A 106 22.56 -6.02 -4.92
N GLY A 1 -22.53 -17.50 2.26
CA GLY A 1 -22.91 -16.11 2.63
C GLY A 1 -22.54 -15.09 1.57
N GLY A 2 -22.49 -13.81 1.97
CA GLY A 2 -22.19 -12.71 1.06
C GLY A 2 -21.88 -11.43 1.81
N GLY A 3 -20.61 -11.28 2.22
CA GLY A 3 -20.12 -10.08 2.90
C GLY A 3 -19.30 -9.20 1.95
N ARG A 4 -18.28 -8.51 2.52
CA ARG A 4 -17.36 -7.61 1.78
C ARG A 4 -18.11 -6.43 1.14
N ASP A 5 -18.46 -5.45 1.97
CA ASP A 5 -19.11 -4.21 1.52
C ASP A 5 -18.01 -3.17 1.19
N TYR A 6 -17.38 -3.32 0.03
CA TYR A 6 -16.28 -2.42 -0.42
C TYR A 6 -16.86 -1.19 -1.18
N LYS A 7 -17.97 -0.65 -0.64
CA LYS A 7 -18.76 0.44 -1.25
C LYS A 7 -19.43 1.33 -0.16
N ASP A 8 -20.32 2.25 -0.58
CA ASP A 8 -20.96 3.26 0.29
C ASP A 8 -22.21 2.66 0.99
N ASP A 9 -22.24 2.83 2.33
CA ASP A 9 -23.33 2.38 3.24
C ASP A 9 -23.28 3.25 4.52
N ASP A 10 -24.06 2.86 5.55
CA ASP A 10 -23.87 3.34 6.93
C ASP A 10 -22.62 2.68 7.54
N ASP A 11 -22.49 1.36 7.31
CA ASP A 11 -21.38 0.55 7.84
C ASP A 11 -20.94 -0.48 6.77
N LYS A 12 -19.67 -0.90 6.83
CA LYS A 12 -19.02 -1.76 5.80
C LYS A 12 -17.88 -2.60 6.42
N GLY A 13 -17.08 -1.96 7.29
CA GLY A 13 -15.90 -2.58 7.89
C GLY A 13 -14.61 -2.33 7.11
N THR A 14 -14.69 -1.55 6.02
CA THR A 14 -13.53 -1.22 5.18
C THR A 14 -12.84 0.05 5.69
N MET A 15 -11.50 0.07 5.62
CA MET A 15 -10.67 1.22 5.98
C MET A 15 -10.17 1.95 4.72
N GLU A 16 -10.35 3.28 4.69
CA GLU A 16 -9.84 4.15 3.61
C GLU A 16 -8.41 4.55 3.96
N LEU A 17 -7.52 4.52 2.96
CA LEU A 17 -6.07 4.75 3.16
C LEU A 17 -5.55 5.76 2.12
N GLU A 18 -4.75 6.74 2.58
CA GLU A 18 -4.09 7.72 1.71
C GLU A 18 -2.72 7.14 1.29
N LEU A 19 -2.66 6.59 0.07
CA LEU A 19 -1.45 5.95 -0.43
C LEU A 19 -0.63 6.96 -1.22
N ARG A 20 0.43 7.44 -0.58
CA ARG A 20 1.30 8.47 -1.12
C ARG A 20 2.42 7.81 -1.91
N PHE A 21 2.47 8.08 -3.22
CA PHE A 21 3.49 7.54 -4.14
C PHE A 21 4.50 8.62 -4.46
N PHE A 22 5.78 8.25 -4.49
CA PHE A 22 6.89 9.16 -4.82
C PHE A 22 7.79 8.50 -5.89
N ALA A 23 8.55 9.34 -6.62
CA ALA A 23 9.52 8.92 -7.65
C ALA A 23 8.85 8.11 -8.81
N THR A 24 9.45 6.94 -9.21
CA THR A 24 8.92 6.07 -10.29
C THR A 24 7.47 5.60 -10.01
N PHE A 25 7.19 5.22 -8.74
CA PHE A 25 5.84 4.75 -8.32
C PHE A 25 4.79 5.88 -8.49
N ARG A 26 5.21 7.13 -8.26
CA ARG A 26 4.35 8.32 -8.45
C ARG A 26 4.00 8.49 -9.92
N GLU A 27 4.99 8.21 -10.78
CA GLU A 27 4.86 8.31 -12.24
C GLU A 27 3.86 7.27 -12.78
N VAL A 28 3.99 6.04 -12.25
CA VAL A 28 3.13 4.90 -12.59
C VAL A 28 1.64 5.21 -12.31
N VAL A 29 1.38 5.68 -11.09
CA VAL A 29 0.03 6.02 -10.62
C VAL A 29 -0.42 7.37 -11.23
N GLY A 30 0.57 8.22 -11.56
CA GLY A 30 0.33 9.57 -12.07
C GLY A 30 -0.19 10.53 -10.99
N GLN A 31 -0.14 10.08 -9.72
CA GLN A 31 -0.66 10.82 -8.56
C GLN A 31 0.35 10.70 -7.40
N LYS A 32 0.47 11.76 -6.59
CA LYS A 32 1.43 11.80 -5.46
C LYS A 32 0.83 11.20 -4.17
N SER A 33 -0.51 11.23 -4.07
CA SER A 33 -1.26 10.59 -2.97
C SER A 33 -2.68 10.29 -3.46
N ILE A 34 -3.10 9.04 -3.39
CA ILE A 34 -4.47 8.61 -3.72
C ILE A 34 -5.22 8.24 -2.44
N TYR A 35 -6.52 7.96 -2.56
CA TYR A 35 -7.30 7.33 -1.50
C TYR A 35 -7.86 6.02 -2.02
N TRP A 36 -7.35 4.92 -1.45
CA TRP A 36 -7.87 3.56 -1.66
C TRP A 36 -8.83 3.22 -0.52
N ARG A 37 -9.42 2.03 -0.62
CA ARG A 37 -10.29 1.49 0.43
C ARG A 37 -10.33 -0.03 0.31
N VAL A 38 -9.65 -0.68 1.25
CA VAL A 38 -9.63 -2.14 1.43
C VAL A 38 -10.33 -2.43 2.76
N ASP A 39 -10.63 -3.70 3.03
CA ASP A 39 -11.27 -4.10 4.29
C ASP A 39 -10.26 -3.99 5.47
N ASP A 40 -10.78 -3.81 6.70
CA ASP A 40 -9.96 -3.58 7.91
C ASP A 40 -9.08 -4.80 8.28
N ASP A 41 -9.38 -5.97 7.70
CA ASP A 41 -8.64 -7.22 7.97
C ASP A 41 -7.33 -7.25 7.15
N ALA A 42 -7.26 -6.37 6.12
CA ALA A 42 -6.05 -6.17 5.31
C ALA A 42 -4.97 -5.40 6.11
N THR A 43 -3.73 -5.44 5.61
CA THR A 43 -2.57 -4.70 6.17
C THR A 43 -1.81 -4.01 5.02
N VAL A 44 -0.66 -3.37 5.34
CA VAL A 44 0.20 -2.63 4.36
C VAL A 44 0.57 -3.53 3.16
N GLY A 45 0.82 -4.81 3.47
CA GLY A 45 1.21 -5.81 2.49
C GLY A 45 0.10 -6.18 1.52
N ASP A 46 -1.14 -6.36 2.05
CA ASP A 46 -2.35 -6.62 1.23
C ASP A 46 -2.62 -5.46 0.26
N VAL A 47 -2.34 -4.24 0.72
CA VAL A 47 -2.51 -3.02 -0.07
C VAL A 47 -1.59 -3.04 -1.30
N LEU A 48 -0.26 -3.10 -1.07
CA LEU A 48 0.74 -3.09 -2.17
C LEU A 48 0.61 -4.36 -3.05
N ARG A 49 0.17 -5.49 -2.44
CA ARG A 49 -0.20 -6.72 -3.18
C ARG A 49 -1.25 -6.43 -4.27
N SER A 50 -2.30 -5.74 -3.88
CA SER A 50 -3.41 -5.42 -4.78
C SER A 50 -3.04 -4.28 -5.77
N LEU A 51 -2.16 -3.34 -5.33
CA LEU A 51 -1.67 -2.21 -6.19
C LEU A 51 -1.04 -2.71 -7.51
N GLU A 52 -0.16 -3.73 -7.45
CA GLU A 52 0.46 -4.32 -8.67
C GLU A 52 -0.58 -5.01 -9.57
N ALA A 53 -1.69 -5.48 -8.95
CA ALA A 53 -2.76 -6.19 -9.64
C ALA A 53 -3.57 -5.23 -10.56
N GLU A 54 -3.53 -3.91 -10.25
CA GLU A 54 -4.17 -2.87 -11.09
C GLU A 54 -3.11 -2.19 -11.97
N TYR A 55 -2.11 -1.59 -11.28
CA TYR A 55 -1.01 -0.88 -11.91
C TYR A 55 0.11 -1.88 -12.25
N ASP A 56 0.23 -2.21 -13.53
CA ASP A 56 1.27 -3.14 -14.05
C ASP A 56 2.66 -2.48 -14.01
N GLY A 57 2.68 -1.14 -13.88
CA GLY A 57 3.92 -0.39 -13.66
C GLY A 57 4.46 -0.51 -12.25
N LEU A 58 3.64 -1.04 -11.32
CA LEU A 58 4.06 -1.33 -9.93
C LEU A 58 4.35 -2.83 -9.75
N ALA A 59 4.21 -3.64 -10.82
CA ALA A 59 4.28 -5.11 -10.72
C ALA A 59 5.69 -5.61 -10.31
N GLY A 60 5.71 -6.36 -9.17
CA GLY A 60 6.90 -7.09 -8.72
C GLY A 60 8.04 -6.22 -8.19
N ARG A 61 7.78 -4.93 -7.98
CA ARG A 61 8.77 -3.94 -7.48
C ARG A 61 8.35 -3.35 -6.12
N LEU A 62 7.08 -3.62 -5.75
CA LEU A 62 6.52 -3.28 -4.42
C LEU A 62 6.33 -4.55 -3.57
N ILE A 63 6.63 -5.72 -4.19
CA ILE A 63 6.69 -7.05 -3.52
C ILE A 63 7.97 -7.78 -3.98
N GLU A 64 8.68 -8.40 -3.03
CA GLU A 64 9.77 -9.36 -3.32
C GLU A 64 9.56 -10.60 -2.45
N ASP A 65 9.15 -11.72 -3.06
CA ASP A 65 9.05 -13.05 -2.38
C ASP A 65 8.18 -13.01 -1.08
N GLY A 66 7.17 -12.11 -1.06
CA GLY A 66 6.22 -12.02 0.06
C GLY A 66 6.59 -11.02 1.16
N GLU A 67 7.70 -10.28 0.98
CA GLU A 67 8.00 -9.07 1.77
C GLU A 67 7.87 -7.84 0.85
N VAL A 68 8.14 -6.62 1.39
CA VAL A 68 7.92 -5.39 0.59
C VAL A 68 8.91 -5.28 -0.61
N LYS A 69 10.25 -5.36 -0.37
CA LYS A 69 11.33 -5.31 -1.43
C LYS A 69 12.60 -4.69 -0.82
N PRO A 70 13.80 -5.32 -1.02
CA PRO A 70 15.11 -4.68 -0.71
C PRO A 70 15.26 -3.32 -1.46
N HIS A 71 15.70 -2.28 -0.71
CA HIS A 71 15.97 -0.91 -1.22
C HIS A 71 14.69 -0.05 -1.40
N VAL A 72 13.49 -0.67 -1.35
CA VAL A 72 12.22 0.10 -1.42
C VAL A 72 12.04 0.83 -0.07
N ASN A 73 11.57 2.09 -0.10
CA ASN A 73 11.31 2.85 1.13
C ASN A 73 9.80 3.02 1.26
N VAL A 74 9.22 2.25 2.17
CA VAL A 74 7.75 2.23 2.39
C VAL A 74 7.46 2.66 3.83
N LEU A 75 6.72 3.77 3.96
CA LEU A 75 6.44 4.43 5.25
C LEU A 75 4.95 4.29 5.61
N LYS A 76 4.71 3.89 6.85
CA LYS A 76 3.38 3.77 7.46
C LYS A 76 3.22 4.91 8.48
N ASN A 77 2.35 5.89 8.17
CA ASN A 77 2.13 7.09 9.01
C ASN A 77 3.47 7.86 9.25
N GLY A 78 4.33 7.84 8.21
CA GLY A 78 5.65 8.51 8.26
C GLY A 78 6.78 7.67 8.88
N ARG A 79 6.47 6.43 9.30
CA ARG A 79 7.46 5.49 9.89
C ARG A 79 7.77 4.36 8.89
N GLU A 80 9.01 4.35 8.38
CA GLU A 80 9.44 3.43 7.33
C GLU A 80 9.47 1.98 7.84
N VAL A 81 8.46 1.20 7.39
CA VAL A 81 8.24 -0.21 7.82
C VAL A 81 9.30 -1.20 7.30
N VAL A 82 10.29 -0.71 6.54
CA VAL A 82 11.47 -1.53 6.18
C VAL A 82 12.35 -1.82 7.41
N HIS A 83 12.20 -0.98 8.46
CA HIS A 83 12.93 -1.12 9.75
C HIS A 83 12.21 -2.10 10.70
N LEU A 84 10.92 -2.39 10.40
CA LEU A 84 10.05 -3.28 11.22
C LEU A 84 9.21 -4.18 10.28
N ASP A 85 8.01 -4.60 10.73
CA ASP A 85 7.06 -5.36 9.89
C ASP A 85 6.57 -4.52 8.70
N GLY A 86 7.04 -4.89 7.48
CA GLY A 86 6.62 -4.21 6.26
C GLY A 86 5.24 -4.65 5.78
N MET A 87 5.01 -5.97 5.86
CA MET A 87 3.76 -6.61 5.36
C MET A 87 2.59 -6.41 6.33
N ALA A 88 2.83 -6.50 7.63
CA ALA A 88 1.76 -6.41 8.65
C ALA A 88 2.25 -5.74 9.94
N THR A 89 2.35 -4.40 9.90
CA THR A 89 2.76 -3.60 11.05
C THR A 89 1.57 -3.32 12.02
N ALA A 90 0.57 -2.52 11.57
CA ALA A 90 -0.44 -1.92 12.47
C ALA A 90 -1.44 -1.05 11.67
N LEU A 91 -1.77 -1.45 10.41
CA LEU A 91 -2.43 -0.53 9.45
C LEU A 91 -3.90 -0.33 9.84
N ASP A 92 -4.32 0.94 9.78
CA ASP A 92 -5.57 1.41 10.38
C ASP A 92 -6.28 2.38 9.42
N ASP A 93 -7.55 2.68 9.71
CA ASP A 93 -8.37 3.60 8.89
C ASP A 93 -7.84 5.04 8.95
N GLY A 94 -7.95 5.72 7.81
CA GLY A 94 -7.46 7.09 7.65
C GLY A 94 -5.94 7.21 7.66
N ASP A 95 -5.23 6.09 7.41
CA ASP A 95 -3.76 6.08 7.48
C ASP A 95 -3.14 6.53 6.16
N ALA A 96 -2.09 7.37 6.24
CA ALA A 96 -1.31 7.80 5.07
C ALA A 96 -0.06 6.93 4.92
N VAL A 97 -0.16 5.88 4.09
CA VAL A 97 0.95 4.98 3.78
C VAL A 97 1.75 5.58 2.61
N SER A 98 2.93 6.13 2.90
CA SER A 98 3.85 6.67 1.89
C SER A 98 4.68 5.52 1.28
N VAL A 99 5.10 5.65 0.00
CA VAL A 99 5.92 4.64 -0.69
C VAL A 99 6.89 5.35 -1.67
N PHE A 100 8.11 4.81 -1.74
CA PHE A 100 9.19 5.26 -2.62
C PHE A 100 9.76 3.97 -3.26
N PRO A 101 9.97 3.92 -4.61
CA PRO A 101 10.51 2.71 -5.32
C PRO A 101 11.91 2.29 -4.81
N PRO A 102 12.39 1.05 -5.17
CA PRO A 102 13.74 0.62 -4.80
C PRO A 102 14.80 1.45 -5.53
N VAL A 103 15.78 1.96 -4.77
CA VAL A 103 16.85 2.82 -5.29
C VAL A 103 18.20 2.23 -4.84
N ALA A 104 19.12 2.03 -5.80
CA ALA A 104 20.46 1.47 -5.54
C ALA A 104 21.51 2.36 -6.20
N GLY A 105 22.12 3.26 -5.41
CA GLY A 105 23.16 4.17 -5.90
C GLY A 105 24.03 4.69 -4.77
N GLY A 106 24.21 3.87 -3.72
CA GLY A 106 24.97 4.25 -2.52
C GLY A 106 24.90 3.19 -1.44
N GLY A 1 -29.53 -2.50 2.90
CA GLY A 1 -28.43 -1.52 2.94
C GLY A 1 -28.25 -0.81 1.61
N GLY A 2 -27.12 -1.08 0.93
CA GLY A 2 -26.79 -0.47 -0.37
C GLY A 2 -25.59 0.45 -0.26
N GLY A 3 -24.42 -0.15 0.05
CA GLY A 3 -23.15 0.59 0.16
C GLY A 3 -22.00 -0.17 -0.50
N ARG A 4 -20.77 0.02 0.02
CA ARG A 4 -19.55 -0.64 -0.47
C ARG A 4 -19.18 -1.83 0.45
N ASP A 5 -20.22 -2.50 0.95
CA ASP A 5 -20.07 -3.70 1.80
C ASP A 5 -19.81 -4.95 0.94
N TYR A 6 -18.73 -5.66 1.25
CA TYR A 6 -18.32 -6.89 0.55
C TYR A 6 -18.63 -8.12 1.41
N LYS A 7 -19.42 -7.92 2.49
CA LYS A 7 -19.67 -8.93 3.53
C LYS A 7 -20.99 -8.63 4.25
N ASP A 8 -21.54 -9.65 4.94
CA ASP A 8 -22.90 -9.60 5.55
C ASP A 8 -22.92 -8.82 6.91
N ASP A 9 -21.74 -8.34 7.34
CA ASP A 9 -21.58 -7.59 8.60
C ASP A 9 -22.42 -6.28 8.64
N ASP A 10 -22.70 -5.83 9.88
CA ASP A 10 -23.47 -4.60 10.17
C ASP A 10 -22.81 -3.36 9.51
N ASP A 11 -21.54 -3.15 9.89
CA ASP A 11 -20.68 -2.14 9.25
C ASP A 11 -20.08 -2.76 7.97
N LYS A 12 -19.88 -1.91 6.94
CA LYS A 12 -19.32 -2.33 5.64
C LYS A 12 -17.87 -2.86 5.82
N GLY A 13 -17.21 -2.36 6.88
CA GLY A 13 -15.86 -2.77 7.24
C GLY A 13 -14.84 -2.47 6.17
N THR A 14 -14.87 -1.24 5.67
CA THR A 14 -13.93 -0.76 4.66
C THR A 14 -13.22 0.50 5.18
N MET A 15 -11.93 0.63 4.86
CA MET A 15 -11.10 1.74 5.34
C MET A 15 -10.46 2.46 4.14
N GLU A 16 -10.37 3.80 4.24
CA GLU A 16 -9.86 4.64 3.13
C GLU A 16 -8.46 5.19 3.49
N LEU A 17 -7.45 4.73 2.75
CA LEU A 17 -6.02 5.00 3.03
C LEU A 17 -5.47 6.08 2.10
N GLU A 18 -4.60 6.97 2.61
CA GLU A 18 -3.89 7.93 1.78
C GLU A 18 -2.57 7.30 1.30
N LEU A 19 -2.57 6.76 0.08
CA LEU A 19 -1.40 6.05 -0.45
C LEU A 19 -0.54 7.05 -1.23
N ARG A 20 0.55 7.47 -0.61
CA ARG A 20 1.42 8.51 -1.14
C ARG A 20 2.58 7.84 -1.87
N PHE A 21 2.68 8.05 -3.19
CA PHE A 21 3.73 7.48 -4.04
C PHE A 21 4.76 8.54 -4.36
N PHE A 22 6.03 8.15 -4.29
CA PHE A 22 7.18 9.04 -4.56
C PHE A 22 8.10 8.37 -5.58
N ALA A 23 8.94 9.19 -6.25
CA ALA A 23 9.96 8.73 -7.20
C ALA A 23 9.33 7.92 -8.39
N THR A 24 9.93 6.75 -8.75
CA THR A 24 9.45 5.90 -9.87
C THR A 24 7.99 5.41 -9.64
N PHE A 25 7.64 5.02 -8.39
CA PHE A 25 6.27 4.55 -8.06
C PHE A 25 5.23 5.68 -8.28
N ARG A 26 5.67 6.94 -8.12
CA ARG A 26 4.80 8.13 -8.27
C ARG A 26 4.35 8.31 -9.72
N GLU A 27 5.33 8.33 -10.65
CA GLU A 27 5.09 8.59 -12.08
C GLU A 27 4.29 7.45 -12.73
N VAL A 28 4.43 6.24 -12.17
CA VAL A 28 3.64 5.05 -12.56
C VAL A 28 2.13 5.28 -12.30
N VAL A 29 1.82 5.67 -11.06
CA VAL A 29 0.44 5.96 -10.62
C VAL A 29 -0.05 7.28 -11.27
N GLY A 30 0.92 8.14 -11.64
CA GLY A 30 0.65 9.47 -12.17
C GLY A 30 0.14 10.42 -11.11
N GLN A 31 0.24 10.01 -9.84
CA GLN A 31 -0.34 10.71 -8.69
C GLN A 31 0.65 10.56 -7.50
N LYS A 32 0.90 11.67 -6.77
CA LYS A 32 1.86 11.67 -5.64
C LYS A 32 1.22 11.16 -4.34
N SER A 33 -0.11 11.28 -4.24
CA SER A 33 -0.90 10.80 -3.09
C SER A 33 -2.35 10.55 -3.57
N ILE A 34 -2.93 9.41 -3.16
CA ILE A 34 -4.30 9.01 -3.55
C ILE A 34 -5.08 8.56 -2.31
N TYR A 35 -6.39 8.31 -2.48
CA TYR A 35 -7.22 7.68 -1.43
C TYR A 35 -7.87 6.40 -2.00
N TRP A 36 -7.45 5.27 -1.44
CA TRP A 36 -7.90 3.92 -1.82
C TRP A 36 -8.89 3.41 -0.79
N ARG A 37 -9.95 2.74 -1.24
CA ARG A 37 -10.91 2.10 -0.34
C ARG A 37 -10.73 0.57 -0.41
N VAL A 38 -10.14 0.01 0.65
CA VAL A 38 -9.96 -1.45 0.83
C VAL A 38 -10.80 -1.93 2.02
N ASP A 39 -10.74 -3.23 2.33
CA ASP A 39 -11.37 -3.81 3.53
C ASP A 39 -10.52 -3.47 4.78
N ASP A 40 -11.17 -3.46 5.96
CA ASP A 40 -10.55 -3.05 7.24
C ASP A 40 -9.39 -3.99 7.64
N ASP A 41 -9.57 -5.29 7.37
CA ASP A 41 -8.63 -6.35 7.81
C ASP A 41 -7.40 -6.43 6.88
N ALA A 42 -7.49 -5.76 5.71
CA ALA A 42 -6.36 -5.62 4.78
C ALA A 42 -5.23 -4.83 5.46
N THR A 43 -3.97 -5.20 5.19
CA THR A 43 -2.80 -4.51 5.77
C THR A 43 -1.94 -3.93 4.63
N VAL A 44 -0.79 -3.33 4.99
CA VAL A 44 0.12 -2.63 4.05
C VAL A 44 0.52 -3.55 2.86
N GLY A 45 0.66 -4.84 3.16
CA GLY A 45 0.99 -5.86 2.17
C GLY A 45 -0.16 -6.15 1.20
N ASP A 46 -1.38 -6.27 1.74
CA ASP A 46 -2.61 -6.48 0.93
C ASP A 46 -2.84 -5.33 -0.05
N VAL A 47 -2.44 -4.13 0.39
CA VAL A 47 -2.54 -2.88 -0.39
C VAL A 47 -1.60 -2.94 -1.60
N LEU A 48 -0.29 -3.08 -1.36
CA LEU A 48 0.72 -3.08 -2.43
C LEU A 48 0.56 -4.30 -3.37
N ARG A 49 0.05 -5.43 -2.84
CA ARG A 49 -0.23 -6.63 -3.67
C ARG A 49 -1.36 -6.31 -4.69
N SER A 50 -2.33 -5.49 -4.25
CA SER A 50 -3.42 -5.02 -5.11
C SER A 50 -2.96 -3.90 -6.07
N LEU A 51 -1.99 -3.06 -5.63
CA LEU A 51 -1.48 -1.90 -6.44
C LEU A 51 -0.79 -2.36 -7.75
N GLU A 52 -0.05 -3.49 -7.69
CA GLU A 52 0.58 -4.07 -8.91
C GLU A 52 -0.46 -4.69 -9.84
N ALA A 53 -1.57 -5.14 -9.26
CA ALA A 53 -2.69 -5.73 -10.00
C ALA A 53 -3.44 -4.66 -10.82
N GLU A 54 -3.35 -3.40 -10.37
CA GLU A 54 -3.93 -2.25 -11.10
C GLU A 54 -2.90 -1.72 -12.11
N TYR A 55 -1.75 -1.31 -11.55
CA TYR A 55 -0.71 -0.58 -12.28
C TYR A 55 0.40 -1.54 -12.72
N ASP A 56 0.58 -1.64 -14.03
CA ASP A 56 1.57 -2.54 -14.67
C ASP A 56 3.01 -2.09 -14.34
N GLY A 57 3.18 -0.77 -14.11
CA GLY A 57 4.47 -0.18 -13.77
C GLY A 57 4.89 -0.37 -12.32
N LEU A 58 3.96 -0.86 -11.47
CA LEU A 58 4.27 -1.21 -10.06
C LEU A 58 4.60 -2.71 -9.91
N ALA A 59 4.42 -3.48 -10.99
CA ALA A 59 4.50 -4.95 -10.97
C ALA A 59 5.91 -5.47 -10.63
N GLY A 60 6.00 -6.32 -9.58
CA GLY A 60 7.24 -7.06 -9.23
C GLY A 60 8.31 -6.23 -8.53
N ARG A 61 7.97 -4.99 -8.13
CA ARG A 61 8.95 -4.03 -7.55
C ARG A 61 8.49 -3.50 -6.19
N LEU A 62 7.16 -3.56 -5.93
CA LEU A 62 6.59 -3.24 -4.60
C LEU A 62 6.36 -4.53 -3.78
N ILE A 63 6.71 -5.69 -4.39
CA ILE A 63 6.74 -7.02 -3.75
C ILE A 63 8.05 -7.73 -4.16
N GLU A 64 8.62 -8.53 -3.24
CA GLU A 64 9.71 -9.48 -3.53
C GLU A 64 9.72 -10.57 -2.46
N ASP A 65 9.71 -11.86 -2.88
CA ASP A 65 9.83 -13.03 -1.96
C ASP A 65 8.71 -13.01 -0.88
N GLY A 66 7.54 -12.46 -1.27
CA GLY A 66 6.37 -12.39 -0.40
C GLY A 66 6.38 -11.21 0.58
N GLU A 67 7.53 -10.54 0.75
CA GLU A 67 7.64 -9.32 1.58
C GLU A 67 7.52 -8.06 0.69
N VAL A 68 7.72 -6.87 1.29
CA VAL A 68 7.66 -5.59 0.57
C VAL A 68 8.70 -5.52 -0.59
N LYS A 69 10.02 -5.75 -0.29
CA LYS A 69 11.16 -5.76 -1.26
C LYS A 69 12.42 -5.31 -0.51
N PRO A 70 13.58 -5.98 -0.73
CA PRO A 70 14.92 -5.45 -0.34
C PRO A 70 15.21 -4.08 -0.99
N HIS A 71 15.54 -3.08 -0.13
CA HIS A 71 15.95 -1.71 -0.52
C HIS A 71 14.77 -0.77 -0.87
N VAL A 72 13.52 -1.29 -0.97
CA VAL A 72 12.33 -0.43 -1.18
C VAL A 72 12.09 0.37 0.12
N ASN A 73 11.94 1.70 0.03
CA ASN A 73 11.68 2.52 1.22
C ASN A 73 10.16 2.70 1.33
N VAL A 74 9.53 1.97 2.24
CA VAL A 74 8.06 1.98 2.41
C VAL A 74 7.72 2.41 3.83
N LEU A 75 6.79 3.37 3.93
CA LEU A 75 6.49 4.09 5.18
C LEU A 75 5.00 3.95 5.53
N LYS A 76 4.73 3.82 6.83
CA LYS A 76 3.41 3.91 7.43
C LYS A 76 3.38 5.18 8.30
N ASN A 77 2.69 6.22 7.80
CA ASN A 77 2.49 7.51 8.51
C ASN A 77 3.86 8.18 8.87
N GLY A 78 4.84 8.01 7.96
CA GLY A 78 6.20 8.54 8.14
C GLY A 78 7.18 7.56 8.82
N ARG A 79 6.66 6.48 9.43
CA ARG A 79 7.51 5.42 10.03
C ARG A 79 7.82 4.35 8.97
N GLU A 80 9.07 4.32 8.50
CA GLU A 80 9.52 3.38 7.45
C GLU A 80 9.44 1.92 7.97
N VAL A 81 8.43 1.18 7.47
CA VAL A 81 8.11 -0.17 7.96
C VAL A 81 9.15 -1.26 7.62
N VAL A 82 10.22 -0.89 6.89
CA VAL A 82 11.33 -1.84 6.61
C VAL A 82 12.12 -2.14 7.92
N HIS A 83 12.04 -1.22 8.91
CA HIS A 83 12.72 -1.35 10.21
C HIS A 83 11.89 -2.22 11.18
N LEU A 84 10.61 -2.49 10.81
CA LEU A 84 9.65 -3.27 11.60
C LEU A 84 8.84 -4.19 10.66
N ASP A 85 7.60 -4.55 11.04
CA ASP A 85 6.67 -5.28 10.15
C ASP A 85 6.36 -4.45 8.89
N GLY A 86 6.89 -4.88 7.74
CA GLY A 86 6.63 -4.22 6.46
C GLY A 86 5.23 -4.53 5.93
N MET A 87 4.89 -5.82 5.95
CA MET A 87 3.67 -6.34 5.33
C MET A 87 2.43 -6.12 6.23
N ALA A 88 2.58 -6.25 7.58
CA ALA A 88 1.44 -6.13 8.51
C ALA A 88 1.86 -5.45 9.84
N THR A 89 2.01 -4.10 9.79
CA THR A 89 2.39 -3.30 10.96
C THR A 89 1.18 -2.98 11.89
N ALA A 90 0.24 -2.13 11.41
CA ALA A 90 -0.76 -1.45 12.27
C ALA A 90 -1.71 -0.56 11.42
N LEU A 91 -2.02 -1.00 10.18
CA LEU A 91 -2.73 -0.17 9.18
C LEU A 91 -4.24 -0.01 9.52
N ASP A 92 -4.79 1.21 9.28
CA ASP A 92 -6.14 1.62 9.74
C ASP A 92 -6.69 2.73 8.81
N ASP A 93 -7.95 3.20 9.01
CA ASP A 93 -8.58 4.19 8.10
C ASP A 93 -8.02 5.61 8.33
N GLY A 94 -7.88 6.35 7.22
CA GLY A 94 -7.30 7.70 7.23
C GLY A 94 -5.78 7.70 7.40
N ASP A 95 -5.18 6.49 7.46
CA ASP A 95 -3.74 6.31 7.65
C ASP A 95 -3.02 6.34 6.29
N ALA A 96 -1.90 7.08 6.25
CA ALA A 96 -1.18 7.41 5.02
C ALA A 96 0.05 6.50 4.80
N VAL A 97 -0.05 5.56 3.86
CA VAL A 97 1.10 4.69 3.50
C VAL A 97 1.94 5.40 2.41
N SER A 98 3.13 5.88 2.81
CA SER A 98 4.04 6.61 1.92
C SER A 98 5.11 5.66 1.35
N VAL A 99 5.01 5.29 0.07
CA VAL A 99 5.95 4.34 -0.55
C VAL A 99 6.91 5.05 -1.53
N PHE A 100 8.16 4.60 -1.49
CA PHE A 100 9.27 5.06 -2.35
C PHE A 100 9.90 3.78 -2.95
N PRO A 101 10.21 3.74 -4.27
CA PRO A 101 10.87 2.58 -4.91
C PRO A 101 12.31 2.36 -4.40
N PRO A 102 12.92 1.17 -4.68
CA PRO A 102 14.35 0.97 -4.42
C PRO A 102 15.18 1.79 -5.43
N VAL A 103 16.15 2.56 -4.93
CA VAL A 103 16.92 3.52 -5.75
C VAL A 103 18.15 2.85 -6.40
N ALA A 104 18.43 1.59 -5.98
CA ALA A 104 19.49 0.75 -6.58
C ALA A 104 19.17 -0.73 -6.36
N GLY A 105 19.80 -1.58 -7.20
CA GLY A 105 19.69 -3.04 -7.09
C GLY A 105 21.05 -3.68 -6.82
N GLY A 106 22.05 -3.25 -7.58
CA GLY A 106 23.44 -3.70 -7.43
C GLY A 106 24.24 -3.49 -8.71
N GLY A 1 -16.64 -12.93 13.77
CA GLY A 1 -16.33 -12.63 12.35
C GLY A 1 -16.04 -11.15 12.12
N GLY A 2 -17.11 -10.34 12.05
CA GLY A 2 -17.01 -8.90 11.79
C GLY A 2 -17.83 -8.48 10.57
N GLY A 3 -17.32 -7.48 9.82
CA GLY A 3 -17.99 -6.97 8.63
C GLY A 3 -17.02 -6.82 7.47
N ARG A 4 -17.18 -7.66 6.45
CA ARG A 4 -16.38 -7.62 5.20
C ARG A 4 -17.33 -7.47 4.00
N ASP A 5 -17.26 -6.31 3.34
CA ASP A 5 -17.99 -6.05 2.10
C ASP A 5 -17.18 -4.98 1.36
N TYR A 6 -16.42 -5.43 0.36
CA TYR A 6 -15.30 -4.67 -0.25
C TYR A 6 -15.78 -3.54 -1.20
N LYS A 7 -17.10 -3.33 -1.25
CA LYS A 7 -17.75 -2.18 -1.90
C LYS A 7 -18.57 -1.43 -0.84
N ASP A 8 -18.43 -0.08 -0.80
CA ASP A 8 -19.11 0.76 0.20
C ASP A 8 -20.61 0.88 -0.13
N ASP A 9 -21.41 0.11 0.60
CA ASP A 9 -22.89 0.20 0.60
C ASP A 9 -23.39 0.08 2.07
N ASP A 10 -22.48 0.50 2.99
CA ASP A 10 -22.66 0.43 4.47
C ASP A 10 -22.66 -1.03 4.98
N ASP A 11 -22.17 -1.23 6.24
CA ASP A 11 -21.82 -2.57 6.80
C ASP A 11 -20.69 -3.21 5.99
N LYS A 12 -19.78 -2.33 5.53
CA LYS A 12 -18.64 -2.68 4.67
C LYS A 12 -17.46 -3.16 5.51
N GLY A 13 -17.24 -2.47 6.65
CA GLY A 13 -16.10 -2.75 7.53
C GLY A 13 -14.76 -2.62 6.81
N THR A 14 -14.70 -1.66 5.89
CA THR A 14 -13.51 -1.40 5.08
C THR A 14 -12.92 -0.04 5.45
N MET A 15 -11.58 0.03 5.48
CA MET A 15 -10.84 1.22 5.90
C MET A 15 -10.26 1.95 4.68
N GLU A 16 -10.45 3.29 4.65
CA GLU A 16 -9.92 4.15 3.58
C GLU A 16 -8.49 4.59 3.95
N LEU A 17 -7.55 4.54 2.98
CA LEU A 17 -6.11 4.75 3.24
C LEU A 17 -5.54 5.79 2.28
N GLU A 18 -4.70 6.71 2.81
CA GLU A 18 -4.04 7.74 1.99
C GLU A 18 -2.70 7.19 1.47
N LEU A 19 -2.70 6.67 0.24
CA LEU A 19 -1.51 6.03 -0.34
C LEU A 19 -0.73 7.05 -1.15
N ARG A 20 0.37 7.51 -0.57
CA ARG A 20 1.21 8.54 -1.14
C ARG A 20 2.34 7.89 -1.93
N PHE A 21 2.37 8.14 -3.25
CA PHE A 21 3.39 7.58 -4.16
C PHE A 21 4.40 8.66 -4.50
N PHE A 22 5.69 8.27 -4.56
CA PHE A 22 6.80 9.19 -4.86
C PHE A 22 7.73 8.56 -5.89
N ALA A 23 8.51 9.42 -6.58
CA ALA A 23 9.51 9.03 -7.59
C ALA A 23 8.84 8.27 -8.78
N THR A 24 9.37 7.09 -9.19
CA THR A 24 8.79 6.27 -10.27
C THR A 24 7.36 5.83 -9.93
N PHE A 25 7.16 5.29 -8.70
CA PHE A 25 5.82 4.79 -8.24
C PHE A 25 4.74 5.89 -8.33
N ARG A 26 5.18 7.17 -8.29
CA ARG A 26 4.28 8.33 -8.39
C ARG A 26 3.71 8.48 -9.80
N GLU A 27 4.62 8.51 -10.80
CA GLU A 27 4.26 8.73 -12.21
C GLU A 27 3.61 7.48 -12.83
N VAL A 28 3.87 6.30 -12.23
CA VAL A 28 3.13 5.05 -12.54
C VAL A 28 1.63 5.23 -12.27
N VAL A 29 1.33 5.68 -11.04
CA VAL A 29 -0.04 5.91 -10.58
C VAL A 29 -0.60 7.21 -11.22
N GLY A 30 0.32 8.10 -11.64
CA GLY A 30 -0.03 9.41 -12.18
C GLY A 30 -0.51 10.38 -11.10
N GLN A 31 -0.32 10.00 -9.82
CA GLN A 31 -0.77 10.77 -8.65
C GLN A 31 0.29 10.65 -7.53
N LYS A 32 0.46 11.71 -6.73
CA LYS A 32 1.44 11.71 -5.59
C LYS A 32 0.79 11.22 -4.29
N SER A 33 -0.55 11.26 -4.23
CA SER A 33 -1.34 10.73 -3.10
C SER A 33 -2.75 10.38 -3.60
N ILE A 34 -3.23 9.18 -3.26
CA ILE A 34 -4.59 8.72 -3.57
C ILE A 34 -5.29 8.33 -2.25
N TYR A 35 -6.58 7.97 -2.34
CA TYR A 35 -7.30 7.32 -1.23
C TYR A 35 -7.93 6.02 -1.74
N TRP A 36 -7.41 4.90 -1.23
CA TRP A 36 -7.90 3.53 -1.50
C TRP A 36 -8.88 3.10 -0.41
N ARG A 37 -9.37 1.87 -0.51
CA ARG A 37 -10.20 1.26 0.52
C ARG A 37 -10.10 -0.27 0.42
N VAL A 38 -9.47 -0.89 1.43
CA VAL A 38 -9.40 -2.36 1.61
C VAL A 38 -10.19 -2.68 2.91
N ASP A 39 -10.38 -3.97 3.25
CA ASP A 39 -11.09 -4.34 4.49
C ASP A 39 -10.21 -4.04 5.72
N ASP A 40 -10.85 -3.90 6.89
CA ASP A 40 -10.20 -3.44 8.13
C ASP A 40 -9.27 -4.53 8.73
N ASP A 41 -9.48 -5.81 8.33
CA ASP A 41 -8.61 -6.94 8.78
C ASP A 41 -7.34 -7.00 7.90
N ALA A 42 -7.40 -6.40 6.70
CA ALA A 42 -6.23 -6.27 5.79
C ALA A 42 -5.19 -5.29 6.35
N THR A 43 -3.95 -5.36 5.83
CA THR A 43 -2.83 -4.50 6.26
C THR A 43 -2.00 -4.00 5.04
N VAL A 44 -0.88 -3.31 5.33
CA VAL A 44 -0.01 -2.61 4.33
C VAL A 44 0.38 -3.52 3.15
N GLY A 45 0.61 -4.79 3.46
CA GLY A 45 1.04 -5.79 2.50
C GLY A 45 -0.06 -6.19 1.53
N ASP A 46 -1.31 -6.29 2.03
CA ASP A 46 -2.50 -6.59 1.22
C ASP A 46 -2.78 -5.43 0.25
N VAL A 47 -2.49 -4.20 0.72
CA VAL A 47 -2.68 -2.99 -0.06
C VAL A 47 -1.79 -2.99 -1.31
N LEU A 48 -0.45 -3.06 -1.12
CA LEU A 48 0.51 -3.08 -2.23
C LEU A 48 0.35 -4.36 -3.10
N ARG A 49 -0.09 -5.46 -2.47
CA ARG A 49 -0.48 -6.70 -3.17
C ARG A 49 -1.53 -6.43 -4.26
N SER A 50 -2.58 -5.74 -3.88
CA SER A 50 -3.68 -5.41 -4.76
C SER A 50 -3.35 -4.25 -5.74
N LEU A 51 -2.48 -3.31 -5.30
CA LEU A 51 -2.04 -2.13 -6.13
C LEU A 51 -1.51 -2.56 -7.52
N GLU A 52 -0.61 -3.55 -7.53
CA GLU A 52 -0.01 -4.06 -8.77
C GLU A 52 -1.05 -4.74 -9.70
N ALA A 53 -2.13 -5.26 -9.09
CA ALA A 53 -3.20 -5.95 -9.83
C ALA A 53 -3.99 -4.96 -10.72
N GLU A 54 -3.89 -3.66 -10.40
CA GLU A 54 -4.44 -2.58 -11.24
C GLU A 54 -3.31 -2.00 -12.12
N TYR A 55 -2.25 -1.53 -11.44
CA TYR A 55 -1.12 -0.82 -12.07
C TYR A 55 0.01 -1.80 -12.44
N ASP A 56 0.16 -2.03 -13.75
CA ASP A 56 1.23 -2.92 -14.30
C ASP A 56 2.63 -2.31 -14.10
N GLY A 57 2.67 -0.97 -13.92
CA GLY A 57 3.91 -0.23 -13.63
C GLY A 57 4.38 -0.38 -12.19
N LEU A 58 3.54 -0.98 -11.33
CA LEU A 58 3.89 -1.32 -9.94
C LEU A 58 4.13 -2.83 -9.78
N ALA A 59 3.87 -3.61 -10.84
CA ALA A 59 3.88 -5.09 -10.79
C ALA A 59 5.25 -5.69 -10.44
N GLY A 60 5.30 -6.49 -9.34
CA GLY A 60 6.51 -7.26 -8.97
C GLY A 60 7.67 -6.42 -8.43
N ARG A 61 7.47 -5.10 -8.29
CA ARG A 61 8.49 -4.15 -7.79
C ARG A 61 8.07 -3.55 -6.43
N LEU A 62 6.85 -3.89 -5.98
CA LEU A 62 6.32 -3.49 -4.65
C LEU A 62 6.12 -4.74 -3.76
N ILE A 63 6.38 -5.93 -4.35
CA ILE A 63 6.42 -7.23 -3.64
C ILE A 63 7.66 -8.02 -4.10
N GLU A 64 8.30 -8.71 -3.14
CA GLU A 64 9.23 -9.83 -3.40
C GLU A 64 9.06 -10.88 -2.30
N ASP A 65 8.76 -12.12 -2.70
CA ASP A 65 8.81 -13.32 -1.82
C ASP A 65 7.87 -13.16 -0.58
N GLY A 66 6.76 -12.42 -0.76
CA GLY A 66 5.75 -12.23 0.27
C GLY A 66 6.03 -11.10 1.26
N GLU A 67 7.14 -10.37 1.06
CA GLU A 67 7.46 -9.12 1.80
C GLU A 67 7.49 -7.95 0.80
N VAL A 68 7.85 -6.75 1.27
CA VAL A 68 7.78 -5.52 0.43
C VAL A 68 8.72 -5.58 -0.80
N LYS A 69 10.05 -5.82 -0.61
CA LYS A 69 11.09 -5.84 -1.70
C LYS A 69 12.45 -5.46 -1.10
N PRO A 70 13.56 -6.15 -1.52
CA PRO A 70 14.95 -5.69 -1.24
C PRO A 70 15.22 -4.30 -1.87
N HIS A 71 15.74 -3.38 -1.03
CA HIS A 71 16.24 -2.03 -1.44
C HIS A 71 15.13 -1.00 -1.71
N VAL A 72 13.85 -1.41 -1.60
CA VAL A 72 12.70 -0.48 -1.75
C VAL A 72 12.56 0.38 -0.49
N ASN A 73 11.98 1.58 -0.62
CA ASN A 73 11.78 2.49 0.50
C ASN A 73 10.28 2.73 0.67
N VAL A 74 9.68 2.10 1.69
CA VAL A 74 8.21 2.12 1.92
C VAL A 74 7.91 2.51 3.37
N LEU A 75 7.01 3.49 3.53
CA LEU A 75 6.77 4.22 4.79
C LEU A 75 5.30 4.09 5.25
N LYS A 76 5.11 3.93 6.58
CA LYS A 76 3.82 3.96 7.25
C LYS A 76 3.83 5.10 8.28
N ASN A 77 3.09 6.19 7.96
CA ASN A 77 2.98 7.42 8.79
C ASN A 77 4.38 8.08 8.97
N GLY A 78 5.20 7.96 7.90
CA GLY A 78 6.54 8.53 7.86
C GLY A 78 7.63 7.56 8.34
N ARG A 79 7.23 6.47 9.02
CA ARG A 79 8.16 5.46 9.55
C ARG A 79 8.33 4.32 8.53
N GLU A 80 9.53 4.22 7.94
CA GLU A 80 9.84 3.30 6.85
C GLU A 80 9.81 1.83 7.35
N VAL A 81 8.76 1.10 6.92
CA VAL A 81 8.45 -0.30 7.33
C VAL A 81 9.50 -1.34 6.90
N VAL A 82 10.56 -0.92 6.19
CA VAL A 82 11.72 -1.80 5.91
C VAL A 82 12.54 -2.05 7.20
N HIS A 83 12.42 -1.12 8.17
CA HIS A 83 13.11 -1.19 9.47
C HIS A 83 12.27 -1.98 10.51
N LEU A 84 10.98 -2.15 10.19
CA LEU A 84 10.01 -2.90 11.01
C LEU A 84 9.17 -3.83 10.09
N ASP A 85 7.85 -3.99 10.31
CA ASP A 85 7.02 -4.92 9.50
C ASP A 85 6.52 -4.25 8.23
N GLY A 86 6.91 -4.79 7.07
CA GLY A 86 6.45 -4.28 5.78
C GLY A 86 4.99 -4.62 5.49
N MET A 87 4.64 -5.88 5.80
CA MET A 87 3.30 -6.44 5.48
C MET A 87 2.22 -6.05 6.51
N ALA A 88 2.56 -6.03 7.82
CA ALA A 88 1.55 -5.84 8.89
C ALA A 88 2.15 -5.14 10.12
N THR A 89 2.49 -3.85 9.96
CA THR A 89 3.04 -3.01 11.03
C THR A 89 1.94 -2.59 12.05
N ALA A 90 0.99 -1.74 11.61
CA ALA A 90 0.06 -1.03 12.52
C ALA A 90 -1.00 -0.23 11.73
N LEU A 91 -1.42 -0.78 10.57
CA LEU A 91 -2.29 -0.05 9.62
C LEU A 91 -3.74 0.01 10.15
N ASP A 92 -4.40 1.17 9.97
CA ASP A 92 -5.77 1.42 10.48
C ASP A 92 -6.52 2.32 9.46
N ASP A 93 -7.75 2.74 9.77
CA ASP A 93 -8.52 3.67 8.90
C ASP A 93 -7.93 5.08 8.91
N GLY A 94 -8.06 5.78 7.75
CA GLY A 94 -7.55 7.14 7.56
C GLY A 94 -6.03 7.22 7.61
N ASP A 95 -5.35 6.07 7.43
CA ASP A 95 -3.91 5.94 7.67
C ASP A 95 -3.12 6.16 6.38
N ALA A 96 -2.14 7.07 6.43
CA ALA A 96 -1.31 7.44 5.28
C ALA A 96 -0.12 6.47 5.12
N VAL A 97 -0.10 5.72 4.00
CA VAL A 97 1.03 4.85 3.62
C VAL A 97 1.79 5.50 2.46
N SER A 98 2.99 6.04 2.74
CA SER A 98 3.89 6.59 1.71
C SER A 98 4.72 5.46 1.11
N VAL A 99 5.08 5.55 -0.19
CA VAL A 99 5.94 4.57 -0.86
C VAL A 99 6.90 5.27 -1.84
N PHE A 100 8.08 4.70 -1.98
CA PHE A 100 9.13 5.13 -2.90
C PHE A 100 9.63 3.85 -3.59
N PRO A 101 9.97 3.87 -4.91
CA PRO A 101 10.64 2.73 -5.60
C PRO A 101 12.06 2.48 -5.03
N PRO A 102 12.72 1.33 -5.38
CA PRO A 102 14.07 1.05 -4.85
C PRO A 102 15.08 2.10 -5.34
N VAL A 103 15.83 2.67 -4.38
CA VAL A 103 16.86 3.69 -4.62
C VAL A 103 18.15 3.30 -3.87
N ALA A 104 18.01 2.39 -2.89
CA ALA A 104 19.13 1.79 -2.15
C ALA A 104 19.83 0.69 -2.98
N GLY A 105 19.23 0.33 -4.14
CA GLY A 105 19.81 -0.64 -5.07
C GLY A 105 21.03 -0.08 -5.81
N GLY A 106 22.21 -0.24 -5.19
CA GLY A 106 23.47 0.29 -5.70
C GLY A 106 24.00 -0.50 -6.92
N GLY A 1 -26.88 4.10 -0.52
CA GLY A 1 -25.41 4.35 -0.58
C GLY A 1 -24.81 3.95 -1.92
N GLY A 2 -23.48 4.16 -2.05
CA GLY A 2 -22.75 3.80 -3.27
C GLY A 2 -21.28 3.53 -3.00
N GLY A 3 -20.99 3.15 -1.73
CA GLY A 3 -19.63 2.86 -1.28
C GLY A 3 -19.17 1.48 -1.69
N ARG A 4 -17.87 1.36 -2.03
CA ARG A 4 -17.28 0.09 -2.48
C ARG A 4 -16.86 -0.74 -1.26
N ASP A 5 -17.86 -1.40 -0.65
CA ASP A 5 -17.67 -2.30 0.50
C ASP A 5 -17.47 -3.73 0.00
N TYR A 6 -16.80 -4.58 0.80
CA TYR A 6 -16.32 -5.91 0.36
C TYR A 6 -16.86 -7.03 1.25
N LYS A 7 -18.02 -6.79 1.86
CA LYS A 7 -18.67 -7.75 2.77
C LYS A 7 -20.15 -7.38 2.94
N ASP A 8 -21.03 -8.34 2.60
CA ASP A 8 -22.48 -8.30 2.89
C ASP A 8 -23.17 -7.02 2.31
N ASP A 9 -24.42 -6.73 2.72
CA ASP A 9 -25.14 -5.47 2.36
C ASP A 9 -25.22 -4.57 3.60
N ASP A 10 -25.29 -5.21 4.79
CA ASP A 10 -25.41 -4.51 6.09
C ASP A 10 -24.11 -3.78 6.48
N ASP A 11 -23.01 -4.56 6.61
CA ASP A 11 -21.73 -4.04 7.15
C ASP A 11 -20.81 -3.53 6.02
N LYS A 12 -20.07 -2.44 6.31
CA LYS A 12 -19.07 -1.85 5.38
C LYS A 12 -17.70 -2.48 5.60
N GLY A 13 -17.31 -2.67 6.88
CA GLY A 13 -16.02 -3.28 7.28
C GLY A 13 -14.79 -2.78 6.51
N THR A 14 -14.84 -1.51 6.08
CA THR A 14 -13.85 -0.91 5.19
C THR A 14 -13.09 0.22 5.89
N MET A 15 -11.84 0.40 5.45
CA MET A 15 -10.97 1.51 5.87
C MET A 15 -10.31 2.12 4.63
N GLU A 16 -10.22 3.46 4.58
CA GLU A 16 -9.68 4.18 3.41
C GLU A 16 -8.32 4.79 3.77
N LEU A 17 -7.28 4.41 3.02
CA LEU A 17 -5.88 4.78 3.32
C LEU A 17 -5.39 5.91 2.40
N GLU A 18 -4.51 6.77 2.92
CA GLU A 18 -3.83 7.79 2.13
C GLU A 18 -2.52 7.20 1.57
N LEU A 19 -2.55 6.70 0.32
CA LEU A 19 -1.40 6.03 -0.27
C LEU A 19 -0.56 7.02 -1.03
N ARG A 20 0.56 7.40 -0.42
CA ARG A 20 1.46 8.40 -0.95
C ARG A 20 2.57 7.71 -1.74
N PHE A 21 2.64 7.99 -3.04
CA PHE A 21 3.63 7.44 -3.96
C PHE A 21 4.63 8.53 -4.31
N PHE A 22 5.92 8.18 -4.30
CA PHE A 22 7.01 9.11 -4.59
C PHE A 22 7.93 8.53 -5.67
N ALA A 23 8.70 9.43 -6.31
CA ALA A 23 9.71 9.10 -7.33
C ALA A 23 9.09 8.33 -8.54
N THR A 24 9.59 7.09 -8.83
CA THR A 24 9.12 6.26 -9.94
C THR A 24 7.70 5.73 -9.68
N PHE A 25 7.44 5.24 -8.44
CA PHE A 25 6.09 4.72 -8.06
C PHE A 25 5.01 5.80 -8.22
N ARG A 26 5.42 7.08 -8.08
CA ARG A 26 4.52 8.23 -8.23
C ARG A 26 4.01 8.34 -9.67
N GLU A 27 4.95 8.35 -10.65
CA GLU A 27 4.62 8.58 -12.08
C GLU A 27 3.93 7.34 -12.71
N VAL A 28 4.23 6.16 -12.15
CA VAL A 28 3.53 4.91 -12.49
C VAL A 28 2.03 5.03 -12.19
N VAL A 29 1.72 5.46 -10.96
CA VAL A 29 0.35 5.70 -10.49
C VAL A 29 -0.20 7.00 -11.12
N GLY A 30 0.72 7.89 -11.54
CA GLY A 30 0.40 9.23 -12.03
C GLY A 30 -0.13 10.16 -10.94
N GLN A 31 0.01 9.70 -9.68
CA GLN A 31 -0.66 10.28 -8.51
C GLN A 31 0.28 10.15 -7.29
N LYS A 32 0.36 11.21 -6.47
CA LYS A 32 1.38 11.34 -5.41
C LYS A 32 0.84 10.99 -4.00
N SER A 33 -0.46 11.20 -3.75
CA SER A 33 -1.14 10.82 -2.50
C SER A 33 -2.63 10.62 -2.81
N ILE A 34 -3.12 9.40 -2.70
CA ILE A 34 -4.50 9.04 -3.08
C ILE A 34 -5.24 8.44 -1.89
N TYR A 35 -6.56 8.26 -2.06
CA TYR A 35 -7.39 7.54 -1.10
C TYR A 35 -7.85 6.22 -1.74
N TRP A 36 -7.57 5.10 -1.04
CA TRP A 36 -7.86 3.74 -1.51
C TRP A 36 -8.78 3.05 -0.50
N ARG A 37 -9.93 2.59 -0.98
CA ARG A 37 -10.88 1.85 -0.14
C ARG A 37 -10.45 0.38 -0.08
N VAL A 38 -9.92 -0.04 1.08
CA VAL A 38 -9.57 -1.45 1.35
C VAL A 38 -10.43 -1.97 2.53
N ASP A 39 -10.22 -3.24 2.90
CA ASP A 39 -10.88 -3.87 4.06
C ASP A 39 -10.16 -3.50 5.36
N ASP A 40 -10.87 -3.64 6.48
CA ASP A 40 -10.28 -3.57 7.83
C ASP A 40 -9.29 -4.73 8.06
N ASP A 41 -9.51 -5.83 7.31
CA ASP A 41 -8.69 -7.06 7.39
C ASP A 41 -7.39 -6.90 6.58
N ALA A 42 -7.42 -5.97 5.61
CA ALA A 42 -6.26 -5.66 4.75
C ALA A 42 -5.18 -4.91 5.56
N THR A 43 -3.92 -5.07 5.13
CA THR A 43 -2.76 -4.34 5.70
C THR A 43 -1.84 -3.90 4.54
N VAL A 44 -0.67 -3.31 4.86
CA VAL A 44 0.29 -2.73 3.87
C VAL A 44 0.60 -3.74 2.73
N GLY A 45 0.68 -5.03 3.10
CA GLY A 45 0.99 -6.10 2.17
C GLY A 45 -0.12 -6.33 1.14
N ASP A 46 -1.37 -6.37 1.63
CA ASP A 46 -2.58 -6.48 0.80
C ASP A 46 -2.72 -5.27 -0.14
N VAL A 47 -2.30 -4.10 0.36
CA VAL A 47 -2.34 -2.82 -0.37
C VAL A 47 -1.43 -2.87 -1.60
N LEU A 48 -0.11 -3.09 -1.38
CA LEU A 48 0.88 -3.11 -2.48
C LEU A 48 0.66 -4.32 -3.41
N ARG A 49 0.14 -5.43 -2.85
CA ARG A 49 -0.31 -6.60 -3.64
C ARG A 49 -1.36 -6.18 -4.70
N SER A 50 -2.35 -5.45 -4.26
CA SER A 50 -3.44 -5.01 -5.13
C SER A 50 -2.97 -3.87 -6.07
N LEU A 51 -2.04 -3.03 -5.59
CA LEU A 51 -1.45 -1.91 -6.37
C LEU A 51 -0.79 -2.40 -7.69
N GLU A 52 -0.11 -3.56 -7.66
CA GLU A 52 0.49 -4.15 -8.89
C GLU A 52 -0.58 -4.81 -9.77
N ALA A 53 -1.66 -5.29 -9.15
CA ALA A 53 -2.81 -5.89 -9.85
C ALA A 53 -3.52 -4.83 -10.72
N GLU A 54 -3.54 -3.58 -10.20
CA GLU A 54 -4.09 -2.42 -10.91
C GLU A 54 -3.08 -1.90 -11.94
N TYR A 55 -1.89 -1.53 -11.42
CA TYR A 55 -0.87 -0.77 -12.16
C TYR A 55 0.22 -1.71 -12.69
N ASP A 56 0.42 -1.71 -14.02
CA ASP A 56 1.44 -2.53 -14.72
C ASP A 56 2.85 -2.11 -14.29
N GLY A 57 3.06 -0.79 -14.15
CA GLY A 57 4.37 -0.21 -13.82
C GLY A 57 4.87 -0.57 -12.42
N LEU A 58 3.95 -1.06 -11.55
CA LEU A 58 4.28 -1.47 -10.16
C LEU A 58 4.53 -2.98 -10.06
N ALA A 59 4.18 -3.75 -11.10
CA ALA A 59 4.19 -5.23 -11.05
C ALA A 59 5.58 -5.80 -10.70
N GLY A 60 5.64 -6.55 -9.57
CA GLY A 60 6.85 -7.24 -9.12
C GLY A 60 7.78 -6.41 -8.25
N ARG A 61 7.77 -5.07 -8.42
CA ARG A 61 8.79 -4.17 -7.81
C ARG A 61 8.37 -3.64 -6.42
N LEU A 62 7.21 -4.10 -5.93
CA LEU A 62 6.68 -3.70 -4.60
C LEU A 62 6.34 -4.95 -3.75
N ILE A 63 6.63 -6.15 -4.30
CA ILE A 63 6.57 -7.45 -3.56
C ILE A 63 7.83 -8.27 -3.93
N GLU A 64 8.55 -8.76 -2.91
CA GLU A 64 9.70 -9.67 -3.09
C GLU A 64 9.81 -10.60 -1.87
N ASP A 65 9.89 -11.93 -2.11
CA ASP A 65 10.06 -12.97 -1.06
C ASP A 65 8.88 -12.95 -0.07
N GLY A 66 7.70 -12.57 -0.58
CA GLY A 66 6.48 -12.45 0.23
C GLY A 66 6.43 -11.21 1.13
N GLU A 67 7.58 -10.53 1.32
CA GLU A 67 7.67 -9.24 2.04
C GLU A 67 7.68 -8.09 1.01
N VAL A 68 7.91 -6.85 1.50
CA VAL A 68 7.79 -5.65 0.66
C VAL A 68 8.78 -5.66 -0.55
N LYS A 69 10.13 -5.77 -0.31
CA LYS A 69 11.21 -5.70 -1.36
C LYS A 69 12.51 -5.16 -0.75
N PRO A 70 13.70 -5.75 -1.10
CA PRO A 70 15.03 -5.11 -0.87
C PRO A 70 15.22 -3.83 -1.72
N HIS A 71 15.85 -2.79 -1.14
CA HIS A 71 16.15 -1.47 -1.78
C HIS A 71 14.94 -0.51 -1.72
N VAL A 72 13.71 -1.05 -1.60
CA VAL A 72 12.47 -0.23 -1.55
C VAL A 72 12.35 0.41 -0.16
N ASN A 73 11.90 1.66 -0.11
CA ASN A 73 11.65 2.37 1.15
C ASN A 73 10.15 2.58 1.31
N VAL A 74 9.54 1.78 2.18
CA VAL A 74 8.10 1.83 2.44
C VAL A 74 7.85 2.25 3.88
N LEU A 75 6.82 3.09 4.06
CA LEU A 75 6.55 3.86 5.28
C LEU A 75 5.09 3.71 5.69
N LYS A 76 4.86 3.73 6.99
CA LYS A 76 3.55 3.92 7.59
C LYS A 76 3.50 5.33 8.17
N ASN A 77 2.79 6.23 7.47
CA ASN A 77 2.49 7.61 7.93
C ASN A 77 3.79 8.38 8.34
N GLY A 78 4.85 8.20 7.52
CA GLY A 78 6.15 8.84 7.75
C GLY A 78 7.14 8.00 8.58
N ARG A 79 6.66 6.92 9.21
CA ARG A 79 7.50 5.98 9.98
C ARG A 79 7.79 4.74 9.11
N GLU A 80 9.03 4.65 8.63
CA GLU A 80 9.45 3.65 7.64
C GLU A 80 9.34 2.20 8.19
N VAL A 81 8.42 1.40 7.59
CA VAL A 81 8.06 0.05 8.09
C VAL A 81 9.13 -1.02 7.84
N VAL A 82 10.23 -0.67 7.15
CA VAL A 82 11.35 -1.60 6.94
C VAL A 82 12.16 -1.84 8.25
N HIS A 83 11.84 -1.06 9.31
CA HIS A 83 12.46 -1.19 10.65
C HIS A 83 11.57 -2.05 11.59
N LEU A 84 10.29 -2.21 11.19
CA LEU A 84 9.27 -2.97 11.94
C LEU A 84 8.53 -3.92 10.97
N ASP A 85 7.26 -4.28 11.29
CA ASP A 85 6.41 -5.05 10.38
C ASP A 85 6.17 -4.25 9.07
N GLY A 86 6.80 -4.71 7.97
CA GLY A 86 6.64 -4.08 6.67
C GLY A 86 5.26 -4.32 6.09
N MET A 87 4.82 -5.58 6.11
CA MET A 87 3.58 -6.02 5.47
C MET A 87 2.35 -5.73 6.34
N ALA A 88 2.47 -5.88 7.67
CA ALA A 88 1.30 -5.78 8.58
C ALA A 88 1.67 -5.01 9.86
N THR A 89 1.96 -3.70 9.69
CA THR A 89 2.32 -2.81 10.80
C THR A 89 1.12 -2.51 11.75
N ALA A 90 0.13 -1.73 11.28
CA ALA A 90 -0.81 -1.02 12.18
C ALA A 90 -1.88 -0.21 11.41
N LEU A 91 -2.34 -0.71 10.24
CA LEU A 91 -3.21 0.10 9.35
C LEU A 91 -4.66 0.26 9.90
N ASP A 92 -5.16 1.51 9.81
CA ASP A 92 -6.53 1.91 10.20
C ASP A 92 -7.05 2.93 9.15
N ASP A 93 -8.32 3.37 9.25
CA ASP A 93 -8.89 4.35 8.29
C ASP A 93 -8.26 5.74 8.50
N GLY A 94 -8.01 6.44 7.38
CA GLY A 94 -7.28 7.71 7.37
C GLY A 94 -5.75 7.57 7.40
N ASP A 95 -5.24 6.36 7.73
CA ASP A 95 -3.80 6.10 7.88
C ASP A 95 -3.08 6.13 6.53
N ALA A 96 -1.93 6.81 6.49
CA ALA A 96 -1.13 6.95 5.27
C ALA A 96 -0.10 5.79 5.15
N VAL A 97 0.11 5.32 3.92
CA VAL A 97 1.25 4.45 3.56
C VAL A 97 2.08 5.21 2.50
N SER A 98 3.25 5.71 2.90
CA SER A 98 4.16 6.48 2.03
C SER A 98 5.20 5.52 1.42
N VAL A 99 5.41 5.55 0.09
CA VAL A 99 6.28 4.59 -0.60
C VAL A 99 7.27 5.34 -1.53
N PHE A 100 8.51 4.86 -1.52
CA PHE A 100 9.58 5.26 -2.43
C PHE A 100 10.05 3.97 -3.13
N PRO A 101 10.27 3.98 -4.48
CA PRO A 101 10.75 2.81 -5.26
C PRO A 101 12.12 2.26 -4.79
N PRO A 102 12.51 1.04 -5.29
CA PRO A 102 13.83 0.48 -5.02
C PRO A 102 14.94 1.37 -5.58
N VAL A 103 15.93 1.65 -4.73
CA VAL A 103 17.09 2.44 -5.11
C VAL A 103 18.05 1.55 -5.92
N ALA A 104 18.05 1.78 -7.26
CA ALA A 104 18.86 1.04 -8.24
C ALA A 104 18.50 -0.45 -8.35
N GLY A 105 17.33 -0.83 -7.79
CA GLY A 105 16.84 -2.21 -7.81
C GLY A 105 15.72 -2.39 -8.84
N GLY A 106 16.03 -2.03 -10.10
CA GLY A 106 15.08 -2.14 -11.20
C GLY A 106 15.33 -1.05 -12.26
N GLY A 1 -23.68 -2.29 -4.50
CA GLY A 1 -22.62 -2.53 -5.49
C GLY A 1 -21.96 -1.22 -5.90
N GLY A 2 -20.64 -1.13 -5.75
CA GLY A 2 -19.89 0.10 -6.04
C GLY A 2 -19.75 1.00 -4.82
N GLY A 3 -19.06 0.49 -3.79
CA GLY A 3 -18.78 1.27 -2.58
C GLY A 3 -17.49 0.83 -1.86
N ARG A 4 -16.66 0.03 -2.57
CA ARG A 4 -15.40 -0.58 -2.03
C ARG A 4 -15.58 -1.06 -0.57
N ASP A 5 -16.43 -2.07 -0.45
CA ASP A 5 -16.87 -2.68 0.82
C ASP A 5 -16.47 -4.16 0.83
N TYR A 6 -16.46 -4.77 -0.38
CA TYR A 6 -16.03 -6.17 -0.62
C TYR A 6 -17.01 -7.20 -0.04
N LYS A 7 -18.20 -6.73 0.38
CA LYS A 7 -19.15 -7.54 1.15
C LYS A 7 -20.56 -7.41 0.56
N ASP A 8 -20.98 -6.14 0.37
CA ASP A 8 -22.33 -5.75 -0.13
C ASP A 8 -23.40 -6.06 0.96
N ASP A 9 -24.69 -5.81 0.64
CA ASP A 9 -25.85 -6.13 1.52
C ASP A 9 -25.94 -5.15 2.70
N ASP A 10 -25.04 -5.29 3.67
CA ASP A 10 -24.93 -4.40 4.85
C ASP A 10 -23.50 -4.46 5.39
N ASP A 11 -23.00 -3.31 5.91
CA ASP A 11 -21.68 -3.15 6.55
C ASP A 11 -20.54 -3.23 5.51
N LYS A 12 -19.48 -2.41 5.70
CA LYS A 12 -18.28 -2.43 4.84
C LYS A 12 -17.07 -2.99 5.59
N GLY A 13 -16.94 -2.64 6.88
CA GLY A 13 -15.78 -3.04 7.71
C GLY A 13 -14.42 -2.58 7.17
N THR A 14 -14.45 -1.68 6.19
CA THR A 14 -13.26 -1.21 5.47
C THR A 14 -12.66 0.02 6.17
N MET A 15 -11.55 0.51 5.64
CA MET A 15 -10.76 1.58 6.22
C MET A 15 -10.11 2.41 5.11
N GLU A 16 -10.21 3.74 5.21
CA GLU A 16 -9.67 4.67 4.21
C GLU A 16 -8.18 4.91 4.49
N LEU A 17 -7.36 5.00 3.44
CA LEU A 17 -5.90 5.07 3.54
C LEU A 17 -5.35 6.04 2.48
N GLU A 18 -4.49 6.99 2.90
CA GLU A 18 -3.83 7.92 1.99
C GLU A 18 -2.50 7.29 1.53
N LEU A 19 -2.50 6.75 0.29
CA LEU A 19 -1.33 6.07 -0.28
C LEU A 19 -0.53 7.05 -1.13
N ARG A 20 0.64 7.43 -0.62
CA ARG A 20 1.49 8.43 -1.22
C ARG A 20 2.60 7.75 -2.03
N PHE A 21 2.59 7.99 -3.34
CA PHE A 21 3.56 7.42 -4.29
C PHE A 21 4.59 8.48 -4.63
N PHE A 22 5.87 8.09 -4.63
CA PHE A 22 6.99 9.02 -4.92
C PHE A 22 7.92 8.40 -5.96
N ALA A 23 8.72 9.28 -6.59
CA ALA A 23 9.72 8.90 -7.59
C ALA A 23 9.08 8.18 -8.82
N THR A 24 9.49 6.92 -9.13
CA THR A 24 8.96 6.14 -10.27
C THR A 24 7.53 5.67 -9.99
N PHE A 25 7.25 5.21 -8.75
CA PHE A 25 5.90 4.74 -8.34
C PHE A 25 4.86 5.87 -8.49
N ARG A 26 5.33 7.14 -8.38
CA ARG A 26 4.49 8.34 -8.51
C ARG A 26 3.96 8.50 -9.93
N GLU A 27 4.86 8.36 -10.93
CA GLU A 27 4.50 8.53 -12.35
C GLU A 27 3.70 7.32 -12.88
N VAL A 28 3.84 6.16 -12.22
CA VAL A 28 3.00 4.97 -12.49
C VAL A 28 1.51 5.30 -12.22
N VAL A 29 1.25 5.77 -10.99
CA VAL A 29 -0.09 6.14 -10.52
C VAL A 29 -0.53 7.50 -11.13
N GLY A 30 0.47 8.28 -11.58
CA GLY A 30 0.22 9.58 -12.22
C GLY A 30 -0.05 10.70 -11.23
N GLN A 31 0.21 10.44 -9.93
CA GLN A 31 -0.02 11.41 -8.84
C GLN A 31 0.73 10.98 -7.57
N LYS A 32 0.99 11.96 -6.68
CA LYS A 32 1.88 11.80 -5.51
C LYS A 32 1.17 11.20 -4.30
N SER A 33 -0.17 11.27 -4.27
CA SER A 33 -0.98 10.72 -3.17
C SER A 33 -2.38 10.34 -3.72
N ILE A 34 -2.98 9.29 -3.15
CA ILE A 34 -4.37 8.87 -3.44
C ILE A 34 -5.06 8.50 -2.12
N TYR A 35 -6.36 8.22 -2.17
CA TYR A 35 -7.09 7.60 -1.07
C TYR A 35 -7.72 6.29 -1.56
N TRP A 36 -7.23 5.18 -1.02
CA TRP A 36 -7.80 3.83 -1.21
C TRP A 36 -8.66 3.48 0.01
N ARG A 37 -9.36 2.35 -0.09
CA ARG A 37 -10.15 1.80 0.99
C ARG A 37 -10.28 0.28 0.83
N VAL A 38 -9.54 -0.44 1.69
CA VAL A 38 -9.54 -1.91 1.80
C VAL A 38 -10.08 -2.30 3.18
N ASP A 39 -10.30 -3.60 3.42
CA ASP A 39 -10.91 -4.11 4.67
C ASP A 39 -9.99 -3.87 5.90
N ASP A 40 -10.57 -3.93 7.12
CA ASP A 40 -9.85 -3.64 8.38
C ASP A 40 -8.89 -4.79 8.76
N ASP A 41 -9.17 -6.02 8.25
CA ASP A 41 -8.28 -7.19 8.47
C ASP A 41 -7.08 -7.15 7.49
N ALA A 42 -7.20 -6.34 6.43
CA ALA A 42 -6.11 -6.06 5.50
C ALA A 42 -5.08 -5.14 6.18
N THR A 43 -3.81 -5.25 5.77
CA THR A 43 -2.69 -4.44 6.29
C THR A 43 -1.89 -3.83 5.11
N VAL A 44 -0.76 -3.13 5.44
CA VAL A 44 0.11 -2.44 4.45
C VAL A 44 0.50 -3.37 3.28
N GLY A 45 0.72 -4.65 3.61
CA GLY A 45 1.12 -5.68 2.66
C GLY A 45 0.01 -6.08 1.70
N ASP A 46 -1.23 -6.18 2.22
CA ASP A 46 -2.42 -6.49 1.40
C ASP A 46 -2.74 -5.32 0.45
N VAL A 47 -2.44 -4.10 0.91
CA VAL A 47 -2.61 -2.87 0.13
C VAL A 47 -1.75 -2.91 -1.14
N LEU A 48 -0.41 -3.01 -0.99
CA LEU A 48 0.52 -3.07 -2.14
C LEU A 48 0.27 -4.35 -2.99
N ARG A 49 -0.16 -5.44 -2.34
CA ARG A 49 -0.62 -6.66 -3.04
C ARG A 49 -1.69 -6.32 -4.12
N SER A 50 -2.70 -5.57 -3.70
CA SER A 50 -3.80 -5.19 -4.57
C SER A 50 -3.41 -4.05 -5.56
N LEU A 51 -2.48 -3.16 -5.16
CA LEU A 51 -2.02 -2.02 -6.01
C LEU A 51 -1.49 -2.48 -7.39
N GLU A 52 -0.77 -3.61 -7.42
CA GLU A 52 -0.25 -4.18 -8.70
C GLU A 52 -1.37 -4.84 -9.52
N ALA A 53 -2.39 -5.35 -8.83
CA ALA A 53 -3.58 -5.97 -9.46
C ALA A 53 -4.40 -4.91 -10.25
N GLU A 54 -4.14 -3.63 -9.93
CA GLU A 54 -4.67 -2.48 -10.67
C GLU A 54 -3.64 -2.00 -11.69
N TYR A 55 -2.46 -1.64 -11.17
CA TYR A 55 -1.42 -0.92 -11.90
C TYR A 55 -0.38 -1.89 -12.48
N ASP A 56 -0.31 -1.93 -13.82
CA ASP A 56 0.69 -2.74 -14.57
C ASP A 56 2.11 -2.19 -14.34
N GLY A 57 2.19 -0.86 -14.12
CA GLY A 57 3.46 -0.17 -13.82
C GLY A 57 4.01 -0.48 -12.43
N LEU A 58 3.15 -0.96 -11.50
CA LEU A 58 3.56 -1.37 -10.14
C LEU A 58 3.74 -2.89 -10.01
N ALA A 59 3.49 -3.64 -11.11
CA ALA A 59 3.44 -5.12 -11.05
C ALA A 59 4.80 -5.73 -10.61
N GLY A 60 4.76 -6.48 -9.49
CA GLY A 60 5.91 -7.28 -9.02
C GLY A 60 7.08 -6.49 -8.38
N ARG A 61 7.03 -5.14 -8.44
CA ARG A 61 8.11 -4.26 -7.91
C ARG A 61 7.75 -3.70 -6.52
N LEU A 62 6.61 -4.16 -5.98
CA LEU A 62 6.06 -3.71 -4.69
C LEU A 62 5.87 -4.91 -3.74
N ILE A 63 6.11 -6.14 -4.27
CA ILE A 63 6.19 -7.39 -3.49
C ILE A 63 7.45 -8.18 -3.95
N GLU A 64 8.20 -8.76 -2.99
CA GLU A 64 9.28 -9.72 -3.26
C GLU A 64 9.30 -10.77 -2.14
N ASP A 65 9.22 -12.06 -2.53
CA ASP A 65 9.35 -13.23 -1.61
C ASP A 65 8.29 -13.19 -0.47
N GLY A 66 7.11 -12.64 -0.80
CA GLY A 66 5.97 -12.57 0.13
C GLY A 66 5.97 -11.35 1.03
N GLU A 67 7.12 -10.65 1.11
CA GLU A 67 7.25 -9.38 1.88
C GLU A 67 7.29 -8.20 0.89
N VAL A 68 7.53 -6.96 1.40
CA VAL A 68 7.38 -5.73 0.57
C VAL A 68 8.38 -5.69 -0.64
N LYS A 69 9.71 -5.83 -0.40
CA LYS A 69 10.80 -5.78 -1.44
C LYS A 69 12.07 -5.27 -0.75
N PRO A 70 13.27 -5.85 -1.07
CA PRO A 70 14.57 -5.30 -0.65
C PRO A 70 14.77 -3.85 -1.16
N HIS A 71 15.07 -2.93 -0.23
CA HIS A 71 15.50 -1.55 -0.51
C HIS A 71 14.36 -0.63 -1.02
N VAL A 72 13.13 -1.13 -1.13
CA VAL A 72 11.97 -0.29 -1.47
C VAL A 72 11.62 0.54 -0.21
N ASN A 73 11.72 1.88 -0.30
CA ASN A 73 11.45 2.72 0.88
C ASN A 73 9.95 2.89 1.03
N VAL A 74 9.37 2.17 1.99
CA VAL A 74 7.93 2.12 2.20
C VAL A 74 7.65 2.53 3.64
N LEU A 75 6.68 3.45 3.80
CA LEU A 75 6.38 4.13 5.07
C LEU A 75 4.93 3.90 5.50
N LYS A 76 4.64 4.34 6.72
CA LYS A 76 3.40 4.07 7.44
C LYS A 76 3.23 5.14 8.52
N ASN A 77 2.26 6.05 8.32
CA ASN A 77 2.02 7.22 9.22
C ASN A 77 3.33 8.05 9.39
N GLY A 78 4.13 8.10 8.30
CA GLY A 78 5.42 8.82 8.28
C GLY A 78 6.59 8.06 8.93
N ARG A 79 6.41 6.75 9.18
CA ARG A 79 7.45 5.87 9.76
C ARG A 79 7.75 4.74 8.76
N GLU A 80 9.01 4.64 8.34
CA GLU A 80 9.43 3.75 7.26
C GLU A 80 9.49 2.29 7.76
N VAL A 81 8.55 1.46 7.28
CA VAL A 81 8.36 0.05 7.72
C VAL A 81 9.48 -0.91 7.27
N VAL A 82 10.48 -0.42 6.54
CA VAL A 82 11.70 -1.21 6.23
C VAL A 82 12.57 -1.41 7.50
N HIS A 83 12.30 -0.57 8.54
CA HIS A 83 12.99 -0.63 9.84
C HIS A 83 12.20 -1.46 10.88
N LEU A 84 11.05 -2.03 10.44
CA LEU A 84 10.18 -2.89 11.28
C LEU A 84 9.33 -3.81 10.39
N ASP A 85 8.15 -4.25 10.87
CA ASP A 85 7.19 -5.05 10.06
C ASP A 85 6.70 -4.25 8.83
N GLY A 86 7.16 -4.67 7.63
CA GLY A 86 6.73 -4.06 6.36
C GLY A 86 5.27 -4.32 6.04
N MET A 87 4.88 -5.61 6.10
CA MET A 87 3.56 -6.07 5.63
C MET A 87 2.46 -5.80 6.67
N ALA A 88 2.75 -6.00 7.97
CA ALA A 88 1.73 -5.91 9.04
C ALA A 88 2.32 -5.28 10.31
N THR A 89 2.46 -3.95 10.24
CA THR A 89 2.94 -3.10 11.35
C THR A 89 1.81 -2.78 12.37
N ALA A 90 0.87 -1.91 11.97
CA ALA A 90 -0.06 -1.22 12.89
C ALA A 90 -1.11 -0.39 12.10
N LEU A 91 -1.55 -0.89 10.93
CA LEU A 91 -2.37 -0.09 9.98
C LEU A 91 -3.82 0.03 10.51
N ASP A 92 -4.47 1.15 10.15
CA ASP A 92 -5.76 1.57 10.72
C ASP A 92 -6.46 2.53 9.73
N ASP A 93 -7.72 2.88 10.01
CA ASP A 93 -8.51 3.82 9.19
C ASP A 93 -8.00 5.27 9.32
N GLY A 94 -8.11 6.02 8.20
CA GLY A 94 -7.62 7.39 8.11
C GLY A 94 -6.09 7.50 8.19
N ASP A 95 -5.36 6.38 8.01
CA ASP A 95 -3.88 6.38 8.08
C ASP A 95 -3.29 6.89 6.75
N ALA A 96 -2.00 7.27 6.76
CA ALA A 96 -1.30 7.79 5.58
C ALA A 96 -0.01 6.97 5.31
N VAL A 97 -0.13 5.98 4.43
CA VAL A 97 0.95 5.08 4.01
C VAL A 97 1.72 5.73 2.84
N SER A 98 3.06 5.64 2.83
CA SER A 98 3.88 6.14 1.69
C SER A 98 4.65 4.99 1.03
N VAL A 99 5.11 5.21 -0.22
CA VAL A 99 5.95 4.25 -0.97
C VAL A 99 6.94 5.04 -1.86
N PHE A 100 8.16 4.53 -1.96
CA PHE A 100 9.23 5.03 -2.82
C PHE A 100 9.86 3.77 -3.48
N PRO A 101 10.11 3.75 -4.81
CA PRO A 101 10.77 2.62 -5.50
C PRO A 101 12.21 2.37 -4.96
N PRO A 102 12.73 1.11 -5.12
CA PRO A 102 14.08 0.75 -4.61
C PRO A 102 15.20 1.33 -5.50
N VAL A 103 16.28 1.85 -4.87
CA VAL A 103 17.45 2.39 -5.61
C VAL A 103 18.48 1.26 -5.90
N ALA A 104 17.93 0.07 -6.24
CA ALA A 104 18.70 -1.14 -6.52
C ALA A 104 19.48 -1.00 -7.84
N GLY A 105 20.71 -0.48 -7.73
CA GLY A 105 21.57 -0.25 -8.89
C GLY A 105 23.03 -0.08 -8.47
N GLY A 106 23.64 1.04 -8.87
CA GLY A 106 25.03 1.35 -8.53
C GLY A 106 25.51 2.66 -9.17
N GLY A 1 -12.26 -15.16 0.20
CA GLY A 1 -12.58 -13.72 0.39
C GLY A 1 -11.80 -13.10 1.54
N GLY A 2 -12.44 -13.02 2.72
CA GLY A 2 -11.83 -12.47 3.92
C GLY A 2 -12.87 -12.16 4.99
N GLY A 3 -13.93 -11.46 4.55
CA GLY A 3 -15.04 -11.05 5.44
C GLY A 3 -15.63 -9.72 4.98
N ARG A 4 -16.35 -9.03 5.88
CA ARG A 4 -16.80 -7.62 5.68
C ARG A 4 -17.71 -7.42 4.42
N ASP A 5 -17.99 -6.14 4.12
CA ASP A 5 -18.70 -5.69 2.90
C ASP A 5 -17.81 -4.69 2.15
N TYR A 6 -17.30 -5.10 0.97
CA TYR A 6 -16.28 -4.32 0.21
C TYR A 6 -16.95 -3.27 -0.71
N LYS A 7 -17.64 -2.31 -0.08
CA LYS A 7 -18.28 -1.16 -0.75
C LYS A 7 -18.38 0.01 0.24
N ASP A 8 -18.60 1.23 -0.29
CA ASP A 8 -18.73 2.43 0.56
C ASP A 8 -20.18 2.59 1.01
N ASP A 9 -20.38 2.58 2.34
CA ASP A 9 -21.72 2.62 2.98
C ASP A 9 -21.55 2.85 4.49
N ASP A 10 -22.67 3.05 5.22
CA ASP A 10 -22.69 3.16 6.69
C ASP A 10 -22.06 1.90 7.35
N ASP A 11 -22.45 0.72 6.82
CA ASP A 11 -21.86 -0.58 7.20
C ASP A 11 -20.99 -1.09 6.04
N LYS A 12 -19.76 -1.52 6.35
CA LYS A 12 -18.79 -2.01 5.35
C LYS A 12 -17.61 -2.73 6.00
N GLY A 13 -17.12 -2.18 7.13
CA GLY A 13 -15.92 -2.71 7.77
C GLY A 13 -14.71 -2.65 6.86
N THR A 14 -14.68 -1.62 6.01
CA THR A 14 -13.56 -1.37 5.11
C THR A 14 -13.01 0.03 5.40
N MET A 15 -11.69 0.14 5.32
CA MET A 15 -10.95 1.35 5.70
C MET A 15 -10.46 2.10 4.45
N GLU A 16 -10.63 3.44 4.45
CA GLU A 16 -10.15 4.32 3.38
C GLU A 16 -8.77 4.88 3.76
N LEU A 17 -7.77 4.78 2.87
CA LEU A 17 -6.36 5.09 3.21
C LEU A 17 -5.73 6.02 2.16
N GLU A 18 -4.87 6.95 2.61
CA GLU A 18 -4.15 7.87 1.73
C GLU A 18 -2.82 7.23 1.30
N LEU A 19 -2.78 6.68 0.08
CA LEU A 19 -1.57 6.00 -0.42
C LEU A 19 -0.72 6.99 -1.22
N ARG A 20 0.36 7.44 -0.58
CA ARG A 20 1.26 8.45 -1.14
C ARG A 20 2.39 7.78 -1.93
N PHE A 21 2.46 8.07 -3.22
CA PHE A 21 3.50 7.54 -4.14
C PHE A 21 4.51 8.63 -4.44
N PHE A 22 5.81 8.28 -4.40
CA PHE A 22 6.91 9.22 -4.69
C PHE A 22 7.86 8.60 -5.72
N ALA A 23 8.67 9.48 -6.36
CA ALA A 23 9.67 9.09 -7.36
C ALA A 23 9.00 8.35 -8.56
N THR A 24 9.54 7.18 -8.96
CA THR A 24 9.05 6.41 -10.13
C THR A 24 7.59 5.92 -9.92
N PHE A 25 7.29 5.46 -8.69
CA PHE A 25 5.93 4.96 -8.32
C PHE A 25 4.87 6.08 -8.46
N ARG A 26 5.30 7.34 -8.31
CA ARG A 26 4.42 8.51 -8.39
C ARG A 26 3.89 8.69 -9.81
N GLU A 27 4.81 8.66 -10.80
CA GLU A 27 4.45 8.86 -12.22
C GLU A 27 3.71 7.63 -12.81
N VAL A 28 3.84 6.47 -12.15
CA VAL A 28 3.07 5.27 -12.49
C VAL A 28 1.57 5.50 -12.22
N VAL A 29 1.28 5.92 -10.98
CA VAL A 29 -0.09 6.15 -10.50
C VAL A 29 -0.63 7.51 -11.01
N GLY A 30 0.31 8.38 -11.48
CA GLY A 30 -0.03 9.73 -11.93
C GLY A 30 -0.42 10.65 -10.77
N GLN A 31 -0.17 10.17 -9.55
CA GLN A 31 -0.62 10.79 -8.30
C GLN A 31 0.49 10.70 -7.25
N LYS A 32 0.68 11.79 -6.49
CA LYS A 32 1.61 11.80 -5.34
C LYS A 32 0.93 11.22 -4.10
N SER A 33 -0.40 11.22 -4.09
CA SER A 33 -1.24 10.57 -3.06
C SER A 33 -2.61 10.22 -3.69
N ILE A 34 -3.24 9.13 -3.20
CA ILE A 34 -4.62 8.73 -3.59
C ILE A 34 -5.40 8.35 -2.33
N TYR A 35 -6.67 7.98 -2.49
CA TYR A 35 -7.47 7.36 -1.42
C TYR A 35 -8.06 6.04 -1.92
N TRP A 36 -7.57 4.93 -1.34
CA TRP A 36 -8.06 3.56 -1.58
C TRP A 36 -9.07 3.17 -0.50
N ARG A 37 -9.60 1.95 -0.60
CA ARG A 37 -10.48 1.36 0.42
C ARG A 37 -10.47 -0.15 0.31
N VAL A 38 -9.79 -0.78 1.29
CA VAL A 38 -9.68 -2.25 1.41
C VAL A 38 -10.37 -2.70 2.71
N ASP A 39 -10.42 -4.02 2.94
CA ASP A 39 -10.92 -4.63 4.21
C ASP A 39 -10.14 -4.04 5.43
N ASP A 40 -10.83 -3.88 6.57
CA ASP A 40 -10.24 -3.22 7.76
C ASP A 40 -9.11 -4.07 8.39
N ASP A 41 -9.26 -5.39 8.27
CA ASP A 41 -8.28 -6.37 8.80
C ASP A 41 -7.09 -6.55 7.83
N ALA A 42 -7.18 -5.95 6.63
CA ALA A 42 -6.06 -5.91 5.67
C ALA A 42 -4.93 -5.02 6.23
N THR A 43 -3.71 -5.21 5.72
CA THR A 43 -2.52 -4.48 6.21
C THR A 43 -1.74 -3.87 5.03
N VAL A 44 -0.63 -3.17 5.36
CA VAL A 44 0.23 -2.45 4.38
C VAL A 44 0.71 -3.39 3.24
N GLY A 45 0.97 -4.65 3.58
CA GLY A 45 1.37 -5.69 2.62
C GLY A 45 0.24 -6.11 1.68
N ASP A 46 -0.99 -6.19 2.20
CA ASP A 46 -2.20 -6.46 1.41
C ASP A 46 -2.48 -5.32 0.42
N VAL A 47 -2.21 -4.08 0.86
CA VAL A 47 -2.40 -2.87 0.04
C VAL A 47 -1.51 -2.93 -1.20
N LEU A 48 -0.18 -3.01 -1.03
CA LEU A 48 0.78 -3.09 -2.15
C LEU A 48 0.56 -4.38 -2.99
N ARG A 49 0.11 -5.47 -2.32
CA ARG A 49 -0.32 -6.70 -3.01
C ARG A 49 -1.38 -6.40 -4.09
N SER A 50 -2.38 -5.65 -3.73
CA SER A 50 -3.47 -5.30 -4.64
C SER A 50 -3.03 -4.23 -5.68
N LEU A 51 -2.12 -3.31 -5.25
CA LEU A 51 -1.58 -2.23 -6.12
C LEU A 51 -0.93 -2.76 -7.43
N GLU A 52 -0.29 -3.94 -7.38
CA GLU A 52 0.35 -4.53 -8.59
C GLU A 52 -0.67 -5.18 -9.53
N ALA A 53 -1.80 -5.60 -8.96
CA ALA A 53 -2.91 -6.18 -9.73
C ALA A 53 -3.62 -5.09 -10.56
N GLU A 54 -3.63 -3.87 -10.01
CA GLU A 54 -4.16 -2.69 -10.69
C GLU A 54 -3.15 -2.15 -11.71
N TYR A 55 -1.96 -1.81 -11.20
CA TYR A 55 -0.94 -1.08 -11.93
C TYR A 55 0.16 -2.04 -12.43
N ASP A 56 0.31 -2.12 -13.76
CA ASP A 56 1.40 -2.89 -14.40
C ASP A 56 2.75 -2.23 -14.12
N GLY A 57 2.73 -0.88 -13.92
CA GLY A 57 3.91 -0.11 -13.56
C GLY A 57 4.29 -0.21 -12.09
N LEU A 58 3.50 -0.95 -11.29
CA LEU A 58 3.85 -1.29 -9.90
C LEU A 58 4.06 -2.79 -9.75
N ALA A 59 3.97 -3.55 -10.86
CA ALA A 59 4.08 -5.02 -10.84
C ALA A 59 5.55 -5.49 -10.58
N GLY A 60 5.74 -6.31 -9.53
CA GLY A 60 7.01 -7.03 -9.28
C GLY A 60 8.10 -6.20 -8.61
N ARG A 61 7.75 -5.00 -8.18
CA ARG A 61 8.72 -4.01 -7.62
C ARG A 61 8.29 -3.51 -6.24
N LEU A 62 7.18 -4.07 -5.74
CA LEU A 62 6.55 -3.69 -4.44
C LEU A 62 6.31 -4.94 -3.57
N ILE A 63 6.50 -6.14 -4.16
CA ILE A 63 6.52 -7.45 -3.47
C ILE A 63 7.78 -8.22 -3.88
N GLU A 64 8.51 -8.77 -2.89
CA GLU A 64 9.58 -9.74 -3.13
C GLU A 64 9.44 -10.91 -2.16
N ASP A 65 9.05 -12.08 -2.69
CA ASP A 65 9.06 -13.38 -1.95
C ASP A 65 8.20 -13.31 -0.65
N GLY A 66 7.14 -12.48 -0.70
CA GLY A 66 6.18 -12.37 0.40
C GLY A 66 6.49 -11.27 1.44
N GLU A 67 7.59 -10.52 1.26
CA GLU A 67 7.82 -9.24 1.97
C GLU A 67 7.65 -8.08 0.97
N VAL A 68 7.93 -6.83 1.41
CA VAL A 68 7.80 -5.65 0.54
C VAL A 68 8.81 -5.70 -0.64
N LYS A 69 10.13 -5.81 -0.37
CA LYS A 69 11.23 -5.77 -1.40
C LYS A 69 12.49 -5.20 -0.76
N PRO A 70 13.67 -5.83 -1.02
CA PRO A 70 14.99 -5.21 -0.75
C PRO A 70 15.14 -3.86 -1.49
N HIS A 71 15.50 -2.81 -0.72
CA HIS A 71 15.85 -1.46 -1.23
C HIS A 71 14.64 -0.55 -1.52
N VAL A 72 13.41 -1.11 -1.57
CA VAL A 72 12.20 -0.29 -1.71
C VAL A 72 11.99 0.44 -0.38
N ASN A 73 11.86 1.78 -0.42
CA ASN A 73 11.65 2.56 0.81
C ASN A 73 10.14 2.76 0.98
N VAL A 74 9.54 2.00 1.89
CA VAL A 74 8.09 2.04 2.12
C VAL A 74 7.81 2.43 3.56
N LEU A 75 6.86 3.35 3.71
CA LEU A 75 6.54 4.04 4.98
C LEU A 75 5.09 3.79 5.40
N LYS A 76 4.80 4.23 6.63
CA LYS A 76 3.52 4.06 7.27
C LYS A 76 3.39 5.14 8.37
N ASN A 77 2.58 6.18 8.07
CA ASN A 77 2.34 7.33 8.98
C ASN A 77 3.69 8.02 9.36
N GLY A 78 4.61 8.05 8.37
CA GLY A 78 5.95 8.65 8.53
C GLY A 78 7.04 7.67 8.98
N ARG A 79 6.64 6.47 9.44
CA ARG A 79 7.57 5.43 9.93
C ARG A 79 7.84 4.41 8.81
N GLU A 80 9.12 4.28 8.40
CA GLU A 80 9.52 3.46 7.27
C GLU A 80 9.59 1.96 7.67
N VAL A 81 8.58 1.19 7.20
CA VAL A 81 8.34 -0.22 7.58
C VAL A 81 9.41 -1.22 7.09
N VAL A 82 10.42 -0.73 6.36
CA VAL A 82 11.60 -1.56 6.00
C VAL A 82 12.49 -1.83 7.22
N HIS A 83 12.36 -0.96 8.26
CA HIS A 83 13.10 -1.07 9.52
C HIS A 83 12.35 -1.97 10.52
N LEU A 84 11.05 -2.15 10.27
CA LEU A 84 10.14 -2.98 11.09
C LEU A 84 9.34 -3.92 10.15
N ASP A 85 8.03 -4.13 10.39
CA ASP A 85 7.23 -5.08 9.62
C ASP A 85 6.70 -4.42 8.33
N GLY A 86 7.25 -4.83 7.18
CA GLY A 86 6.82 -4.29 5.89
C GLY A 86 5.43 -4.75 5.49
N MET A 87 5.12 -6.01 5.78
CA MET A 87 3.84 -6.65 5.42
C MET A 87 2.69 -6.34 6.38
N ALA A 88 2.97 -6.25 7.69
CA ALA A 88 1.90 -6.06 8.71
C ALA A 88 2.42 -5.37 9.99
N THR A 89 2.59 -4.05 9.90
CA THR A 89 3.05 -3.22 11.03
C THR A 89 1.94 -2.85 12.04
N ALA A 90 0.94 -2.03 11.59
CA ALA A 90 -0.03 -1.36 12.48
C ALA A 90 -1.05 -0.53 11.66
N LEU A 91 -1.42 -1.01 10.45
CA LEU A 91 -2.26 -0.23 9.51
C LEU A 91 -3.74 -0.19 9.98
N ASP A 92 -4.38 0.98 9.78
CA ASP A 92 -5.69 1.32 10.38
C ASP A 92 -6.49 2.17 9.36
N ASP A 93 -7.68 2.65 9.77
CA ASP A 93 -8.56 3.47 8.89
C ASP A 93 -8.10 4.94 8.84
N GLY A 94 -8.34 5.60 7.67
CA GLY A 94 -7.91 6.98 7.46
C GLY A 94 -6.39 7.16 7.47
N ASP A 95 -5.64 6.05 7.29
CA ASP A 95 -4.18 6.02 7.50
C ASP A 95 -3.42 6.35 6.19
N ALA A 96 -2.30 7.10 6.32
CA ALA A 96 -1.49 7.51 5.16
C ALA A 96 -0.26 6.57 5.00
N VAL A 97 -0.27 5.74 3.94
CA VAL A 97 0.85 4.84 3.59
C VAL A 97 1.68 5.48 2.46
N SER A 98 2.87 5.97 2.81
CA SER A 98 3.82 6.55 1.84
C SER A 98 4.70 5.44 1.24
N VAL A 99 5.13 5.58 -0.03
CA VAL A 99 6.00 4.59 -0.72
C VAL A 99 7.01 5.31 -1.64
N PHE A 100 8.19 4.71 -1.78
CA PHE A 100 9.28 5.16 -2.66
C PHE A 100 9.83 3.88 -3.35
N PRO A 101 10.09 3.89 -4.71
CA PRO A 101 10.67 2.73 -5.45
C PRO A 101 12.07 2.29 -4.92
N PRO A 102 12.55 1.06 -5.31
CA PRO A 102 13.86 0.54 -4.83
C PRO A 102 15.05 1.41 -5.29
N VAL A 103 15.91 1.75 -4.33
CA VAL A 103 17.09 2.62 -4.55
C VAL A 103 18.37 1.79 -4.63
N ALA A 104 19.40 2.35 -5.26
CA ALA A 104 20.72 1.70 -5.38
C ALA A 104 21.48 1.82 -4.05
N GLY A 105 21.86 0.66 -3.47
CA GLY A 105 22.63 0.60 -2.24
C GLY A 105 23.68 -0.51 -2.31
N GLY A 106 24.96 -0.14 -2.28
CA GLY A 106 26.07 -1.09 -2.36
C GLY A 106 27.23 -0.65 -1.46
N GLY A 1 -15.15 -12.94 13.28
CA GLY A 1 -15.87 -11.80 13.90
C GLY A 1 -15.80 -10.54 13.05
N GLY A 2 -16.88 -9.73 13.09
CA GLY A 2 -17.00 -8.52 12.28
C GLY A 2 -17.58 -8.78 10.90
N GLY A 3 -17.90 -7.70 10.16
CA GLY A 3 -18.44 -7.80 8.80
C GLY A 3 -17.44 -8.42 7.85
N ARG A 4 -16.20 -7.85 7.83
CA ARG A 4 -15.05 -8.32 7.03
C ARG A 4 -15.48 -8.51 5.55
N ASP A 5 -15.99 -7.42 4.98
CA ASP A 5 -16.69 -7.39 3.69
C ASP A 5 -16.17 -6.18 2.91
N TYR A 6 -16.08 -6.34 1.58
CA TYR A 6 -15.27 -5.47 0.71
C TYR A 6 -16.13 -4.52 -0.14
N LYS A 7 -17.47 -4.72 -0.15
CA LYS A 7 -18.38 -3.96 -1.05
C LYS A 7 -19.51 -3.25 -0.29
N ASP A 8 -20.38 -2.54 -1.07
CA ASP A 8 -21.59 -1.82 -0.59
C ASP A 8 -21.21 -0.48 0.08
N ASP A 9 -22.23 0.29 0.54
CA ASP A 9 -22.01 1.57 1.29
C ASP A 9 -22.44 1.43 2.77
N ASP A 10 -23.11 0.30 3.10
CA ASP A 10 -23.62 0.01 4.46
C ASP A 10 -22.48 -0.60 5.30
N ASP A 11 -22.80 -1.45 6.31
CA ASP A 11 -21.80 -2.20 7.07
C ASP A 11 -21.07 -3.21 6.17
N LYS A 12 -19.75 -3.22 6.29
CA LYS A 12 -18.84 -4.00 5.45
C LYS A 12 -17.56 -4.28 6.24
N GLY A 13 -16.89 -3.23 6.73
CA GLY A 13 -15.60 -3.40 7.39
C GLY A 13 -14.45 -3.15 6.45
N THR A 14 -14.44 -1.92 5.90
CA THR A 14 -13.36 -1.42 5.03
C THR A 14 -12.74 -0.17 5.66
N MET A 15 -11.42 0.01 5.47
CA MET A 15 -10.67 1.18 5.93
C MET A 15 -10.12 1.99 4.75
N GLU A 16 -10.29 3.32 4.82
CA GLU A 16 -9.88 4.27 3.77
C GLU A 16 -8.46 4.80 4.07
N LEU A 17 -7.60 4.79 3.04
CA LEU A 17 -6.15 5.03 3.21
C LEU A 17 -5.64 6.06 2.17
N GLU A 18 -4.76 6.97 2.60
CA GLU A 18 -4.03 7.87 1.70
C GLU A 18 -2.73 7.20 1.26
N LEU A 19 -2.70 6.66 0.04
CA LEU A 19 -1.52 5.97 -0.49
C LEU A 19 -0.68 6.96 -1.27
N ARG A 20 0.42 7.37 -0.65
CA ARG A 20 1.30 8.42 -1.14
C ARG A 20 2.46 7.77 -1.92
N PHE A 21 2.56 8.07 -3.21
CA PHE A 21 3.59 7.51 -4.11
C PHE A 21 4.62 8.57 -4.45
N PHE A 22 5.90 8.18 -4.45
CA PHE A 22 7.03 9.10 -4.74
C PHE A 22 7.97 8.45 -5.77
N ALA A 23 8.72 9.30 -6.49
CA ALA A 23 9.71 8.88 -7.52
C ALA A 23 9.07 8.02 -8.66
N THR A 24 9.65 6.82 -8.98
CA THR A 24 9.15 5.89 -10.03
C THR A 24 7.68 5.51 -9.79
N PHE A 25 7.36 5.08 -8.55
CA PHE A 25 6.02 4.59 -8.20
C PHE A 25 4.96 5.71 -8.32
N ARG A 26 5.43 6.99 -8.25
CA ARG A 26 4.57 8.18 -8.38
C ARG A 26 4.06 8.33 -9.81
N GLU A 27 4.98 8.21 -10.80
CA GLU A 27 4.65 8.42 -12.22
C GLU A 27 3.86 7.24 -12.79
N VAL A 28 3.99 6.07 -12.16
CA VAL A 28 3.14 4.90 -12.44
C VAL A 28 1.65 5.23 -12.20
N VAL A 29 1.39 5.68 -10.96
CA VAL A 29 0.06 6.06 -10.51
C VAL A 29 -0.36 7.41 -11.12
N GLY A 30 0.65 8.19 -11.55
CA GLY A 30 0.49 9.54 -12.06
C GLY A 30 0.11 10.55 -10.98
N GLN A 31 0.21 10.12 -9.70
CA GLN A 31 -0.25 10.89 -8.53
C GLN A 31 0.72 10.69 -7.36
N LYS A 32 0.93 11.75 -6.54
CA LYS A 32 1.81 11.68 -5.36
C LYS A 32 1.08 11.17 -4.12
N SER A 33 -0.27 11.22 -4.14
CA SER A 33 -1.13 10.64 -3.10
C SER A 33 -2.51 10.34 -3.71
N ILE A 34 -3.09 9.19 -3.34
CA ILE A 34 -4.46 8.79 -3.74
C ILE A 34 -5.24 8.39 -2.49
N TYR A 35 -6.56 8.33 -2.60
CA TYR A 35 -7.42 7.78 -1.55
C TYR A 35 -8.01 6.45 -2.04
N TRP A 36 -7.57 5.38 -1.39
CA TRP A 36 -8.06 4.01 -1.58
C TRP A 36 -8.99 3.63 -0.43
N ARG A 37 -9.53 2.41 -0.52
CA ARG A 37 -10.30 1.79 0.56
C ARG A 37 -10.29 0.28 0.37
N VAL A 38 -9.58 -0.41 1.28
CA VAL A 38 -9.48 -1.89 1.30
C VAL A 38 -10.19 -2.40 2.55
N ASP A 39 -10.19 -3.72 2.73
CA ASP A 39 -10.74 -4.39 3.94
C ASP A 39 -10.04 -3.90 5.25
N ASP A 40 -10.78 -3.94 6.37
CA ASP A 40 -10.32 -3.48 7.71
C ASP A 40 -9.27 -4.44 8.30
N ASP A 41 -9.45 -5.74 8.03
CA ASP A 41 -8.58 -6.82 8.55
C ASP A 41 -7.29 -6.93 7.70
N ALA A 42 -7.30 -6.27 6.52
CA ALA A 42 -6.10 -6.11 5.65
C ALA A 42 -4.99 -5.31 6.36
N THR A 43 -3.78 -5.33 5.79
CA THR A 43 -2.59 -4.62 6.33
C THR A 43 -1.83 -3.91 5.18
N VAL A 44 -0.67 -3.23 5.50
CA VAL A 44 0.18 -2.51 4.49
C VAL A 44 0.54 -3.44 3.30
N GLY A 45 0.78 -4.70 3.64
CA GLY A 45 1.17 -5.73 2.68
C GLY A 45 0.05 -6.13 1.74
N ASP A 46 -1.18 -6.19 2.27
CA ASP A 46 -2.40 -6.49 1.46
C ASP A 46 -2.71 -5.31 0.52
N VAL A 47 -2.35 -4.10 0.96
CA VAL A 47 -2.49 -2.87 0.17
C VAL A 47 -1.58 -2.93 -1.07
N LEU A 48 -0.25 -3.04 -0.87
CA LEU A 48 0.72 -3.10 -2.00
C LEU A 48 0.50 -4.37 -2.85
N ARG A 49 0.02 -5.46 -2.22
CA ARG A 49 -0.45 -6.66 -2.94
C ARG A 49 -1.50 -6.30 -4.02
N SER A 50 -2.47 -5.49 -3.64
CA SER A 50 -3.54 -5.06 -4.52
C SER A 50 -3.05 -4.00 -5.55
N LEU A 51 -2.07 -3.15 -5.14
CA LEU A 51 -1.51 -2.08 -6.01
C LEU A 51 -0.88 -2.63 -7.30
N GLU A 52 -0.31 -3.85 -7.28
CA GLU A 52 0.22 -4.49 -8.51
C GLU A 52 -0.91 -5.08 -9.37
N ALA A 53 -2.02 -5.47 -8.72
CA ALA A 53 -3.21 -6.02 -9.40
C ALA A 53 -3.92 -4.93 -10.21
N GLU A 54 -3.86 -3.69 -9.71
CA GLU A 54 -4.44 -2.50 -10.39
C GLU A 54 -3.45 -1.92 -11.39
N TYR A 55 -2.29 -1.53 -10.85
CA TYR A 55 -1.26 -0.80 -11.58
C TYR A 55 -0.21 -1.75 -12.17
N ASP A 56 -0.14 -1.77 -13.50
CA ASP A 56 0.80 -2.61 -14.28
C ASP A 56 2.24 -2.16 -14.06
N GLY A 57 2.41 -0.84 -13.86
CA GLY A 57 3.73 -0.25 -13.60
C GLY A 57 4.23 -0.47 -12.18
N LEU A 58 3.39 -1.06 -11.30
CA LEU A 58 3.78 -1.41 -9.91
C LEU A 58 3.97 -2.93 -9.74
N ALA A 59 3.83 -3.69 -10.84
CA ALA A 59 3.83 -5.17 -10.79
C ALA A 59 5.21 -5.75 -10.37
N GLY A 60 5.22 -6.53 -9.25
CA GLY A 60 6.39 -7.30 -8.81
C GLY A 60 7.57 -6.47 -8.26
N ARG A 61 7.38 -5.15 -8.12
CA ARG A 61 8.42 -4.20 -7.63
C ARG A 61 8.05 -3.62 -6.26
N LEU A 62 6.94 -4.10 -5.70
CA LEU A 62 6.38 -3.66 -4.39
C LEU A 62 6.18 -4.86 -3.46
N ILE A 63 6.36 -6.08 -4.02
CA ILE A 63 6.41 -7.37 -3.29
C ILE A 63 7.68 -8.13 -3.72
N GLU A 64 8.38 -8.73 -2.74
CA GLU A 64 9.36 -9.80 -2.99
C GLU A 64 9.05 -10.97 -2.07
N ASP A 65 8.54 -12.05 -2.66
CA ASP A 65 8.34 -13.36 -2.01
C ASP A 65 7.54 -13.26 -0.67
N GLY A 66 6.49 -12.42 -0.67
CA GLY A 66 5.58 -12.31 0.48
C GLY A 66 5.95 -11.21 1.48
N GLU A 67 7.12 -10.56 1.30
CA GLU A 67 7.49 -9.34 2.04
C GLU A 67 7.49 -8.14 1.07
N VAL A 68 7.92 -6.94 1.54
CA VAL A 68 7.82 -5.70 0.72
C VAL A 68 8.80 -5.69 -0.49
N LYS A 69 10.14 -5.84 -0.26
CA LYS A 69 11.22 -5.76 -1.31
C LYS A 69 12.54 -5.30 -0.66
N PRO A 70 13.70 -5.95 -1.01
CA PRO A 70 15.04 -5.42 -0.69
C PRO A 70 15.32 -4.06 -1.38
N HIS A 71 15.82 -3.08 -0.60
CA HIS A 71 16.32 -1.77 -1.09
C HIS A 71 15.19 -0.77 -1.46
N VAL A 72 13.91 -1.22 -1.36
CA VAL A 72 12.73 -0.32 -1.46
C VAL A 72 12.61 0.46 -0.13
N ASN A 73 11.98 1.65 -0.18
CA ASN A 73 11.66 2.40 1.04
C ASN A 73 10.15 2.61 1.10
N VAL A 74 9.46 1.84 1.95
CA VAL A 74 8.01 1.93 2.14
C VAL A 74 7.70 2.34 3.58
N LEU A 75 6.61 3.08 3.74
CA LEU A 75 6.28 3.87 4.94
C LEU A 75 4.82 3.61 5.38
N LYS A 76 4.48 4.16 6.55
CA LYS A 76 3.21 3.94 7.26
C LYS A 76 3.00 5.13 8.20
N ASN A 77 2.07 6.04 7.83
CA ASN A 77 1.88 7.37 8.48
C ASN A 77 3.24 8.14 8.55
N GLY A 78 4.06 7.95 7.51
CA GLY A 78 5.40 8.55 7.44
C GLY A 78 6.51 7.70 8.08
N ARG A 79 6.14 6.70 8.89
CA ARG A 79 7.12 5.80 9.56
C ARG A 79 7.53 4.67 8.59
N GLU A 80 8.82 4.63 8.24
CA GLU A 80 9.35 3.73 7.20
C GLU A 80 9.41 2.27 7.71
N VAL A 81 8.49 1.43 7.20
CA VAL A 81 8.30 0.03 7.64
C VAL A 81 9.35 -0.96 7.13
N VAL A 82 10.35 -0.50 6.34
CA VAL A 82 11.50 -1.37 5.97
C VAL A 82 12.44 -1.62 7.17
N HIS A 83 12.26 -0.81 8.25
CA HIS A 83 13.03 -0.95 9.50
C HIS A 83 12.34 -1.98 10.44
N LEU A 84 11.01 -2.12 10.28
CA LEU A 84 10.17 -3.01 11.12
C LEU A 84 9.30 -3.91 10.22
N ASP A 85 8.12 -4.33 10.73
CA ASP A 85 7.14 -5.12 9.96
C ASP A 85 6.58 -4.30 8.78
N GLY A 86 6.99 -4.69 7.55
CA GLY A 86 6.51 -4.04 6.32
C GLY A 86 5.12 -4.50 5.93
N MET A 87 4.89 -5.81 6.02
CA MET A 87 3.61 -6.43 5.60
C MET A 87 2.48 -6.16 6.60
N ALA A 88 2.79 -6.19 7.90
CA ALA A 88 1.76 -6.05 8.96
C ALA A 88 2.34 -5.37 10.22
N THR A 89 2.46 -4.04 10.16
CA THR A 89 2.88 -3.20 11.28
C THR A 89 1.71 -2.90 12.27
N ALA A 90 0.66 -2.20 11.76
CA ALA A 90 -0.46 -1.64 12.58
C ALA A 90 -1.42 -0.84 11.67
N LEU A 91 -1.57 -1.27 10.41
CA LEU A 91 -2.26 -0.51 9.35
C LEU A 91 -3.79 -0.51 9.58
N ASP A 92 -4.31 0.69 9.89
CA ASP A 92 -5.71 0.94 10.26
C ASP A 92 -6.28 2.07 9.38
N ASP A 93 -7.55 2.43 9.65
CA ASP A 93 -8.29 3.45 8.87
C ASP A 93 -7.70 4.85 9.04
N GLY A 94 -7.87 5.67 7.99
CA GLY A 94 -7.39 7.06 7.96
C GLY A 94 -5.87 7.19 7.93
N ASP A 95 -5.14 6.08 7.67
CA ASP A 95 -3.67 6.09 7.59
C ASP A 95 -3.18 6.72 6.28
N ALA A 96 -1.94 7.23 6.28
CA ALA A 96 -1.26 7.71 5.07
C ALA A 96 -0.02 6.82 4.79
N VAL A 97 -0.19 5.80 3.95
CA VAL A 97 0.88 4.83 3.62
C VAL A 97 1.72 5.42 2.47
N SER A 98 2.92 5.86 2.79
CA SER A 98 3.84 6.48 1.82
C SER A 98 4.78 5.42 1.23
N VAL A 99 5.17 5.55 -0.05
CA VAL A 99 6.06 4.57 -0.71
C VAL A 99 7.07 5.30 -1.63
N PHE A 100 8.29 4.78 -1.63
CA PHE A 100 9.38 5.21 -2.50
C PHE A 100 9.92 3.91 -3.15
N PRO A 101 10.21 3.93 -4.48
CA PRO A 101 10.78 2.75 -5.20
C PRO A 101 12.17 2.35 -4.69
N PRO A 102 12.72 1.16 -5.13
CA PRO A 102 14.08 0.76 -4.74
C PRO A 102 15.07 1.81 -5.26
N VAL A 103 15.93 2.31 -4.37
CA VAL A 103 16.75 3.52 -4.62
C VAL A 103 18.07 3.17 -5.33
N ALA A 104 18.62 1.99 -5.02
CA ALA A 104 19.77 1.43 -5.72
C ALA A 104 19.62 -0.10 -5.73
N GLY A 105 19.27 -0.65 -6.90
CA GLY A 105 19.13 -2.09 -7.09
C GLY A 105 20.03 -2.58 -8.21
N GLY A 106 21.35 -2.46 -7.99
CA GLY A 106 22.37 -2.87 -8.96
C GLY A 106 23.52 -3.63 -8.30
N GLY A 1 -26.34 1.27 -0.85
CA GLY A 1 -25.69 2.40 -1.55
C GLY A 1 -24.33 2.72 -0.99
N GLY A 2 -23.97 4.02 -0.97
CA GLY A 2 -22.65 4.47 -0.50
C GLY A 2 -21.58 4.43 -1.58
N GLY A 3 -20.42 5.02 -1.28
CA GLY A 3 -19.31 5.11 -2.23
C GLY A 3 -18.63 3.77 -2.48
N ARG A 4 -17.67 3.42 -1.62
CA ARG A 4 -16.93 2.14 -1.69
C ARG A 4 -17.26 1.29 -0.45
N ASP A 5 -18.32 0.48 -0.58
CA ASP A 5 -18.82 -0.41 0.48
C ASP A 5 -18.85 -1.85 -0.07
N TYR A 6 -17.97 -2.73 0.47
CA TYR A 6 -17.96 -4.17 0.10
C TYR A 6 -19.26 -4.84 0.55
N LYS A 7 -19.57 -4.61 1.85
CA LYS A 7 -20.73 -5.19 2.55
C LYS A 7 -20.59 -6.71 2.78
N ASP A 8 -19.46 -7.30 2.35
CA ASP A 8 -19.18 -8.75 2.46
C ASP A 8 -18.98 -9.16 3.94
N ASP A 9 -18.35 -8.26 4.71
CA ASP A 9 -18.09 -8.45 6.14
C ASP A 9 -19.41 -8.61 6.92
N ASP A 10 -20.18 -7.51 6.95
CA ASP A 10 -21.47 -7.40 7.67
C ASP A 10 -21.94 -5.97 7.44
N ASP A 11 -21.13 -5.02 7.93
CA ASP A 11 -21.20 -3.62 7.53
C ASP A 11 -20.39 -3.49 6.22
N LYS A 12 -20.01 -2.25 5.81
CA LYS A 12 -19.11 -2.02 4.67
C LYS A 12 -17.82 -2.86 4.79
N GLY A 13 -17.30 -2.94 6.04
CA GLY A 13 -16.06 -3.66 6.34
C GLY A 13 -14.87 -3.10 5.61
N THR A 14 -14.89 -1.78 5.40
CA THR A 14 -13.90 -1.06 4.59
C THR A 14 -13.29 0.10 5.37
N MET A 15 -12.00 0.36 5.11
CA MET A 15 -11.27 1.51 5.66
C MET A 15 -10.49 2.20 4.53
N GLU A 16 -10.38 3.54 4.62
CA GLU A 16 -9.83 4.37 3.55
C GLU A 16 -8.43 4.90 3.94
N LEU A 17 -7.39 4.44 3.22
CA LEU A 17 -5.98 4.76 3.51
C LEU A 17 -5.42 5.79 2.51
N GLU A 18 -4.56 6.71 2.99
CA GLU A 18 -3.91 7.72 2.12
C GLU A 18 -2.59 7.17 1.55
N LEU A 19 -2.60 6.72 0.30
CA LEU A 19 -1.43 6.09 -0.32
C LEU A 19 -0.62 7.13 -1.10
N ARG A 20 0.51 7.50 -0.50
CA ARG A 20 1.44 8.46 -1.08
C ARG A 20 2.50 7.72 -1.91
N PHE A 21 2.63 8.07 -3.19
CA PHE A 21 3.61 7.48 -4.12
C PHE A 21 4.66 8.52 -4.48
N PHE A 22 5.93 8.10 -4.52
CA PHE A 22 7.06 9.02 -4.81
C PHE A 22 7.98 8.38 -5.86
N ALA A 23 8.81 9.25 -6.49
CA ALA A 23 9.80 8.87 -7.51
C ALA A 23 9.14 8.11 -8.71
N THR A 24 9.67 6.92 -9.09
CA THR A 24 9.15 6.09 -10.19
C THR A 24 7.68 5.67 -9.93
N PHE A 25 7.41 5.14 -8.72
CA PHE A 25 6.06 4.64 -8.35
C PHE A 25 5.00 5.77 -8.42
N ARG A 26 5.47 7.03 -8.31
CA ARG A 26 4.59 8.20 -8.38
C ARG A 26 4.04 8.39 -9.80
N GLU A 27 4.94 8.38 -10.81
CA GLU A 27 4.55 8.66 -12.21
C GLU A 27 3.79 7.46 -12.83
N VAL A 28 3.97 6.27 -12.24
CA VAL A 28 3.18 5.07 -12.55
C VAL A 28 1.68 5.33 -12.25
N VAL A 29 1.43 5.73 -10.99
CA VAL A 29 0.08 6.01 -10.47
C VAL A 29 -0.41 7.39 -10.95
N GLY A 30 0.55 8.23 -11.41
CA GLY A 30 0.28 9.61 -11.82
C GLY A 30 -0.08 10.53 -10.65
N GLN A 31 0.13 10.02 -9.42
CA GLN A 31 -0.35 10.67 -8.19
C GLN A 31 0.73 10.56 -7.09
N LYS A 32 0.79 11.58 -6.24
CA LYS A 32 1.75 11.68 -5.13
C LYS A 32 1.07 11.38 -3.78
N SER A 33 -0.28 11.48 -3.74
CA SER A 33 -1.12 10.95 -2.65
C SER A 33 -2.53 10.64 -3.20
N ILE A 34 -3.11 9.51 -2.79
CA ILE A 34 -4.49 9.12 -3.13
C ILE A 34 -5.21 8.63 -1.87
N TYR A 35 -6.49 8.28 -2.03
CA TYR A 35 -7.28 7.61 -1.00
C TYR A 35 -7.86 6.31 -1.59
N TRP A 36 -7.36 5.19 -1.06
CA TRP A 36 -7.73 3.83 -1.49
C TRP A 36 -8.63 3.22 -0.44
N ARG A 37 -9.73 2.63 -0.86
CA ARG A 37 -10.61 1.90 0.03
C ARG A 37 -10.26 0.41 -0.04
N VAL A 38 -9.74 -0.12 1.05
CA VAL A 38 -9.49 -1.56 1.24
C VAL A 38 -10.42 -2.06 2.35
N ASP A 39 -10.35 -3.35 2.69
CA ASP A 39 -11.13 -3.89 3.83
C ASP A 39 -10.43 -3.54 5.16
N ASP A 40 -11.15 -3.73 6.27
CA ASP A 40 -10.68 -3.40 7.63
C ASP A 40 -9.47 -4.28 8.06
N ASP A 41 -9.43 -5.54 7.56
CA ASP A 41 -8.36 -6.51 7.95
C ASP A 41 -7.08 -6.27 7.14
N ALA A 42 -7.19 -5.51 6.03
CA ALA A 42 -6.07 -5.17 5.14
C ALA A 42 -4.94 -4.42 5.88
N THR A 43 -3.71 -4.65 5.45
CA THR A 43 -2.51 -3.96 5.96
C THR A 43 -1.63 -3.52 4.77
N VAL A 44 -0.42 -2.96 5.04
CA VAL A 44 0.49 -2.40 4.00
C VAL A 44 0.75 -3.42 2.87
N GLY A 45 0.97 -4.69 3.26
CA GLY A 45 1.22 -5.78 2.33
C GLY A 45 0.01 -6.11 1.45
N ASP A 46 -1.20 -6.07 2.05
CA ASP A 46 -2.46 -6.32 1.32
C ASP A 46 -2.74 -5.19 0.31
N VAL A 47 -2.35 -3.99 0.70
CA VAL A 47 -2.43 -2.80 -0.13
C VAL A 47 -1.57 -2.97 -1.39
N LEU A 48 -0.25 -3.21 -1.21
CA LEU A 48 0.71 -3.25 -2.32
C LEU A 48 0.51 -4.48 -3.25
N ARG A 49 0.03 -5.62 -2.72
CA ARG A 49 -0.30 -6.81 -3.58
C ARG A 49 -1.47 -6.48 -4.52
N SER A 50 -2.42 -5.67 -4.02
CA SER A 50 -3.55 -5.18 -4.80
C SER A 50 -3.14 -4.06 -5.78
N LEU A 51 -2.13 -3.24 -5.37
CA LEU A 51 -1.64 -2.10 -6.19
C LEU A 51 -1.06 -2.56 -7.53
N GLU A 52 -0.33 -3.69 -7.53
CA GLU A 52 0.23 -4.27 -8.78
C GLU A 52 -0.86 -4.92 -9.64
N ALA A 53 -1.94 -5.37 -9.00
CA ALA A 53 -3.09 -5.98 -9.70
C ALA A 53 -3.87 -4.94 -10.52
N GLU A 54 -3.67 -3.64 -10.20
CA GLU A 54 -4.21 -2.52 -10.96
C GLU A 54 -3.13 -2.00 -11.93
N TYR A 55 -2.01 -1.60 -11.32
CA TYR A 55 -0.91 -0.91 -11.99
C TYR A 55 0.17 -1.91 -12.41
N ASP A 56 0.26 -2.18 -13.72
CA ASP A 56 1.32 -3.04 -14.30
C ASP A 56 2.72 -2.41 -14.10
N GLY A 57 2.74 -1.06 -14.00
CA GLY A 57 3.96 -0.31 -13.74
C GLY A 57 4.48 -0.43 -12.31
N LEU A 58 3.71 -1.14 -11.45
CA LEU A 58 4.15 -1.48 -10.08
C LEU A 58 4.37 -2.99 -9.93
N ALA A 59 4.03 -3.79 -10.97
CA ALA A 59 3.98 -5.27 -10.85
C ALA A 59 5.33 -5.88 -10.45
N GLY A 60 5.35 -6.58 -9.30
CA GLY A 60 6.55 -7.27 -8.79
C GLY A 60 7.65 -6.35 -8.27
N ARG A 61 7.39 -5.04 -8.22
CA ARG A 61 8.37 -4.03 -7.79
C ARG A 61 8.16 -3.69 -6.31
N LEU A 62 6.89 -3.76 -5.92
CA LEU A 62 6.42 -3.47 -4.56
C LEU A 62 6.23 -4.78 -3.74
N ILE A 63 6.55 -5.93 -4.37
CA ILE A 63 6.61 -7.27 -3.72
C ILE A 63 7.92 -7.99 -4.13
N GLU A 64 8.56 -8.66 -3.16
CA GLU A 64 9.64 -9.64 -3.43
C GLU A 64 9.67 -10.67 -2.27
N ASP A 65 9.66 -11.98 -2.62
CA ASP A 65 9.78 -13.12 -1.67
C ASP A 65 8.73 -13.05 -0.52
N GLY A 66 7.56 -12.47 -0.86
CA GLY A 66 6.44 -12.33 0.08
C GLY A 66 6.57 -11.17 1.06
N GLU A 67 7.75 -10.51 1.12
CA GLU A 67 7.92 -9.23 1.84
C GLU A 67 7.73 -8.07 0.85
N VAL A 68 7.97 -6.83 1.33
CA VAL A 68 7.78 -5.63 0.51
C VAL A 68 8.77 -5.61 -0.70
N LYS A 69 10.11 -5.71 -0.46
CA LYS A 69 11.18 -5.69 -1.51
C LYS A 69 12.51 -5.18 -0.88
N PRO A 70 13.67 -5.83 -1.21
CA PRO A 70 15.02 -5.28 -0.95
C PRO A 70 15.22 -3.88 -1.60
N HIS A 71 15.67 -2.91 -0.76
CA HIS A 71 16.05 -1.53 -1.17
C HIS A 71 14.83 -0.61 -1.44
N VAL A 72 13.60 -1.16 -1.42
CA VAL A 72 12.37 -0.33 -1.51
C VAL A 72 12.18 0.37 -0.15
N ASN A 73 11.73 1.64 -0.18
CA ASN A 73 11.45 2.38 1.05
C ASN A 73 9.95 2.59 1.15
N VAL A 74 9.31 1.82 2.02
CA VAL A 74 7.86 1.94 2.29
C VAL A 74 7.66 2.43 3.72
N LEU A 75 6.73 3.38 3.87
CA LEU A 75 6.52 4.17 5.08
C LEU A 75 5.04 4.11 5.50
N LYS A 76 4.82 4.19 6.81
CA LYS A 76 3.52 4.48 7.41
C LYS A 76 3.62 5.87 8.08
N ASN A 77 3.00 6.88 7.43
CA ASN A 77 2.87 8.25 7.98
C ASN A 77 4.27 8.88 8.25
N GLY A 78 5.23 8.55 7.38
CA GLY A 78 6.62 9.01 7.50
C GLY A 78 7.53 8.07 8.30
N ARG A 79 6.94 7.10 9.01
CA ARG A 79 7.70 6.08 9.77
C ARG A 79 7.93 4.86 8.87
N GLU A 80 9.16 4.76 8.35
CA GLU A 80 9.51 3.78 7.31
C GLU A 80 9.39 2.32 7.85
N VAL A 81 8.34 1.62 7.40
CA VAL A 81 7.97 0.27 7.89
C VAL A 81 8.97 -0.83 7.48
N VAL A 82 10.03 -0.48 6.71
CA VAL A 82 11.13 -1.42 6.40
C VAL A 82 12.02 -1.68 7.66
N HIS A 83 11.84 -0.85 8.72
CA HIS A 83 12.58 -1.01 10.00
C HIS A 83 11.76 -1.86 11.01
N LEU A 84 10.43 -1.93 10.78
CA LEU A 84 9.49 -2.73 11.58
C LEU A 84 8.72 -3.69 10.64
N ASP A 85 7.48 -4.07 11.03
CA ASP A 85 6.58 -4.86 10.17
C ASP A 85 6.26 -4.10 8.86
N GLY A 86 6.80 -4.59 7.73
CA GLY A 86 6.55 -3.98 6.42
C GLY A 86 5.22 -4.41 5.83
N MET A 87 4.95 -5.72 5.88
CA MET A 87 3.75 -6.34 5.27
C MET A 87 2.48 -6.18 6.14
N ALA A 88 2.65 -5.92 7.46
CA ALA A 88 1.50 -5.78 8.38
C ALA A 88 1.90 -5.06 9.67
N THR A 89 1.99 -3.72 9.61
CA THR A 89 2.36 -2.90 10.77
C THR A 89 1.19 -2.74 11.79
N ALA A 90 0.19 -1.91 11.46
CA ALA A 90 -0.79 -1.42 12.46
C ALA A 90 -1.88 -0.55 11.80
N LEU A 91 -2.28 -0.89 10.56
CA LEU A 91 -3.17 -0.02 9.76
C LEU A 91 -4.63 -0.04 10.28
N ASP A 92 -5.30 1.10 10.07
CA ASP A 92 -6.69 1.37 10.47
C ASP A 92 -7.25 2.46 9.51
N ASP A 93 -8.50 2.86 9.69
CA ASP A 93 -9.15 3.87 8.82
C ASP A 93 -8.47 5.24 8.91
N GLY A 94 -8.14 5.83 7.74
CA GLY A 94 -7.49 7.14 7.65
C GLY A 94 -5.96 7.10 7.76
N ASP A 95 -5.38 5.88 7.80
CA ASP A 95 -3.93 5.67 7.98
C ASP A 95 -3.18 5.85 6.64
N ALA A 96 -2.19 6.79 6.62
CA ALA A 96 -1.41 7.12 5.41
C ALA A 96 -0.22 6.16 5.23
N VAL A 97 -0.12 5.51 4.04
CA VAL A 97 1.01 4.66 3.67
C VAL A 97 1.78 5.28 2.49
N SER A 98 2.97 5.81 2.77
CA SER A 98 3.87 6.36 1.74
C SER A 98 4.74 5.24 1.14
N VAL A 99 5.17 5.40 -0.13
CA VAL A 99 6.07 4.43 -0.80
C VAL A 99 7.10 5.19 -1.69
N PHE A 100 8.29 4.62 -1.77
CA PHE A 100 9.40 5.07 -2.63
C PHE A 100 9.96 3.81 -3.31
N PRO A 101 10.23 3.81 -4.64
CA PRO A 101 10.78 2.64 -5.38
C PRO A 101 12.17 2.16 -4.86
N PRO A 102 12.60 0.92 -5.26
CA PRO A 102 13.89 0.35 -4.82
C PRO A 102 15.08 1.18 -5.35
N VAL A 103 16.00 1.53 -4.44
CA VAL A 103 17.15 2.41 -4.73
C VAL A 103 18.46 1.59 -4.73
N ALA A 104 19.18 1.62 -5.86
CA ALA A 104 20.42 0.85 -6.05
C ALA A 104 21.47 1.72 -6.76
N GLY A 105 22.74 1.54 -6.39
CA GLY A 105 23.86 2.31 -6.94
C GLY A 105 25.09 2.18 -6.07
N GLY A 106 24.89 2.30 -4.74
CA GLY A 106 25.95 2.17 -3.74
C GLY A 106 25.36 1.81 -2.37
N GLY A 1 -21.94 -2.54 -7.87
CA GLY A 1 -22.55 -2.07 -6.60
C GLY A 1 -21.52 -1.87 -5.49
N GLY A 2 -21.22 -2.95 -4.74
CA GLY A 2 -20.41 -2.87 -3.51
C GLY A 2 -18.94 -3.21 -3.74
N GLY A 3 -18.20 -2.23 -4.30
CA GLY A 3 -16.76 -2.37 -4.55
C GLY A 3 -15.91 -1.96 -3.34
N ARG A 4 -16.32 -0.86 -2.67
CA ARG A 4 -15.59 -0.27 -1.53
C ARG A 4 -15.82 -1.08 -0.23
N ASP A 5 -16.98 -1.75 -0.14
CA ASP A 5 -17.30 -2.66 1.00
C ASP A 5 -16.68 -4.05 0.77
N TYR A 6 -16.56 -4.41 -0.53
CA TYR A 6 -16.02 -5.71 -1.01
C TYR A 6 -16.99 -6.87 -0.72
N LYS A 7 -17.17 -7.17 0.57
CA LYS A 7 -18.07 -8.24 1.07
C LYS A 7 -19.37 -7.63 1.63
N ASP A 8 -20.32 -8.52 1.97
CA ASP A 8 -21.58 -8.17 2.65
C ASP A 8 -21.66 -8.95 3.98
N ASP A 9 -21.41 -8.25 5.10
CA ASP A 9 -21.52 -8.80 6.47
C ASP A 9 -21.64 -7.63 7.45
N ASP A 10 -20.56 -6.83 7.47
CA ASP A 10 -20.53 -5.54 8.18
C ASP A 10 -21.10 -4.46 7.23
N ASP A 11 -21.38 -3.26 7.77
CA ASP A 11 -21.81 -2.09 6.96
C ASP A 11 -20.69 -1.62 6.00
N LYS A 12 -19.44 -1.99 6.32
CA LYS A 12 -18.25 -1.75 5.48
C LYS A 12 -17.18 -2.81 5.77
N GLY A 13 -16.70 -2.86 7.03
CA GLY A 13 -15.55 -3.71 7.41
C GLY A 13 -14.31 -3.37 6.59
N THR A 14 -14.20 -2.09 6.22
CA THR A 14 -13.20 -1.56 5.29
C THR A 14 -12.72 -0.18 5.76
N MET A 15 -11.41 0.06 5.59
CA MET A 15 -10.74 1.30 6.01
C MET A 15 -10.22 2.09 4.80
N GLU A 16 -10.50 3.40 4.77
CA GLU A 16 -10.02 4.32 3.71
C GLU A 16 -8.60 4.79 4.06
N LEU A 17 -7.68 4.66 3.10
CA LEU A 17 -6.24 4.94 3.31
C LEU A 17 -5.72 5.91 2.25
N GLU A 18 -4.90 6.91 2.66
CA GLU A 18 -4.27 7.85 1.72
C GLU A 18 -2.91 7.28 1.27
N LEU A 19 -2.88 6.71 0.06
CA LEU A 19 -1.67 6.06 -0.46
C LEU A 19 -0.87 7.08 -1.28
N ARG A 20 0.25 7.50 -0.70
CA ARG A 20 1.12 8.52 -1.27
C ARG A 20 2.28 7.84 -2.03
N PHE A 21 2.39 8.12 -3.32
CA PHE A 21 3.42 7.56 -4.22
C PHE A 21 4.43 8.64 -4.56
N PHE A 22 5.72 8.29 -4.49
CA PHE A 22 6.82 9.22 -4.76
C PHE A 22 7.79 8.61 -5.77
N ALA A 23 8.61 9.48 -6.38
CA ALA A 23 9.67 9.11 -7.33
C ALA A 23 9.07 8.39 -8.59
N THR A 24 9.52 7.15 -8.90
CA THR A 24 9.00 6.36 -10.03
C THR A 24 7.54 5.90 -9.78
N PHE A 25 7.26 5.40 -8.57
CA PHE A 25 5.90 4.90 -8.19
C PHE A 25 4.84 6.01 -8.35
N ARG A 26 5.27 7.28 -8.21
CA ARG A 26 4.41 8.47 -8.39
C ARG A 26 3.91 8.57 -9.84
N GLU A 27 4.85 8.55 -10.80
CA GLU A 27 4.53 8.75 -12.23
C GLU A 27 3.83 7.51 -12.83
N VAL A 28 4.02 6.35 -12.18
CA VAL A 28 3.24 5.13 -12.48
C VAL A 28 1.73 5.36 -12.21
N VAL A 29 1.43 5.89 -11.01
CA VAL A 29 0.04 6.18 -10.60
C VAL A 29 -0.46 7.51 -11.22
N GLY A 30 0.50 8.31 -11.74
CA GLY A 30 0.21 9.59 -12.39
C GLY A 30 -0.12 10.70 -11.40
N GLN A 31 0.18 10.46 -10.11
CA GLN A 31 -0.12 11.38 -8.99
C GLN A 31 0.63 10.94 -7.74
N LYS A 32 0.86 11.90 -6.83
CA LYS A 32 1.72 11.73 -5.64
C LYS A 32 0.96 11.21 -4.41
N SER A 33 -0.38 11.24 -4.45
CA SER A 33 -1.24 10.76 -3.35
C SER A 33 -2.62 10.37 -3.93
N ILE A 34 -3.25 9.36 -3.32
CA ILE A 34 -4.63 8.91 -3.64
C ILE A 34 -5.35 8.55 -2.33
N TYR A 35 -6.65 8.27 -2.41
CA TYR A 35 -7.38 7.57 -1.35
C TYR A 35 -7.94 6.25 -1.90
N TRP A 36 -7.40 5.15 -1.38
CA TRP A 36 -7.93 3.80 -1.54
C TRP A 36 -8.87 3.48 -0.38
N ARG A 37 -9.40 2.27 -0.40
CA ARG A 37 -10.21 1.69 0.66
C ARG A 37 -10.14 0.18 0.54
N VAL A 38 -9.46 -0.45 1.50
CA VAL A 38 -9.26 -1.91 1.57
C VAL A 38 -10.03 -2.44 2.78
N ASP A 39 -10.03 -3.76 2.96
CA ASP A 39 -10.65 -4.42 4.12
C ASP A 39 -9.84 -4.09 5.41
N ASP A 40 -10.49 -4.20 6.59
CA ASP A 40 -9.81 -3.95 7.89
C ASP A 40 -8.87 -5.13 8.25
N ASP A 41 -9.10 -6.29 7.60
CA ASP A 41 -8.24 -7.47 7.74
C ASP A 41 -7.00 -7.32 6.83
N ALA A 42 -7.14 -6.49 5.78
CA ALA A 42 -6.02 -6.09 4.92
C ALA A 42 -5.11 -5.13 5.68
N THR A 43 -3.81 -5.18 5.36
CA THR A 43 -2.77 -4.33 5.99
C THR A 43 -1.88 -3.71 4.88
N VAL A 44 -0.80 -3.01 5.30
CA VAL A 44 0.18 -2.33 4.39
C VAL A 44 0.72 -3.28 3.28
N GLY A 45 0.91 -4.55 3.66
CA GLY A 45 1.35 -5.59 2.73
C GLY A 45 0.27 -6.00 1.72
N ASP A 46 -0.99 -6.11 2.20
CA ASP A 46 -2.14 -6.43 1.32
C ASP A 46 -2.46 -5.24 0.39
N VAL A 47 -2.18 -4.01 0.87
CA VAL A 47 -2.36 -2.77 0.10
C VAL A 47 -1.51 -2.82 -1.18
N LEU A 48 -0.18 -2.95 -1.02
CA LEU A 48 0.75 -3.00 -2.17
C LEU A 48 0.55 -4.29 -3.00
N ARG A 49 0.12 -5.38 -2.33
CA ARG A 49 -0.32 -6.63 -3.00
C ARG A 49 -1.45 -6.36 -4.01
N SER A 50 -2.44 -5.61 -3.60
CA SER A 50 -3.59 -5.25 -4.42
C SER A 50 -3.22 -4.16 -5.47
N LEU A 51 -2.28 -3.25 -5.10
CA LEU A 51 -1.83 -2.13 -5.99
C LEU A 51 -1.31 -2.62 -7.34
N GLU A 52 -0.48 -3.67 -7.31
CA GLU A 52 0.09 -4.28 -8.54
C GLU A 52 -1.00 -4.90 -9.44
N ALA A 53 -2.10 -5.37 -8.82
CA ALA A 53 -3.23 -5.99 -9.54
C ALA A 53 -3.93 -4.96 -10.46
N GLU A 54 -3.79 -3.67 -10.15
CA GLU A 54 -4.31 -2.57 -10.99
C GLU A 54 -3.19 -2.04 -11.89
N TYR A 55 -2.12 -1.60 -11.22
CA TYR A 55 -0.98 -0.92 -11.84
C TYR A 55 0.09 -1.93 -12.25
N ASP A 56 0.16 -2.17 -13.56
CA ASP A 56 1.21 -2.99 -14.20
C ASP A 56 2.59 -2.35 -13.97
N GLY A 57 2.60 -1.00 -13.91
CA GLY A 57 3.81 -0.21 -13.62
C GLY A 57 4.34 -0.40 -12.19
N LEU A 58 3.48 -0.93 -11.29
CA LEU A 58 3.85 -1.26 -9.90
C LEU A 58 4.06 -2.78 -9.71
N ALA A 59 3.65 -3.58 -10.72
CA ALA A 59 3.67 -5.07 -10.62
C ALA A 59 5.07 -5.62 -10.31
N GLY A 60 5.17 -6.37 -9.19
CA GLY A 60 6.37 -7.14 -8.83
C GLY A 60 7.48 -6.31 -8.15
N ARG A 61 7.46 -4.98 -8.31
CA ARG A 61 8.52 -4.07 -7.80
C ARG A 61 8.17 -3.53 -6.39
N LEU A 62 7.01 -3.97 -5.88
CA LEU A 62 6.49 -3.58 -4.55
C LEU A 62 6.22 -4.84 -3.70
N ILE A 63 6.60 -6.04 -4.22
CA ILE A 63 6.56 -7.34 -3.49
C ILE A 63 7.82 -8.16 -3.86
N GLU A 64 8.38 -8.89 -2.87
CA GLU A 64 9.36 -9.98 -3.12
C GLU A 64 9.19 -11.09 -2.06
N ASP A 65 8.81 -12.30 -2.52
CA ASP A 65 8.74 -13.53 -1.67
C ASP A 65 7.82 -13.32 -0.44
N GLY A 66 6.78 -12.48 -0.60
CA GLY A 66 5.76 -12.26 0.43
C GLY A 66 6.12 -11.20 1.47
N GLU A 67 7.23 -10.48 1.29
CA GLU A 67 7.52 -9.23 2.05
C GLU A 67 7.34 -8.04 1.10
N VAL A 68 7.66 -6.81 1.60
CA VAL A 68 7.52 -5.60 0.78
C VAL A 68 8.45 -5.61 -0.45
N LYS A 69 9.78 -5.77 -0.26
CA LYS A 69 10.83 -5.76 -1.34
C LYS A 69 12.14 -5.24 -0.72
N PRO A 70 13.29 -5.92 -0.97
CA PRO A 70 14.64 -5.36 -0.68
C PRO A 70 14.90 -4.07 -1.49
N HIS A 71 15.56 -3.09 -0.85
CA HIS A 71 15.96 -1.78 -1.44
C HIS A 71 14.81 -0.75 -1.51
N VAL A 72 13.54 -1.22 -1.48
CA VAL A 72 12.36 -0.31 -1.55
C VAL A 72 12.22 0.45 -0.22
N ASN A 73 11.62 1.64 -0.26
CA ASN A 73 11.37 2.45 0.93
C ASN A 73 9.87 2.67 1.04
N VAL A 74 9.21 1.95 1.96
CA VAL A 74 7.75 2.04 2.18
C VAL A 74 7.49 2.51 3.62
N LEU A 75 6.61 3.51 3.72
CA LEU A 75 6.35 4.26 4.96
C LEU A 75 4.87 4.15 5.37
N LYS A 76 4.63 3.83 6.64
CA LYS A 76 3.31 3.85 7.25
C LYS A 76 3.21 5.07 8.19
N ASN A 77 2.36 6.04 7.80
CA ASN A 77 2.12 7.30 8.54
C ASN A 77 3.45 8.08 8.74
N GLY A 78 4.34 7.98 7.73
CA GLY A 78 5.64 8.66 7.75
C GLY A 78 6.77 7.85 8.43
N ARG A 79 6.43 6.68 8.99
CA ARG A 79 7.40 5.77 9.66
C ARG A 79 7.72 4.59 8.72
N GLU A 80 8.97 4.51 8.25
CA GLU A 80 9.38 3.55 7.19
C GLU A 80 9.37 2.09 7.72
N VAL A 81 8.41 1.29 7.23
CA VAL A 81 8.14 -0.09 7.72
C VAL A 81 9.14 -1.15 7.23
N VAL A 82 10.12 -0.75 6.40
CA VAL A 82 11.22 -1.66 5.98
C VAL A 82 12.16 -1.99 7.17
N HIS A 83 12.10 -1.14 8.22
CA HIS A 83 12.92 -1.29 9.44
C HIS A 83 12.24 -2.25 10.45
N LEU A 84 10.93 -2.48 10.23
CA LEU A 84 10.09 -3.34 11.09
C LEU A 84 9.18 -4.22 10.21
N ASP A 85 8.00 -4.62 10.73
CA ASP A 85 6.98 -5.35 9.96
C ASP A 85 6.49 -4.49 8.78
N GLY A 86 6.89 -4.88 7.56
CA GLY A 86 6.48 -4.19 6.34
C GLY A 86 5.16 -4.69 5.78
N MET A 87 4.86 -5.97 6.04
CA MET A 87 3.62 -6.62 5.59
C MET A 87 2.43 -6.30 6.51
N ALA A 88 2.67 -6.23 7.84
CA ALA A 88 1.60 -5.94 8.82
C ALA A 88 2.16 -5.28 10.10
N THR A 89 2.32 -3.95 10.06
CA THR A 89 2.73 -3.14 11.22
C THR A 89 1.54 -2.81 12.17
N ALA A 90 0.61 -1.93 11.73
CA ALA A 90 -0.38 -1.23 12.59
C ALA A 90 -1.27 -0.30 11.74
N LEU A 91 -1.56 -0.72 10.50
CA LEU A 91 -2.29 0.12 9.53
C LEU A 91 -3.78 0.17 9.93
N ASP A 92 -4.25 1.37 10.30
CA ASP A 92 -5.63 1.60 10.74
C ASP A 92 -6.36 2.54 9.78
N ASP A 93 -7.64 2.83 10.07
CA ASP A 93 -8.51 3.63 9.19
C ASP A 93 -8.13 5.13 9.24
N GLY A 94 -8.22 5.78 8.07
CA GLY A 94 -7.82 7.17 7.92
C GLY A 94 -6.31 7.41 7.94
N ASP A 95 -5.51 6.35 7.73
CA ASP A 95 -4.03 6.41 7.76
C ASP A 95 -3.44 6.58 6.35
N ALA A 96 -2.37 7.39 6.27
CA ALA A 96 -1.66 7.70 5.02
C ALA A 96 -0.40 6.80 4.87
N VAL A 97 -0.44 5.85 3.94
CA VAL A 97 0.71 4.98 3.63
C VAL A 97 1.49 5.56 2.45
N SER A 98 2.67 6.12 2.76
CA SER A 98 3.61 6.65 1.76
C SER A 98 4.48 5.51 1.17
N VAL A 99 4.93 5.63 -0.09
CA VAL A 99 5.79 4.62 -0.74
C VAL A 99 6.80 5.33 -1.67
N PHE A 100 8.00 4.75 -1.75
CA PHE A 100 9.10 5.21 -2.60
C PHE A 100 9.72 3.94 -3.25
N PRO A 101 10.03 3.95 -4.58
CA PRO A 101 10.68 2.81 -5.30
C PRO A 101 12.08 2.43 -4.75
N PRO A 102 12.62 1.23 -5.12
CA PRO A 102 13.97 0.79 -4.69
C PRO A 102 15.09 1.70 -5.24
N VAL A 103 15.99 2.12 -4.33
CA VAL A 103 17.11 3.02 -4.66
C VAL A 103 18.30 2.27 -5.27
N ALA A 104 18.44 0.97 -4.94
CA ALA A 104 19.56 0.13 -5.39
C ALA A 104 19.03 -1.01 -6.28
N GLY A 105 19.59 -1.11 -7.51
CA GLY A 105 19.25 -2.19 -8.45
C GLY A 105 17.79 -2.16 -8.91
N GLY A 106 16.98 -3.08 -8.37
CA GLY A 106 15.56 -3.16 -8.68
C GLY A 106 14.84 -4.14 -7.77
N GLY A 1 -22.78 5.80 -8.40
CA GLY A 1 -22.45 4.46 -8.91
C GLY A 1 -22.34 3.43 -7.79
N GLY A 2 -21.10 3.20 -7.29
CA GLY A 2 -20.86 2.23 -6.23
C GLY A 2 -19.49 2.42 -5.57
N GLY A 3 -19.36 1.92 -4.33
CA GLY A 3 -18.11 1.98 -3.57
C GLY A 3 -17.50 0.59 -3.39
N ARG A 4 -17.03 0.28 -2.16
CA ARG A 4 -16.42 -1.03 -1.84
C ARG A 4 -16.58 -1.34 -0.34
N ASP A 5 -17.42 -2.34 -0.03
CA ASP A 5 -17.62 -2.86 1.33
C ASP A 5 -18.11 -4.33 1.28
N TYR A 6 -17.65 -5.13 2.25
CA TYR A 6 -17.85 -6.60 2.26
C TYR A 6 -19.04 -7.01 3.09
N LYS A 7 -19.08 -6.43 4.29
CA LYS A 7 -20.03 -6.81 5.34
C LYS A 7 -19.79 -8.27 5.79
N ASP A 8 -18.65 -8.48 6.47
CA ASP A 8 -18.33 -9.74 7.15
C ASP A 8 -19.22 -9.83 8.40
N ASP A 9 -19.09 -8.77 9.22
CA ASP A 9 -20.00 -8.45 10.34
C ASP A 9 -21.11 -7.48 9.81
N ASP A 10 -21.95 -6.94 10.71
CA ASP A 10 -23.04 -5.99 10.35
C ASP A 10 -22.53 -4.72 9.65
N ASP A 11 -21.33 -4.26 10.04
CA ASP A 11 -20.72 -3.01 9.50
C ASP A 11 -20.14 -3.24 8.08
N LYS A 12 -19.54 -2.17 7.51
CA LYS A 12 -18.98 -2.17 6.12
C LYS A 12 -17.79 -3.15 5.95
N GLY A 13 -16.97 -3.29 7.03
CA GLY A 13 -15.79 -4.16 6.99
C GLY A 13 -14.70 -3.67 6.05
N THR A 14 -14.59 -2.34 5.94
CA THR A 14 -13.66 -1.66 5.04
C THR A 14 -13.21 -0.34 5.67
N MET A 15 -12.06 0.17 5.20
CA MET A 15 -11.45 1.40 5.72
C MET A 15 -10.72 2.12 4.59
N GLU A 16 -10.73 3.46 4.62
CA GLU A 16 -10.04 4.31 3.64
C GLU A 16 -8.59 4.58 4.09
N LEU A 17 -7.64 4.59 3.13
CA LEU A 17 -6.21 4.81 3.41
C LEU A 17 -5.63 5.81 2.38
N GLU A 18 -4.80 6.75 2.81
CA GLU A 18 -4.17 7.72 1.90
C GLU A 18 -2.83 7.14 1.40
N LEU A 19 -2.82 6.67 0.15
CA LEU A 19 -1.62 6.05 -0.43
C LEU A 19 -0.81 7.09 -1.17
N ARG A 20 0.29 7.50 -0.52
CA ARG A 20 1.20 8.50 -1.04
C ARG A 20 2.32 7.80 -1.83
N PHE A 21 2.40 8.08 -3.13
CA PHE A 21 3.42 7.49 -4.03
C PHE A 21 4.48 8.56 -4.33
N PHE A 22 5.76 8.15 -4.33
CA PHE A 22 6.89 9.06 -4.60
C PHE A 22 7.83 8.44 -5.64
N ALA A 23 8.63 9.33 -6.26
CA ALA A 23 9.64 8.99 -7.25
C ALA A 23 9.05 8.25 -8.48
N THR A 24 9.48 6.98 -8.75
CA THR A 24 8.99 6.19 -9.89
C THR A 24 7.54 5.75 -9.66
N PHE A 25 7.26 5.21 -8.44
CA PHE A 25 5.92 4.71 -8.07
C PHE A 25 4.86 5.83 -8.18
N ARG A 26 5.31 7.09 -8.04
CA ARG A 26 4.45 8.27 -8.21
C ARG A 26 3.97 8.42 -9.66
N GLU A 27 4.94 8.44 -10.60
CA GLU A 27 4.65 8.68 -12.03
C GLU A 27 4.01 7.45 -12.69
N VAL A 28 4.15 6.28 -12.03
CA VAL A 28 3.41 5.05 -12.40
C VAL A 28 1.89 5.28 -12.22
N VAL A 29 1.54 5.70 -11.00
CA VAL A 29 0.15 5.97 -10.60
C VAL A 29 -0.33 7.32 -11.18
N GLY A 30 0.64 8.14 -11.62
CA GLY A 30 0.37 9.45 -12.25
C GLY A 30 -0.05 10.52 -11.26
N GLN A 31 0.23 10.28 -9.95
CA GLN A 31 -0.23 11.15 -8.84
C GLN A 31 0.52 10.77 -7.54
N LYS A 32 0.69 11.78 -6.65
CA LYS A 32 1.59 11.69 -5.48
C LYS A 32 0.89 11.18 -4.21
N SER A 33 -0.45 11.30 -4.15
CA SER A 33 -1.26 10.79 -3.03
C SER A 33 -2.69 10.52 -3.52
N ILE A 34 -3.26 9.38 -3.12
CA ILE A 34 -4.65 8.99 -3.44
C ILE A 34 -5.36 8.57 -2.16
N TYR A 35 -6.65 8.25 -2.28
CA TYR A 35 -7.42 7.62 -1.20
C TYR A 35 -8.01 6.31 -1.73
N TRP A 36 -7.48 5.20 -1.19
CA TRP A 36 -7.96 3.82 -1.46
C TRP A 36 -8.93 3.41 -0.36
N ARG A 37 -9.48 2.21 -0.50
CA ARG A 37 -10.34 1.59 0.49
C ARG A 37 -10.30 0.08 0.29
N VAL A 38 -9.65 -0.60 1.24
CA VAL A 38 -9.55 -2.07 1.26
C VAL A 38 -10.31 -2.59 2.48
N ASP A 39 -10.33 -3.92 2.63
CA ASP A 39 -10.92 -4.59 3.80
C ASP A 39 -10.29 -4.06 5.12
N ASP A 40 -11.07 -4.04 6.21
CA ASP A 40 -10.63 -3.45 7.49
C ASP A 40 -9.46 -4.26 8.10
N ASP A 41 -9.41 -5.57 7.77
CA ASP A 41 -8.32 -6.47 8.25
C ASP A 41 -7.05 -6.30 7.37
N ALA A 42 -7.26 -5.84 6.12
CA ALA A 42 -6.18 -5.74 5.11
C ALA A 42 -5.09 -4.75 5.56
N THR A 43 -3.83 -5.21 5.51
CA THR A 43 -2.66 -4.47 6.01
C THR A 43 -1.76 -4.04 4.83
N VAL A 44 -0.55 -3.47 5.14
CA VAL A 44 0.35 -2.82 4.13
C VAL A 44 0.59 -3.73 2.92
N GLY A 45 0.80 -5.02 3.20
CA GLY A 45 1.03 -6.03 2.19
C GLY A 45 -0.18 -6.24 1.28
N ASP A 46 -1.37 -6.30 1.90
CA ASP A 46 -2.65 -6.45 1.17
C ASP A 46 -2.93 -5.25 0.26
N VAL A 47 -2.48 -4.08 0.70
CA VAL A 47 -2.56 -2.85 -0.08
C VAL A 47 -1.69 -2.98 -1.34
N LEU A 48 -0.37 -3.21 -1.18
CA LEU A 48 0.60 -3.19 -2.30
C LEU A 48 0.41 -4.39 -3.28
N ARG A 49 -0.06 -5.57 -2.81
CA ARG A 49 -0.36 -6.71 -3.72
C ARG A 49 -1.55 -6.40 -4.64
N SER A 50 -2.52 -5.65 -4.09
CA SER A 50 -3.68 -5.17 -4.85
C SER A 50 -3.30 -3.99 -5.78
N LEU A 51 -2.32 -3.16 -5.37
CA LEU A 51 -1.80 -2.04 -6.21
C LEU A 51 -1.24 -2.56 -7.54
N GLU A 52 -0.37 -3.59 -7.50
CA GLU A 52 0.20 -4.20 -8.72
C GLU A 52 -0.87 -4.92 -9.55
N ALA A 53 -1.95 -5.37 -8.88
CA ALA A 53 -3.07 -6.04 -9.54
C ALA A 53 -3.81 -5.06 -10.49
N GLU A 54 -3.64 -3.74 -10.25
CA GLU A 54 -4.13 -2.68 -11.15
C GLU A 54 -2.99 -2.23 -12.07
N TYR A 55 -1.90 -1.76 -11.44
CA TYR A 55 -0.78 -1.09 -12.09
C TYR A 55 0.31 -2.10 -12.51
N ASP A 56 0.46 -2.29 -13.82
CA ASP A 56 1.55 -3.09 -14.41
C ASP A 56 2.91 -2.40 -14.18
N GLY A 57 2.85 -1.06 -14.04
CA GLY A 57 4.01 -0.22 -13.69
C GLY A 57 4.52 -0.46 -12.27
N LEU A 58 3.69 -1.08 -11.41
CA LEU A 58 4.06 -1.48 -10.04
C LEU A 58 4.35 -2.99 -9.93
N ALA A 59 3.95 -3.77 -10.94
CA ALA A 59 3.97 -5.25 -10.87
C ALA A 59 5.39 -5.82 -10.59
N GLY A 60 5.50 -6.56 -9.47
CA GLY A 60 6.73 -7.29 -9.11
C GLY A 60 7.88 -6.42 -8.61
N ARG A 61 7.61 -5.13 -8.32
CA ARG A 61 8.64 -4.17 -7.85
C ARG A 61 8.27 -3.60 -6.46
N LEU A 62 6.98 -3.66 -6.10
CA LEU A 62 6.51 -3.34 -4.73
C LEU A 62 6.23 -4.63 -3.94
N ILE A 63 6.62 -5.78 -4.55
CA ILE A 63 6.64 -7.11 -3.91
C ILE A 63 7.91 -7.87 -4.37
N GLU A 64 8.53 -8.64 -3.47
CA GLU A 64 9.56 -9.65 -3.80
C GLU A 64 9.56 -10.71 -2.70
N ASP A 65 9.37 -11.98 -3.08
CA ASP A 65 9.40 -13.16 -2.16
C ASP A 65 8.29 -13.07 -1.08
N GLY A 66 7.16 -12.44 -1.45
CA GLY A 66 5.99 -12.31 -0.57
C GLY A 66 6.09 -11.16 0.45
N GLU A 67 7.24 -10.45 0.50
CA GLU A 67 7.41 -9.23 1.34
C GLU A 67 7.42 -7.99 0.43
N VAL A 68 7.70 -6.80 1.05
CA VAL A 68 7.66 -5.51 0.34
C VAL A 68 8.65 -5.48 -0.87
N LYS A 69 9.95 -5.77 -0.64
CA LYS A 69 11.04 -5.83 -1.66
C LYS A 69 12.35 -5.43 -0.95
N PRO A 70 13.49 -6.14 -1.21
CA PRO A 70 14.83 -5.67 -0.81
C PRO A 70 15.13 -4.28 -1.40
N HIS A 71 15.57 -3.35 -0.53
CA HIS A 71 16.03 -1.98 -0.92
C HIS A 71 14.89 -1.00 -1.26
N VAL A 72 13.62 -1.47 -1.31
CA VAL A 72 12.45 -0.57 -1.51
C VAL A 72 12.20 0.19 -0.18
N ASN A 73 11.78 1.46 -0.27
CA ASN A 73 11.51 2.26 0.94
C ASN A 73 10.01 2.51 1.03
N VAL A 74 9.34 1.80 1.93
CA VAL A 74 7.89 1.95 2.16
C VAL A 74 7.65 2.39 3.61
N LEU A 75 6.72 3.34 3.76
CA LEU A 75 6.51 4.12 4.99
C LEU A 75 5.03 4.05 5.42
N LYS A 76 4.81 3.98 6.73
CA LYS A 76 3.51 4.21 7.38
C LYS A 76 3.61 5.50 8.22
N ASN A 77 2.94 6.56 7.76
CA ASN A 77 2.84 7.87 8.48
C ASN A 77 4.26 8.47 8.71
N GLY A 78 5.14 8.24 7.70
CA GLY A 78 6.52 8.74 7.72
C GLY A 78 7.52 7.76 8.36
N ARG A 79 7.00 6.75 9.10
CA ARG A 79 7.84 5.71 9.73
C ARG A 79 8.06 4.58 8.72
N GLU A 80 9.29 4.47 8.22
CA GLU A 80 9.65 3.53 7.15
C GLU A 80 9.54 2.07 7.65
N VAL A 81 8.46 1.37 7.22
CA VAL A 81 8.09 0.04 7.72
C VAL A 81 9.05 -1.08 7.28
N VAL A 82 10.08 -0.75 6.48
CA VAL A 82 11.16 -1.71 6.14
C VAL A 82 12.12 -1.93 7.33
N HIS A 83 11.97 -1.09 8.38
CA HIS A 83 12.72 -1.21 9.64
C HIS A 83 12.00 -2.16 10.61
N LEU A 84 10.66 -2.29 10.43
CA LEU A 84 9.78 -3.14 11.26
C LEU A 84 8.90 -4.01 10.36
N ASP A 85 7.69 -4.38 10.83
CA ASP A 85 6.69 -5.08 10.00
C ASP A 85 6.34 -4.26 8.74
N GLY A 86 6.83 -4.73 7.58
CA GLY A 86 6.52 -4.10 6.29
C GLY A 86 5.22 -4.61 5.70
N MET A 87 4.89 -5.87 6.00
CA MET A 87 3.66 -6.52 5.54
C MET A 87 2.44 -6.14 6.42
N ALA A 88 2.65 -5.96 7.74
CA ALA A 88 1.53 -5.69 8.69
C ALA A 88 2.01 -4.94 9.95
N THR A 89 2.15 -3.60 9.84
CA THR A 89 2.56 -2.74 10.96
C THR A 89 1.37 -2.41 11.91
N ALA A 90 0.37 -1.60 11.43
CA ALA A 90 -0.61 -0.92 12.32
C ALA A 90 -1.74 -0.21 11.53
N LEU A 91 -2.16 -0.76 10.37
CA LEU A 91 -3.08 -0.08 9.45
C LEU A 91 -4.53 -0.05 9.97
N ASP A 92 -5.21 1.07 9.68
CA ASP A 92 -6.56 1.41 10.15
C ASP A 92 -7.17 2.45 9.18
N ASP A 93 -8.36 2.97 9.47
CA ASP A 93 -9.01 4.03 8.66
C ASP A 93 -8.26 5.38 8.79
N GLY A 94 -8.19 6.12 7.68
CA GLY A 94 -7.48 7.41 7.60
C GLY A 94 -5.95 7.30 7.58
N ASP A 95 -5.42 6.05 7.53
CA ASP A 95 -3.98 5.79 7.66
C ASP A 95 -3.24 6.02 6.34
N ALA A 96 -2.29 6.99 6.36
CA ALA A 96 -1.51 7.37 5.18
C ALA A 96 -0.29 6.45 4.99
N VAL A 97 -0.38 5.53 4.02
CA VAL A 97 0.72 4.64 3.65
C VAL A 97 1.52 5.29 2.50
N SER A 98 2.71 5.79 2.82
CA SER A 98 3.64 6.39 1.85
C SER A 98 4.53 5.28 1.24
N VAL A 99 4.95 5.43 -0.03
CA VAL A 99 5.83 4.44 -0.71
C VAL A 99 6.85 5.18 -1.60
N PHE A 100 8.03 4.59 -1.69
CA PHE A 100 9.12 5.01 -2.58
C PHE A 100 9.61 3.73 -3.27
N PRO A 101 10.03 3.79 -4.57
CA PRO A 101 10.75 2.69 -5.26
C PRO A 101 12.12 2.37 -4.61
N PRO A 102 12.79 1.24 -4.99
CA PRO A 102 14.13 0.93 -4.46
C PRO A 102 15.14 2.02 -4.85
N VAL A 103 15.89 2.52 -3.85
CA VAL A 103 16.73 3.73 -4.00
C VAL A 103 18.11 3.42 -4.62
N ALA A 104 18.28 2.15 -5.05
CA ALA A 104 19.48 1.67 -5.77
C ALA A 104 19.13 0.36 -6.49
N GLY A 105 18.51 -0.57 -5.73
CA GLY A 105 18.11 -1.90 -6.24
C GLY A 105 18.96 -3.01 -5.61
N GLY A 106 18.80 -4.25 -6.11
CA GLY A 106 19.57 -5.41 -5.62
C GLY A 106 18.94 -6.06 -4.37
N GLY A 1 -25.91 -3.37 -7.08
CA GLY A 1 -25.14 -2.90 -5.90
C GLY A 1 -23.67 -2.72 -6.25
N GLY A 2 -22.79 -3.41 -5.51
CA GLY A 2 -21.34 -3.31 -5.72
C GLY A 2 -20.75 -2.04 -5.12
N GLY A 3 -20.96 -1.86 -3.82
CA GLY A 3 -20.42 -0.74 -3.08
C GLY A 3 -19.04 -1.03 -2.48
N ARG A 4 -18.65 -0.26 -1.47
CA ARG A 4 -17.38 -0.43 -0.75
C ARG A 4 -17.53 -1.40 0.44
N ASP A 5 -18.47 -2.36 0.33
CA ASP A 5 -18.82 -3.27 1.43
C ASP A 5 -17.89 -4.50 1.42
N TYR A 6 -17.94 -5.24 0.30
CA TYR A 6 -17.20 -6.52 0.12
C TYR A 6 -17.67 -7.60 1.14
N LYS A 7 -17.12 -8.84 0.99
CA LYS A 7 -17.39 -10.01 1.88
C LYS A 7 -18.90 -10.18 2.25
N ASP A 8 -19.20 -10.85 3.39
CA ASP A 8 -20.56 -10.92 3.97
C ASP A 8 -20.63 -10.03 5.23
N ASP A 9 -21.75 -10.14 5.97
CA ASP A 9 -21.99 -9.50 7.30
C ASP A 9 -22.26 -7.98 7.17
N ASP A 10 -23.02 -7.44 8.15
CA ASP A 10 -23.41 -6.02 8.23
C ASP A 10 -22.18 -5.11 8.41
N ASP A 11 -22.37 -3.83 8.00
CA ASP A 11 -21.29 -2.80 7.90
C ASP A 11 -20.28 -3.13 6.77
N LYS A 12 -19.72 -2.08 6.16
CA LYS A 12 -18.75 -2.20 5.06
C LYS A 12 -17.45 -2.85 5.51
N GLY A 13 -17.09 -2.65 6.78
CA GLY A 13 -15.86 -3.22 7.36
C GLY A 13 -14.58 -2.87 6.60
N THR A 14 -14.60 -1.66 6.00
CA THR A 14 -13.53 -1.13 5.16
C THR A 14 -13.05 0.21 5.73
N MET A 15 -11.74 0.44 5.65
CA MET A 15 -11.08 1.65 6.15
C MET A 15 -10.34 2.36 4.99
N GLU A 16 -10.47 3.69 4.95
CA GLU A 16 -9.95 4.52 3.84
C GLU A 16 -8.52 5.00 4.17
N LEU A 17 -7.66 5.03 3.13
CA LEU A 17 -6.20 5.23 3.27
C LEU A 17 -5.69 6.24 2.23
N GLU A 18 -4.78 7.12 2.64
CA GLU A 18 -4.04 8.02 1.73
C GLU A 18 -2.73 7.33 1.31
N LEU A 19 -2.69 6.81 0.08
CA LEU A 19 -1.50 6.12 -0.44
C LEU A 19 -0.64 7.12 -1.20
N ARG A 20 0.44 7.54 -0.56
CA ARG A 20 1.39 8.51 -1.08
C ARG A 20 2.50 7.79 -1.85
N PHE A 21 2.64 8.08 -3.14
CA PHE A 21 3.68 7.53 -4.02
C PHE A 21 4.70 8.61 -4.32
N PHE A 22 5.99 8.24 -4.34
CA PHE A 22 7.09 9.18 -4.63
C PHE A 22 8.04 8.54 -5.67
N ALA A 23 8.84 9.41 -6.32
CA ALA A 23 9.83 9.03 -7.34
C ALA A 23 9.19 8.29 -8.57
N THR A 24 9.68 7.07 -8.91
CA THR A 24 9.19 6.29 -10.07
C THR A 24 7.75 5.81 -9.83
N PHE A 25 7.47 5.24 -8.64
CA PHE A 25 6.13 4.73 -8.26
C PHE A 25 5.04 5.83 -8.36
N ARG A 26 5.49 7.08 -8.21
CA ARG A 26 4.62 8.27 -8.28
C ARG A 26 4.10 8.50 -9.69
N GLU A 27 5.03 8.55 -10.67
CA GLU A 27 4.69 8.81 -12.08
C GLU A 27 4.04 7.57 -12.75
N VAL A 28 4.23 6.38 -12.13
CA VAL A 28 3.49 5.15 -12.50
C VAL A 28 2.00 5.33 -12.21
N VAL A 29 1.69 5.82 -11.01
CA VAL A 29 0.32 6.07 -10.54
C VAL A 29 -0.22 7.40 -11.13
N GLY A 30 0.71 8.28 -11.54
CA GLY A 30 0.37 9.62 -12.01
C GLY A 30 -0.14 10.53 -10.89
N GLN A 31 0.19 10.14 -9.66
CA GLN A 31 -0.28 10.79 -8.42
C GLN A 31 0.81 10.66 -7.35
N LYS A 32 1.01 11.74 -6.60
CA LYS A 32 1.93 11.77 -5.45
C LYS A 32 1.23 11.25 -4.18
N SER A 33 -0.12 11.29 -4.21
CA SER A 33 -0.99 10.68 -3.19
C SER A 33 -2.36 10.35 -3.82
N ILE A 34 -3.01 9.28 -3.33
CA ILE A 34 -4.39 8.89 -3.70
C ILE A 34 -5.15 8.51 -2.42
N TYR A 35 -6.47 8.37 -2.50
CA TYR A 35 -7.28 7.75 -1.43
C TYR A 35 -7.86 6.43 -1.95
N TRP A 36 -7.39 5.31 -1.36
CA TRP A 36 -7.93 3.96 -1.57
C TRP A 36 -8.83 3.59 -0.39
N ARG A 37 -9.42 2.40 -0.46
CA ARG A 37 -10.24 1.84 0.63
C ARG A 37 -10.29 0.32 0.50
N VAL A 38 -9.57 -0.37 1.41
CA VAL A 38 -9.58 -1.84 1.54
C VAL A 38 -10.22 -2.19 2.89
N ASP A 39 -10.46 -3.49 3.15
CA ASP A 39 -11.09 -3.95 4.39
C ASP A 39 -10.17 -3.70 5.62
N ASP A 40 -10.78 -3.70 6.81
CA ASP A 40 -10.07 -3.35 8.06
C ASP A 40 -9.17 -4.51 8.54
N ASP A 41 -9.44 -5.71 8.04
CA ASP A 41 -8.63 -6.91 8.33
C ASP A 41 -7.37 -6.90 7.42
N ALA A 42 -7.45 -6.12 6.32
CA ALA A 42 -6.30 -5.87 5.42
C ALA A 42 -5.29 -4.92 6.08
N THR A 43 -4.03 -5.02 5.63
CA THR A 43 -2.89 -4.25 6.17
C THR A 43 -2.05 -3.70 4.99
N VAL A 44 -0.90 -3.06 5.32
CA VAL A 44 0.00 -2.38 4.34
C VAL A 44 0.38 -3.31 3.17
N GLY A 45 0.57 -4.59 3.49
CA GLY A 45 0.92 -5.61 2.53
C GLY A 45 -0.19 -5.93 1.55
N ASP A 46 -1.43 -6.02 2.05
CA ASP A 46 -2.64 -6.23 1.22
C ASP A 46 -2.84 -5.07 0.24
N VAL A 47 -2.48 -3.86 0.70
CA VAL A 47 -2.58 -2.64 -0.09
C VAL A 47 -1.65 -2.70 -1.32
N LEU A 48 -0.33 -2.84 -1.11
CA LEU A 48 0.64 -2.90 -2.22
C LEU A 48 0.43 -4.16 -3.08
N ARG A 49 -0.05 -5.25 -2.44
CA ARG A 49 -0.47 -6.48 -3.15
C ARG A 49 -1.50 -6.16 -4.25
N SER A 50 -2.51 -5.40 -3.91
CA SER A 50 -3.57 -5.03 -4.84
C SER A 50 -3.11 -3.96 -5.85
N LEU A 51 -2.19 -3.06 -5.42
CA LEU A 51 -1.65 -1.96 -6.26
C LEU A 51 -1.05 -2.47 -7.60
N GLU A 52 -0.33 -3.60 -7.57
CA GLU A 52 0.27 -4.19 -8.80
C GLU A 52 -0.79 -4.81 -9.72
N ALA A 53 -1.91 -5.27 -9.12
CA ALA A 53 -3.05 -5.81 -9.86
C ALA A 53 -3.71 -4.72 -10.73
N GLU A 54 -3.56 -3.46 -10.28
CA GLU A 54 -4.03 -2.27 -11.02
C GLU A 54 -2.96 -1.81 -12.01
N TYR A 55 -1.77 -1.49 -11.47
CA TYR A 55 -0.70 -0.82 -12.19
C TYR A 55 0.36 -1.83 -12.65
N ASP A 56 0.57 -1.91 -13.97
CA ASP A 56 1.58 -2.77 -14.61
C ASP A 56 3.01 -2.26 -14.28
N GLY A 57 3.12 -0.93 -14.06
CA GLY A 57 4.37 -0.27 -13.69
C GLY A 57 4.71 -0.43 -12.21
N LEU A 58 3.83 -1.13 -11.46
CA LEU A 58 4.06 -1.50 -10.05
C LEU A 58 4.16 -3.03 -9.88
N ALA A 59 4.05 -3.80 -10.99
CA ALA A 59 4.01 -5.27 -10.94
C ALA A 59 5.37 -5.89 -10.53
N GLY A 60 5.36 -6.67 -9.43
CA GLY A 60 6.53 -7.47 -8.99
C GLY A 60 7.65 -6.68 -8.32
N ARG A 61 7.45 -5.37 -8.10
CA ARG A 61 8.51 -4.45 -7.56
C ARG A 61 8.08 -3.83 -6.21
N LEU A 62 6.92 -4.28 -5.71
CA LEU A 62 6.31 -3.80 -4.45
C LEU A 62 6.02 -4.99 -3.51
N ILE A 63 6.19 -6.22 -4.05
CA ILE A 63 6.23 -7.49 -3.28
C ILE A 63 7.43 -8.32 -3.77
N GLU A 64 8.17 -8.91 -2.80
CA GLU A 64 9.20 -9.92 -3.10
C GLU A 64 9.29 -10.89 -1.92
N ASP A 65 9.12 -12.19 -2.20
CA ASP A 65 9.25 -13.31 -1.22
C ASP A 65 8.28 -13.15 -0.03
N GLY A 66 7.11 -12.54 -0.31
CA GLY A 66 6.05 -12.39 0.69
C GLY A 66 6.19 -11.15 1.57
N GLU A 67 7.37 -10.50 1.57
CA GLU A 67 7.58 -9.19 2.22
C GLU A 67 7.50 -8.07 1.17
N VAL A 68 7.76 -6.80 1.57
CA VAL A 68 7.63 -5.65 0.66
C VAL A 68 8.58 -5.77 -0.56
N LYS A 69 9.92 -5.93 -0.34
CA LYS A 69 10.97 -5.98 -1.42
C LYS A 69 12.31 -5.56 -0.81
N PRO A 70 13.42 -6.29 -1.12
CA PRO A 70 14.81 -5.81 -0.86
C PRO A 70 15.10 -4.50 -1.62
N HIS A 71 15.72 -3.55 -0.93
CA HIS A 71 16.22 -2.24 -1.50
C HIS A 71 15.11 -1.19 -1.68
N VAL A 72 13.82 -1.59 -1.57
CA VAL A 72 12.68 -0.64 -1.65
C VAL A 72 12.59 0.15 -0.33
N ASN A 73 12.06 1.38 -0.38
CA ASN A 73 11.87 2.20 0.83
C ASN A 73 10.39 2.53 0.94
N VAL A 74 9.70 1.86 1.86
CA VAL A 74 8.25 2.02 2.06
C VAL A 74 7.97 2.43 3.50
N LEU A 75 6.93 3.26 3.65
CA LEU A 75 6.61 3.99 4.89
C LEU A 75 5.14 3.74 5.32
N LYS A 76 4.83 4.24 6.51
CA LYS A 76 3.54 4.04 7.20
C LYS A 76 3.42 5.11 8.30
N ASN A 77 2.59 6.13 8.06
CA ASN A 77 2.41 7.30 8.96
C ASN A 77 3.79 7.99 9.24
N GLY A 78 4.66 7.99 8.18
CA GLY A 78 6.00 8.57 8.25
C GLY A 78 7.12 7.59 8.71
N ARG A 79 6.73 6.43 9.27
CA ARG A 79 7.67 5.40 9.73
C ARG A 79 7.99 4.42 8.59
N GLU A 80 9.27 4.35 8.20
CA GLU A 80 9.73 3.48 7.11
C GLU A 80 9.69 2.00 7.56
N VAL A 81 8.65 1.27 7.10
CA VAL A 81 8.35 -0.12 7.52
C VAL A 81 9.35 -1.18 7.02
N VAL A 82 10.38 -0.76 6.26
CA VAL A 82 11.48 -1.67 5.87
C VAL A 82 12.38 -2.02 7.10
N HIS A 83 12.25 -1.22 8.18
CA HIS A 83 12.99 -1.43 9.45
C HIS A 83 12.20 -2.32 10.42
N LEU A 84 10.91 -2.57 10.10
CA LEU A 84 9.97 -3.34 10.94
C LEU A 84 9.01 -4.15 10.05
N ASP A 85 7.80 -4.45 10.53
CA ASP A 85 6.78 -5.18 9.76
C ASP A 85 6.30 -4.33 8.57
N GLY A 86 6.69 -4.73 7.35
CA GLY A 86 6.26 -4.04 6.13
C GLY A 86 4.88 -4.47 5.68
N MET A 87 4.61 -5.77 5.82
CA MET A 87 3.37 -6.41 5.35
C MET A 87 2.18 -6.18 6.31
N ALA A 88 2.46 -6.18 7.62
CA ALA A 88 1.40 -6.06 8.64
C ALA A 88 1.96 -5.42 9.93
N THR A 89 2.14 -4.09 9.89
CA THR A 89 2.55 -3.30 11.07
C THR A 89 1.34 -2.96 11.99
N ALA A 90 0.49 -2.01 11.57
CA ALA A 90 -0.46 -1.31 12.48
C ALA A 90 -1.47 -0.44 11.70
N LEU A 91 -1.87 -0.89 10.49
CA LEU A 91 -2.63 -0.04 9.54
C LEU A 91 -4.10 0.13 9.99
N ASP A 92 -4.65 1.33 9.72
CA ASP A 92 -5.93 1.80 10.28
C ASP A 92 -6.53 2.88 9.34
N ASP A 93 -7.80 3.26 9.56
CA ASP A 93 -8.48 4.32 8.77
C ASP A 93 -7.82 5.70 9.00
N GLY A 94 -7.90 6.54 7.95
CA GLY A 94 -7.30 7.88 7.96
C GLY A 94 -5.77 7.87 8.01
N ASP A 95 -5.14 6.70 7.73
CA ASP A 95 -3.68 6.56 7.71
C ASP A 95 -3.11 7.03 6.36
N ALA A 96 -1.84 7.45 6.34
CA ALA A 96 -1.14 7.84 5.10
C ALA A 96 0.06 6.90 4.87
N VAL A 97 -0.14 5.90 3.99
CA VAL A 97 0.92 4.93 3.63
C VAL A 97 1.75 5.53 2.48
N SER A 98 2.97 5.97 2.81
CA SER A 98 3.91 6.53 1.83
C SER A 98 4.79 5.41 1.25
N VAL A 99 5.18 5.50 -0.03
CA VAL A 99 6.07 4.51 -0.67
C VAL A 99 7.06 5.23 -1.61
N PHE A 100 8.27 4.71 -1.66
CA PHE A 100 9.34 5.13 -2.58
C PHE A 100 9.83 3.83 -3.27
N PRO A 101 10.17 3.87 -4.59
CA PRO A 101 10.74 2.71 -5.33
C PRO A 101 12.13 2.30 -4.79
N PRO A 102 12.67 1.11 -5.21
CA PRO A 102 14.01 0.68 -4.78
C PRO A 102 15.08 1.72 -5.18
N VAL A 103 15.89 2.10 -4.19
CA VAL A 103 16.86 3.21 -4.31
C VAL A 103 18.13 2.75 -5.02
N ALA A 104 18.40 1.44 -4.95
CA ALA A 104 19.48 0.81 -5.73
C ALA A 104 19.13 0.83 -7.24
N GLY A 105 17.83 0.66 -7.54
CA GLY A 105 17.32 0.71 -8.90
C GLY A 105 16.12 -0.20 -9.09
N GLY A 106 16.31 -1.47 -8.74
CA GLY A 106 15.27 -2.49 -8.90
C GLY A 106 15.85 -3.88 -8.65
N GLY A 1 -26.03 -16.76 0.97
CA GLY A 1 -25.88 -16.30 2.37
C GLY A 1 -24.42 -16.18 2.77
N GLY A 2 -23.93 -14.93 2.88
CA GLY A 2 -22.53 -14.67 3.22
C GLY A 2 -22.19 -13.20 3.24
N GLY A 3 -20.92 -12.87 3.56
CA GLY A 3 -20.48 -11.48 3.69
C GLY A 3 -19.05 -11.26 3.19
N ARG A 4 -18.86 -10.15 2.46
CA ARG A 4 -17.56 -9.72 1.92
C ARG A 4 -17.59 -8.19 1.76
N ASP A 5 -16.48 -7.58 1.33
CA ASP A 5 -16.24 -6.15 1.49
C ASP A 5 -15.49 -5.56 0.28
N TYR A 6 -14.49 -4.67 0.53
CA TYR A 6 -13.72 -3.90 -0.48
C TYR A 6 -14.62 -2.81 -1.11
N LYS A 7 -15.69 -3.24 -1.76
CA LYS A 7 -16.82 -2.36 -2.17
C LYS A 7 -17.51 -1.74 -0.93
N ASP A 8 -18.38 -0.74 -1.17
CA ASP A 8 -19.09 -0.04 -0.07
C ASP A 8 -20.27 -0.89 0.45
N ASP A 9 -21.41 -0.88 -0.28
CA ASP A 9 -22.61 -1.72 0.01
C ASP A 9 -23.20 -1.42 1.42
N ASP A 10 -24.25 -2.18 1.82
CA ASP A 10 -24.81 -2.17 3.19
C ASP A 10 -23.77 -2.55 4.25
N ASP A 11 -22.82 -3.43 3.87
CA ASP A 11 -21.73 -3.88 4.77
C ASP A 11 -20.40 -3.95 4.01
N LYS A 12 -19.33 -3.52 4.69
CA LYS A 12 -17.95 -3.59 4.21
C LYS A 12 -17.02 -3.86 5.43
N GLY A 13 -16.97 -2.94 6.40
CA GLY A 13 -15.97 -2.99 7.47
C GLY A 13 -14.57 -2.62 7.00
N THR A 14 -14.51 -1.83 5.92
CA THR A 14 -13.26 -1.43 5.25
C THR A 14 -12.82 -0.05 5.72
N MET A 15 -11.50 0.10 5.84
CA MET A 15 -10.85 1.34 6.26
C MET A 15 -10.27 2.07 5.03
N GLU A 16 -10.40 3.40 5.02
CA GLU A 16 -9.94 4.26 3.90
C GLU A 16 -8.54 4.78 4.20
N LEU A 17 -7.64 4.65 3.23
CA LEU A 17 -6.19 4.90 3.41
C LEU A 17 -5.69 5.92 2.39
N GLU A 18 -4.83 6.85 2.82
CA GLU A 18 -4.18 7.80 1.91
C GLU A 18 -2.87 7.17 1.42
N LEU A 19 -2.85 6.65 0.18
CA LEU A 19 -1.68 5.99 -0.36
C LEU A 19 -0.85 7.01 -1.13
N ARG A 20 0.25 7.44 -0.49
CA ARG A 20 1.14 8.47 -1.02
C ARG A 20 2.26 7.81 -1.82
N PHE A 21 2.32 8.11 -3.12
CA PHE A 21 3.32 7.54 -4.04
C PHE A 21 4.35 8.61 -4.38
N PHE A 22 5.63 8.20 -4.42
CA PHE A 22 6.76 9.11 -4.71
C PHE A 22 7.68 8.47 -5.76
N ALA A 23 8.42 9.33 -6.48
CA ALA A 23 9.40 8.96 -7.51
C ALA A 23 8.74 8.18 -8.69
N THR A 24 9.27 6.97 -9.05
CA THR A 24 8.72 6.13 -10.13
C THR A 24 7.29 5.67 -9.80
N PHE A 25 7.07 5.24 -8.55
CA PHE A 25 5.74 4.77 -8.09
C PHE A 25 4.68 5.88 -8.21
N ARG A 26 5.13 7.16 -8.12
CA ARG A 26 4.26 8.34 -8.23
C ARG A 26 3.70 8.48 -9.64
N GLU A 27 4.60 8.48 -10.64
CA GLU A 27 4.26 8.73 -12.06
C GLU A 27 3.53 7.53 -12.70
N VAL A 28 3.70 6.34 -12.08
CA VAL A 28 2.89 5.15 -12.39
C VAL A 28 1.40 5.42 -12.11
N VAL A 29 1.15 5.98 -10.93
CA VAL A 29 -0.21 6.28 -10.43
C VAL A 29 -0.71 7.64 -10.99
N GLY A 30 0.26 8.49 -11.41
CA GLY A 30 -0.03 9.86 -11.85
C GLY A 30 -0.44 10.77 -10.70
N GLN A 31 -0.16 10.33 -9.47
CA GLN A 31 -0.60 10.99 -8.22
C GLN A 31 0.50 10.87 -7.15
N LYS A 32 0.71 11.96 -6.39
CA LYS A 32 1.62 11.95 -5.22
C LYS A 32 0.93 11.31 -4.01
N SER A 33 -0.42 11.32 -4.02
CA SER A 33 -1.26 10.65 -3.00
C SER A 33 -2.66 10.36 -3.59
N ILE A 34 -3.26 9.22 -3.18
CA ILE A 34 -4.65 8.85 -3.50
C ILE A 34 -5.38 8.43 -2.22
N TYR A 35 -6.70 8.18 -2.30
CA TYR A 35 -7.46 7.53 -1.22
C TYR A 35 -8.05 6.22 -1.74
N TRP A 36 -7.55 5.11 -1.19
CA TRP A 36 -8.05 3.75 -1.40
C TRP A 36 -8.95 3.36 -0.22
N ARG A 37 -9.48 2.12 -0.28
CA ARG A 37 -10.26 1.54 0.81
C ARG A 37 -10.23 0.02 0.69
N VAL A 38 -9.46 -0.61 1.59
CA VAL A 38 -9.39 -2.07 1.75
C VAL A 38 -9.92 -2.42 3.13
N ASP A 39 -10.08 -3.72 3.38
CA ASP A 39 -10.60 -4.24 4.66
C ASP A 39 -9.70 -3.80 5.85
N ASP A 40 -10.32 -3.61 7.03
CA ASP A 40 -9.62 -3.25 8.28
C ASP A 40 -8.63 -4.36 8.70
N ASP A 41 -8.94 -5.61 8.29
CA ASP A 41 -8.09 -6.78 8.58
C ASP A 41 -6.92 -6.85 7.59
N ALA A 42 -7.10 -6.24 6.40
CA ALA A 42 -6.04 -6.10 5.40
C ALA A 42 -4.99 -5.06 5.88
N THR A 43 -3.71 -5.44 5.85
CA THR A 43 -2.61 -4.60 6.36
C THR A 43 -1.83 -3.95 5.18
N VAL A 44 -0.70 -3.24 5.49
CA VAL A 44 0.16 -2.54 4.49
C VAL A 44 0.54 -3.47 3.33
N GLY A 45 0.78 -4.74 3.66
CA GLY A 45 1.17 -5.76 2.70
C GLY A 45 0.05 -6.16 1.75
N ASP A 46 -1.18 -6.22 2.29
CA ASP A 46 -2.40 -6.54 1.50
C ASP A 46 -2.73 -5.40 0.54
N VAL A 47 -2.39 -4.17 0.97
CA VAL A 47 -2.57 -2.96 0.17
C VAL A 47 -1.68 -3.01 -1.08
N LEU A 48 -0.35 -3.11 -0.90
CA LEU A 48 0.60 -3.13 -2.03
C LEU A 48 0.40 -4.41 -2.90
N ARG A 49 -0.04 -5.50 -2.25
CA ARG A 49 -0.50 -6.73 -2.95
C ARG A 49 -1.57 -6.39 -4.02
N SER A 50 -2.57 -5.62 -3.63
CA SER A 50 -3.66 -5.23 -4.53
C SER A 50 -3.22 -4.13 -5.53
N LEU A 51 -2.28 -3.24 -5.12
CA LEU A 51 -1.74 -2.16 -5.98
C LEU A 51 -1.08 -2.71 -7.28
N GLU A 52 -0.42 -3.88 -7.21
CA GLU A 52 0.15 -4.53 -8.43
C GLU A 52 -0.94 -5.22 -9.27
N ALA A 53 -2.02 -5.64 -8.60
CA ALA A 53 -3.17 -6.24 -9.27
C ALA A 53 -3.94 -5.19 -10.12
N GLU A 54 -3.84 -3.91 -9.73
CA GLU A 54 -4.43 -2.79 -10.49
C GLU A 54 -3.43 -2.26 -11.51
N TYR A 55 -2.29 -1.80 -10.99
CA TYR A 55 -1.29 -1.03 -11.73
C TYR A 55 -0.23 -1.98 -12.32
N ASP A 56 -0.02 -1.85 -13.64
CA ASP A 56 0.98 -2.62 -14.39
C ASP A 56 2.38 -2.13 -14.05
N GLY A 57 2.49 -0.81 -13.83
CA GLY A 57 3.75 -0.15 -13.49
C GLY A 57 4.17 -0.32 -12.03
N LEU A 58 3.31 -0.96 -11.19
CA LEU A 58 3.64 -1.30 -9.79
C LEU A 58 3.89 -2.80 -9.62
N ALA A 59 3.71 -3.59 -10.70
CA ALA A 59 3.75 -5.07 -10.64
C ALA A 59 5.15 -5.62 -10.25
N GLY A 60 5.19 -6.40 -9.13
CA GLY A 60 6.38 -7.17 -8.73
C GLY A 60 7.58 -6.33 -8.26
N ARG A 61 7.35 -5.03 -8.01
CA ARG A 61 8.39 -4.08 -7.52
C ARG A 61 8.01 -3.51 -6.14
N LEU A 62 6.85 -3.95 -5.63
CA LEU A 62 6.31 -3.57 -4.30
C LEU A 62 6.09 -4.84 -3.45
N ILE A 63 6.28 -6.02 -4.09
CA ILE A 63 6.34 -7.34 -3.42
C ILE A 63 7.61 -8.08 -3.91
N GLU A 64 8.35 -8.69 -2.97
CA GLU A 64 9.42 -9.66 -3.30
C GLU A 64 9.45 -10.74 -2.18
N ASP A 65 9.37 -12.02 -2.58
CA ASP A 65 9.48 -13.20 -1.67
C ASP A 65 8.44 -13.14 -0.51
N GLY A 66 7.27 -12.53 -0.81
CA GLY A 66 6.16 -12.45 0.15
C GLY A 66 6.23 -11.26 1.10
N GLU A 67 7.39 -10.60 1.17
CA GLU A 67 7.58 -9.36 1.95
C GLU A 67 7.55 -8.15 0.98
N VAL A 68 7.81 -6.93 1.49
CA VAL A 68 7.67 -5.70 0.68
C VAL A 68 8.66 -5.67 -0.52
N LYS A 69 9.99 -5.81 -0.28
CA LYS A 69 11.06 -5.72 -1.33
C LYS A 69 12.36 -5.21 -0.67
N PRO A 70 13.53 -5.81 -1.02
CA PRO A 70 14.87 -5.23 -0.70
C PRO A 70 15.09 -3.87 -1.41
N HIS A 71 15.54 -2.86 -0.64
CA HIS A 71 15.93 -1.50 -1.12
C HIS A 71 14.74 -0.56 -1.39
N VAL A 72 13.49 -1.08 -1.41
CA VAL A 72 12.29 -0.23 -1.54
C VAL A 72 12.13 0.57 -0.24
N ASN A 73 11.68 1.83 -0.33
CA ASN A 73 11.47 2.65 0.87
C ASN A 73 9.96 2.86 1.04
N VAL A 74 9.38 2.13 2.00
CA VAL A 74 7.94 2.16 2.27
C VAL A 74 7.70 2.59 3.71
N LEU A 75 6.82 3.58 3.88
CA LEU A 75 6.57 4.26 5.16
C LEU A 75 5.09 4.12 5.55
N LYS A 76 4.87 3.88 6.83
CA LYS A 76 3.56 4.00 7.47
C LYS A 76 3.60 5.22 8.41
N ASN A 77 2.79 6.25 8.09
CA ASN A 77 2.65 7.48 8.91
C ASN A 77 4.02 8.22 9.04
N GLY A 78 4.81 8.15 7.95
CA GLY A 78 6.12 8.81 7.89
C GLY A 78 7.26 8.00 8.50
N ARG A 79 6.93 6.84 9.12
CA ARG A 79 7.92 5.91 9.70
C ARG A 79 8.14 4.76 8.72
N GLU A 80 9.38 4.66 8.21
CA GLU A 80 9.72 3.70 7.15
C GLU A 80 9.70 2.27 7.71
N VAL A 81 8.66 1.50 7.33
CA VAL A 81 8.38 0.14 7.84
C VAL A 81 9.42 -0.92 7.39
N VAL A 82 10.42 -0.50 6.59
CA VAL A 82 11.57 -1.36 6.25
C VAL A 82 12.48 -1.60 7.49
N HIS A 83 12.34 -0.72 8.51
CA HIS A 83 13.11 -0.83 9.78
C HIS A 83 12.35 -1.67 10.83
N LEU A 84 11.12 -2.08 10.48
CA LEU A 84 10.24 -2.92 11.33
C LEU A 84 9.38 -3.83 10.43
N ASP A 85 8.15 -4.17 10.87
CA ASP A 85 7.22 -5.00 10.10
C ASP A 85 6.72 -4.25 8.85
N GLY A 86 7.18 -4.66 7.66
CA GLY A 86 6.75 -4.04 6.40
C GLY A 86 5.35 -4.45 5.98
N MET A 87 5.05 -5.76 6.11
CA MET A 87 3.78 -6.35 5.66
C MET A 87 2.63 -6.05 6.63
N ALA A 88 2.90 -6.10 7.95
CA ALA A 88 1.84 -5.89 8.97
C ALA A 88 2.40 -5.19 10.21
N THR A 89 2.56 -3.87 10.11
CA THR A 89 3.03 -3.03 11.22
C THR A 89 1.88 -2.69 12.20
N ALA A 90 0.88 -1.91 11.73
CA ALA A 90 -0.10 -1.21 12.59
C ALA A 90 -1.03 -0.32 11.73
N LEU A 91 -1.34 -0.78 10.50
CA LEU A 91 -2.13 0.02 9.54
C LEU A 91 -3.61 0.05 9.96
N ASP A 92 -4.25 1.24 9.87
CA ASP A 92 -5.62 1.45 10.36
C ASP A 92 -6.32 2.55 9.52
N ASP A 93 -7.58 2.90 9.87
CA ASP A 93 -8.40 3.87 9.11
C ASP A 93 -7.82 5.30 9.09
N GLY A 94 -8.00 5.99 7.96
CA GLY A 94 -7.51 7.36 7.76
C GLY A 94 -6.00 7.49 7.56
N ASP A 95 -5.27 6.38 7.74
CA ASP A 95 -3.79 6.35 7.80
C ASP A 95 -3.15 6.45 6.42
N ALA A 96 -2.03 7.19 6.36
CA ALA A 96 -1.30 7.50 5.12
C ALA A 96 -0.10 6.54 4.93
N VAL A 97 -0.20 5.65 3.92
CA VAL A 97 0.90 4.74 3.54
C VAL A 97 1.73 5.38 2.42
N SER A 98 2.94 5.84 2.75
CA SER A 98 3.87 6.40 1.77
C SER A 98 4.69 5.29 1.13
N VAL A 99 5.07 5.43 -0.16
CA VAL A 99 5.92 4.47 -0.86
C VAL A 99 6.90 5.24 -1.79
N PHE A 100 8.12 4.75 -1.84
CA PHE A 100 9.18 5.20 -2.76
C PHE A 100 9.74 3.91 -3.39
N PRO A 101 10.02 3.89 -4.72
CA PRO A 101 10.64 2.72 -5.40
C PRO A 101 12.06 2.42 -4.88
N PRO A 102 12.60 1.19 -5.15
CA PRO A 102 13.96 0.83 -4.74
C PRO A 102 15.01 1.66 -5.50
N VAL A 103 15.95 2.26 -4.75
CA VAL A 103 17.02 3.10 -5.33
C VAL A 103 18.22 2.23 -5.79
N ALA A 104 18.20 0.95 -5.39
CA ALA A 104 19.20 -0.04 -5.74
C ALA A 104 18.53 -1.41 -5.97
N GLY A 105 19.26 -2.34 -6.60
CA GLY A 105 18.76 -3.69 -6.86
C GLY A 105 19.83 -4.52 -7.57
N GLY A 106 20.25 -4.05 -8.75
CA GLY A 106 21.33 -4.66 -9.51
C GLY A 106 21.08 -4.57 -11.01
N GLY A 1 -25.53 -8.08 4.12
CA GLY A 1 -26.03 -7.55 5.41
C GLY A 1 -24.93 -7.52 6.47
N GLY A 2 -24.08 -6.47 6.40
CA GLY A 2 -22.93 -6.31 7.30
C GLY A 2 -21.86 -7.38 7.08
N GLY A 3 -21.33 -7.93 8.20
CA GLY A 3 -20.29 -8.96 8.15
C GLY A 3 -18.93 -8.41 7.76
N ARG A 4 -18.47 -8.74 6.54
CA ARG A 4 -17.28 -8.14 5.91
C ARG A 4 -17.53 -8.08 4.40
N ASP A 5 -17.52 -6.86 3.87
CA ASP A 5 -17.83 -6.56 2.47
C ASP A 5 -16.86 -5.47 1.97
N TYR A 6 -16.67 -5.41 0.64
CA TYR A 6 -15.63 -4.58 0.00
C TYR A 6 -16.22 -3.34 -0.68
N LYS A 7 -17.33 -3.54 -1.41
CA LYS A 7 -17.89 -2.49 -2.30
C LYS A 7 -18.71 -1.44 -1.52
N ASP A 8 -19.70 -1.89 -0.73
CA ASP A 8 -20.65 -1.02 -0.03
C ASP A 8 -21.57 -1.85 0.89
N ASP A 9 -22.54 -2.57 0.28
CA ASP A 9 -23.56 -3.40 1.02
C ASP A 9 -24.37 -2.50 2.02
N ASP A 10 -25.21 -3.12 2.88
CA ASP A 10 -25.77 -2.47 4.08
C ASP A 10 -24.62 -1.89 4.96
N ASP A 11 -23.52 -2.67 5.10
CA ASP A 11 -22.26 -2.21 5.70
C ASP A 11 -21.08 -2.98 5.11
N LYS A 12 -20.04 -2.23 4.72
CA LYS A 12 -18.80 -2.76 4.11
C LYS A 12 -17.74 -3.04 5.19
N GLY A 13 -17.45 -2.02 6.02
CA GLY A 13 -16.42 -2.13 7.05
C GLY A 13 -15.01 -2.03 6.49
N THR A 14 -14.89 -1.53 5.27
CA THR A 14 -13.61 -1.23 4.63
C THR A 14 -13.08 0.11 5.17
N MET A 15 -11.76 0.19 5.37
CA MET A 15 -11.08 1.38 5.88
C MET A 15 -10.53 2.21 4.71
N GLU A 16 -10.58 3.55 4.85
CA GLU A 16 -10.08 4.51 3.84
C GLU A 16 -8.62 4.88 4.18
N LEU A 17 -7.69 4.75 3.22
CA LEU A 17 -6.25 4.98 3.44
C LEU A 17 -5.74 6.03 2.46
N GLU A 18 -4.73 6.81 2.86
CA GLU A 18 -4.01 7.70 1.93
C GLU A 18 -2.71 7.01 1.47
N LEU A 19 -2.62 6.66 0.18
CA LEU A 19 -1.41 6.04 -0.38
C LEU A 19 -0.60 7.10 -1.14
N ARG A 20 0.56 7.41 -0.59
CA ARG A 20 1.46 8.43 -1.11
C ARG A 20 2.57 7.75 -1.91
N PHE A 21 2.63 8.04 -3.22
CA PHE A 21 3.61 7.45 -4.15
C PHE A 21 4.65 8.49 -4.52
N PHE A 22 5.92 8.09 -4.56
CA PHE A 22 7.04 9.00 -4.90
C PHE A 22 7.95 8.34 -5.96
N ALA A 23 8.73 9.18 -6.66
CA ALA A 23 9.67 8.77 -7.73
C ALA A 23 8.93 8.04 -8.91
N THR A 24 9.30 6.77 -9.21
CA THR A 24 8.71 6.00 -10.32
C THR A 24 7.28 5.58 -9.97
N PHE A 25 7.09 5.07 -8.74
CA PHE A 25 5.78 4.65 -8.23
C PHE A 25 4.74 5.80 -8.34
N ARG A 26 5.24 7.05 -8.23
CA ARG A 26 4.43 8.27 -8.32
C ARG A 26 3.83 8.46 -9.73
N GLU A 27 4.73 8.46 -10.73
CA GLU A 27 4.37 8.74 -12.13
C GLU A 27 3.64 7.56 -12.78
N VAL A 28 3.74 6.38 -12.15
CA VAL A 28 2.93 5.20 -12.49
C VAL A 28 1.45 5.49 -12.17
N VAL A 29 1.19 5.87 -10.92
CA VAL A 29 -0.17 6.18 -10.41
C VAL A 29 -0.63 7.56 -10.93
N GLY A 30 0.34 8.37 -11.39
CA GLY A 30 0.10 9.74 -11.86
C GLY A 30 -0.22 10.71 -10.71
N GLN A 31 0.00 10.24 -9.47
CA GLN A 31 -0.36 10.96 -8.24
C GLN A 31 0.76 10.80 -7.21
N LYS A 32 1.01 11.86 -6.41
CA LYS A 32 1.97 11.81 -5.28
C LYS A 32 1.27 11.28 -4.02
N SER A 33 -0.08 11.39 -4.00
CA SER A 33 -0.94 10.86 -2.90
C SER A 33 -2.35 10.57 -3.47
N ILE A 34 -3.01 9.53 -2.93
CA ILE A 34 -4.40 9.13 -3.29
C ILE A 34 -5.17 8.68 -2.03
N TYR A 35 -6.48 8.47 -2.16
CA TYR A 35 -7.29 7.75 -1.14
C TYR A 35 -7.80 6.42 -1.73
N TRP A 36 -7.29 5.31 -1.19
CA TRP A 36 -7.77 3.94 -1.47
C TRP A 36 -8.78 3.52 -0.39
N ARG A 37 -9.29 2.29 -0.52
CA ARG A 37 -10.18 1.68 0.48
C ARG A 37 -10.14 0.15 0.34
N VAL A 38 -9.46 -0.51 1.31
CA VAL A 38 -9.45 -1.98 1.47
C VAL A 38 -10.14 -2.32 2.79
N ASP A 39 -10.43 -3.62 3.03
CA ASP A 39 -11.11 -4.08 4.26
C ASP A 39 -10.26 -3.76 5.52
N ASP A 40 -10.94 -3.62 6.67
CA ASP A 40 -10.34 -3.18 7.94
C ASP A 40 -9.22 -4.13 8.41
N ASP A 41 -9.38 -5.43 8.09
CA ASP A 41 -8.48 -6.51 8.54
C ASP A 41 -7.21 -6.59 7.67
N ALA A 42 -7.32 -6.06 6.42
CA ALA A 42 -6.18 -5.96 5.48
C ALA A 42 -5.09 -5.02 6.04
N THR A 43 -3.83 -5.21 5.64
CA THR A 43 -2.68 -4.41 6.13
C THR A 43 -1.84 -3.91 4.94
N VAL A 44 -0.68 -3.23 5.23
CA VAL A 44 0.18 -2.58 4.20
C VAL A 44 0.54 -3.54 3.05
N GLY A 45 0.76 -4.81 3.41
CA GLY A 45 1.11 -5.87 2.48
C GLY A 45 -0.04 -6.27 1.56
N ASP A 46 -1.26 -6.36 2.14
CA ASP A 46 -2.51 -6.62 1.37
C ASP A 46 -2.80 -5.47 0.41
N VAL A 47 -2.45 -4.25 0.83
CA VAL A 47 -2.60 -3.03 0.04
C VAL A 47 -1.70 -3.09 -1.21
N LEU A 48 -0.36 -3.19 -1.03
CA LEU A 48 0.60 -3.22 -2.16
C LEU A 48 0.40 -4.48 -3.05
N ARG A 49 -0.03 -5.58 -2.43
CA ARG A 49 -0.51 -6.79 -3.16
C ARG A 49 -1.56 -6.40 -4.22
N SER A 50 -2.54 -5.61 -3.81
CA SER A 50 -3.62 -5.16 -4.69
C SER A 50 -3.13 -4.08 -5.69
N LEU A 51 -2.17 -3.23 -5.26
CA LEU A 51 -1.57 -2.17 -6.13
C LEU A 51 -0.91 -2.75 -7.41
N GLU A 52 -0.29 -3.95 -7.33
CA GLU A 52 0.24 -4.62 -8.55
C GLU A 52 -0.88 -5.26 -9.37
N ALA A 53 -1.97 -5.66 -8.69
CA ALA A 53 -3.15 -6.24 -9.34
C ALA A 53 -3.91 -5.18 -10.17
N GLU A 54 -3.87 -3.93 -9.70
CA GLU A 54 -4.46 -2.78 -10.40
C GLU A 54 -3.50 -2.22 -11.46
N TYR A 55 -2.29 -1.84 -10.98
CA TYR A 55 -1.32 -1.06 -11.76
C TYR A 55 -0.26 -1.98 -12.41
N ASP A 56 -0.10 -1.82 -13.74
CA ASP A 56 0.93 -2.51 -14.53
C ASP A 56 2.35 -2.09 -14.07
N GLY A 57 2.53 -0.76 -13.89
CA GLY A 57 3.82 -0.19 -13.53
C GLY A 57 4.17 -0.32 -12.05
N LEU A 58 3.36 -1.07 -11.28
CA LEU A 58 3.67 -1.42 -9.88
C LEU A 58 3.85 -2.93 -9.71
N ALA A 59 3.82 -3.69 -10.82
CA ALA A 59 3.85 -5.17 -10.77
C ALA A 59 5.22 -5.71 -10.31
N GLY A 60 5.23 -6.49 -9.20
CA GLY A 60 6.41 -7.25 -8.75
C GLY A 60 7.52 -6.43 -8.08
N ARG A 61 7.40 -5.10 -8.11
CA ARG A 61 8.42 -4.15 -7.58
C ARG A 61 8.04 -3.63 -6.19
N LEU A 62 6.94 -4.16 -5.64
CA LEU A 62 6.38 -3.74 -4.33
C LEU A 62 6.14 -4.96 -3.42
N ILE A 63 6.27 -6.18 -4.01
CA ILE A 63 6.32 -7.46 -3.27
C ILE A 63 7.62 -8.19 -3.67
N GLU A 64 8.35 -8.70 -2.67
CA GLU A 64 9.46 -9.65 -2.90
C GLU A 64 9.40 -10.78 -1.85
N ASP A 65 9.21 -12.02 -2.32
CA ASP A 65 9.29 -13.25 -1.49
C ASP A 65 8.33 -13.20 -0.26
N GLY A 66 7.20 -12.49 -0.43
CA GLY A 66 6.16 -12.39 0.60
C GLY A 66 6.31 -11.19 1.52
N GLU A 67 7.49 -10.54 1.52
CA GLU A 67 7.69 -9.24 2.22
C GLU A 67 7.54 -8.08 1.20
N VAL A 68 7.82 -6.84 1.65
CA VAL A 68 7.67 -5.65 0.80
C VAL A 68 8.68 -5.67 -0.39
N LYS A 69 10.00 -5.77 -0.11
CA LYS A 69 11.10 -5.70 -1.13
C LYS A 69 12.37 -5.11 -0.47
N PRO A 70 13.57 -5.70 -0.73
CA PRO A 70 14.87 -5.08 -0.39
C PRO A 70 15.10 -3.78 -1.20
N HIS A 71 15.61 -2.74 -0.53
CA HIS A 71 16.00 -1.42 -1.12
C HIS A 71 14.80 -0.51 -1.40
N VAL A 72 13.56 -1.04 -1.34
CA VAL A 72 12.35 -0.22 -1.47
C VAL A 72 12.18 0.58 -0.16
N ASN A 73 11.80 1.85 -0.26
CA ASN A 73 11.54 2.68 0.93
C ASN A 73 10.03 2.81 1.06
N VAL A 74 9.46 2.06 2.01
CA VAL A 74 8.01 2.03 2.25
C VAL A 74 7.76 2.41 3.71
N LEU A 75 6.76 3.27 3.92
CA LEU A 75 6.53 3.98 5.19
C LEU A 75 5.10 3.76 5.68
N LYS A 76 4.93 3.90 6.99
CA LYS A 76 3.64 3.95 7.66
C LYS A 76 3.56 5.26 8.46
N ASN A 77 2.79 6.22 7.92
CA ASN A 77 2.46 7.51 8.57
C ASN A 77 3.75 8.25 9.04
N GLY A 78 4.80 8.16 8.23
CA GLY A 78 6.09 8.82 8.50
C GLY A 78 7.07 7.96 9.29
N ARG A 79 6.86 6.63 9.31
CA ARG A 79 7.80 5.67 9.94
C ARG A 79 8.05 4.50 8.98
N GLU A 80 9.23 4.50 8.37
CA GLU A 80 9.60 3.58 7.28
C GLU A 80 9.59 2.10 7.78
N VAL A 81 8.60 1.34 7.30
CA VAL A 81 8.31 -0.05 7.76
C VAL A 81 9.35 -1.09 7.34
N VAL A 82 10.39 -0.67 6.60
CA VAL A 82 11.54 -1.55 6.29
C VAL A 82 12.37 -1.84 7.57
N HIS A 83 12.24 -0.96 8.57
CA HIS A 83 12.97 -1.06 9.86
C HIS A 83 12.21 -1.96 10.86
N LEU A 84 10.92 -2.20 10.57
CA LEU A 84 10.04 -3.07 11.37
C LEU A 84 9.25 -3.99 10.42
N ASP A 85 8.05 -4.44 10.85
CA ASP A 85 7.15 -5.23 10.00
C ASP A 85 6.66 -4.40 8.80
N GLY A 86 7.09 -4.82 7.60
CA GLY A 86 6.73 -4.13 6.35
C GLY A 86 5.28 -4.35 5.96
N MET A 87 4.89 -5.63 5.94
CA MET A 87 3.59 -6.07 5.42
C MET A 87 2.46 -5.85 6.45
N ALA A 88 2.74 -6.05 7.75
CA ALA A 88 1.71 -5.88 8.83
C ALA A 88 2.30 -5.17 10.05
N THR A 89 2.43 -3.85 9.92
CA THR A 89 2.94 -2.96 10.98
C THR A 89 1.85 -2.61 12.03
N ALA A 90 0.87 -1.77 11.61
CA ALA A 90 -0.06 -1.07 12.53
C ALA A 90 -1.15 -0.31 11.75
N LEU A 91 -1.48 -0.82 10.57
CA LEU A 91 -2.33 -0.10 9.58
C LEU A 91 -3.82 -0.11 10.00
N ASP A 92 -4.52 1.00 9.73
CA ASP A 92 -5.92 1.19 10.17
C ASP A 92 -6.62 2.24 9.27
N ASP A 93 -7.88 2.58 9.60
CA ASP A 93 -8.65 3.63 8.94
C ASP A 93 -8.02 5.02 9.12
N GLY A 94 -8.04 5.83 8.06
CA GLY A 94 -7.49 7.19 8.05
C GLY A 94 -5.98 7.27 7.87
N ASP A 95 -5.31 6.10 7.89
CA ASP A 95 -3.84 6.01 7.93
C ASP A 95 -3.19 6.24 6.55
N ALA A 96 -2.14 7.08 6.55
CA ALA A 96 -1.40 7.45 5.34
C ALA A 96 -0.15 6.54 5.17
N VAL A 97 -0.22 5.61 4.22
CA VAL A 97 0.94 4.77 3.81
C VAL A 97 1.73 5.55 2.74
N SER A 98 3.06 5.55 2.81
CA SER A 98 3.92 6.14 1.75
C SER A 98 4.80 5.06 1.11
N VAL A 99 5.23 5.28 -0.14
CA VAL A 99 6.09 4.34 -0.90
C VAL A 99 7.06 5.14 -1.81
N PHE A 100 8.27 4.59 -1.93
CA PHE A 100 9.33 5.05 -2.84
C PHE A 100 9.89 3.76 -3.48
N PRO A 101 10.09 3.69 -4.83
CA PRO A 101 10.64 2.50 -5.52
C PRO A 101 12.04 2.10 -5.01
N PRO A 102 12.48 0.81 -5.24
CA PRO A 102 13.79 0.35 -4.78
C PRO A 102 14.95 1.15 -5.40
N VAL A 103 15.85 1.60 -4.54
CA VAL A 103 17.03 2.40 -4.93
C VAL A 103 18.18 1.49 -5.43
N ALA A 104 17.89 0.17 -5.49
CA ALA A 104 18.81 -0.86 -6.00
C ALA A 104 19.20 -0.57 -7.46
N GLY A 105 20.44 -0.11 -7.65
CA GLY A 105 21.03 0.07 -8.99
C GLY A 105 21.73 -1.19 -9.50
N GLY A 106 21.27 -2.35 -8.99
CA GLY A 106 21.86 -3.64 -9.29
C GLY A 106 21.31 -4.73 -8.36
N GLY A 1 -24.98 1.44 -0.40
CA GLY A 1 -24.03 1.20 0.71
C GLY A 1 -23.12 2.38 0.97
N GLY A 2 -21.86 2.27 0.51
CA GLY A 2 -20.85 3.32 0.66
C GLY A 2 -19.86 3.32 -0.51
N GLY A 3 -20.39 2.97 -1.71
CA GLY A 3 -19.60 2.95 -2.95
C GLY A 3 -18.80 1.67 -3.09
N ARG A 4 -17.69 1.59 -2.34
CA ARG A 4 -16.80 0.41 -2.31
C ARG A 4 -16.94 -0.28 -0.95
N ASP A 5 -18.20 -0.46 -0.53
CA ASP A 5 -18.56 -1.18 0.70
C ASP A 5 -18.29 -2.69 0.55
N TYR A 6 -18.51 -3.23 -0.68
CA TYR A 6 -18.32 -4.67 -1.04
C TYR A 6 -19.33 -5.61 -0.34
N LYS A 7 -20.17 -5.07 0.56
CA LYS A 7 -20.98 -5.86 1.50
C LYS A 7 -22.44 -5.40 1.48
N ASP A 8 -23.35 -6.37 1.36
CA ASP A 8 -24.81 -6.15 1.37
C ASP A 8 -25.32 -5.84 2.81
N ASP A 9 -24.41 -5.91 3.79
CA ASP A 9 -24.70 -5.73 5.23
C ASP A 9 -24.99 -4.26 5.59
N ASP A 10 -25.36 -4.04 6.85
CA ASP A 10 -25.70 -2.71 7.41
C ASP A 10 -24.44 -1.82 7.55
N ASP A 11 -23.24 -2.43 7.43
CA ASP A 11 -21.95 -1.71 7.48
C ASP A 11 -21.11 -2.08 6.24
N LYS A 12 -20.24 -1.14 5.84
CA LYS A 12 -19.30 -1.27 4.73
C LYS A 12 -18.23 -2.34 5.03
N GLY A 13 -17.78 -2.41 6.29
CA GLY A 13 -16.77 -3.39 6.72
C GLY A 13 -15.38 -3.19 6.09
N THR A 14 -15.23 -2.10 5.35
CA THR A 14 -14.02 -1.78 4.59
C THR A 14 -13.48 -0.43 5.07
N MET A 15 -12.15 -0.32 5.17
CA MET A 15 -11.46 0.89 5.61
C MET A 15 -10.65 1.50 4.46
N GLU A 16 -10.48 2.82 4.50
CA GLU A 16 -9.86 3.59 3.43
C GLU A 16 -8.52 4.15 3.91
N LEU A 17 -7.50 4.09 3.06
CA LEU A 17 -6.14 4.52 3.39
C LEU A 17 -5.67 5.57 2.36
N GLU A 18 -4.80 6.51 2.79
CA GLU A 18 -4.09 7.40 1.87
C GLU A 18 -2.76 6.72 1.48
N LEU A 19 -2.70 6.24 0.22
CA LEU A 19 -1.49 5.59 -0.31
C LEU A 19 -0.71 6.59 -1.13
N ARG A 20 0.47 6.96 -0.63
CA ARG A 20 1.27 8.05 -1.15
C ARG A 20 2.45 7.49 -1.96
N PHE A 21 2.49 7.80 -3.24
CA PHE A 21 3.50 7.29 -4.19
C PHE A 21 4.49 8.39 -4.51
N PHE A 22 5.78 8.06 -4.53
CA PHE A 22 6.85 9.04 -4.80
C PHE A 22 7.83 8.47 -5.83
N ALA A 23 8.59 9.39 -6.45
CA ALA A 23 9.62 9.09 -7.46
C ALA A 23 9.03 8.36 -8.71
N THR A 24 9.48 7.11 -8.99
CA THR A 24 9.00 6.30 -10.12
C THR A 24 7.55 5.85 -9.88
N PHE A 25 7.29 5.32 -8.67
CA PHE A 25 5.95 4.79 -8.29
C PHE A 25 4.85 5.88 -8.39
N ARG A 26 5.28 7.16 -8.30
CA ARG A 26 4.38 8.32 -8.39
C ARG A 26 3.82 8.49 -9.81
N GLU A 27 4.72 8.47 -10.82
CA GLU A 27 4.34 8.66 -12.24
C GLU A 27 3.64 7.43 -12.83
N VAL A 28 3.78 6.28 -12.16
CA VAL A 28 3.01 5.07 -12.47
C VAL A 28 1.51 5.29 -12.20
N VAL A 29 1.23 5.75 -10.98
CA VAL A 29 -0.13 6.02 -10.48
C VAL A 29 -0.64 7.37 -11.03
N GLY A 30 0.31 8.21 -11.52
CA GLY A 30 0.01 9.52 -12.10
C GLY A 30 -0.25 10.60 -11.07
N GLN A 31 0.06 10.29 -9.80
CA GLN A 31 -0.19 11.17 -8.64
C GLN A 31 0.54 10.65 -7.38
N LYS A 32 0.75 11.58 -6.41
CA LYS A 32 1.61 11.34 -5.23
C LYS A 32 0.83 10.87 -4.01
N SER A 33 -0.50 10.91 -4.05
CA SER A 33 -1.37 10.32 -3.00
C SER A 33 -2.72 9.91 -3.62
N ILE A 34 -3.28 8.77 -3.14
CA ILE A 34 -4.62 8.28 -3.53
C ILE A 34 -5.38 7.85 -2.28
N TYR A 35 -6.64 7.45 -2.45
CA TYR A 35 -7.45 6.86 -1.36
C TYR A 35 -8.00 5.51 -1.84
N TRP A 36 -7.53 4.43 -1.21
CA TRP A 36 -7.90 3.04 -1.55
C TRP A 36 -8.85 2.50 -0.52
N ARG A 37 -9.91 1.82 -0.98
CA ARG A 37 -10.83 1.12 -0.11
C ARG A 37 -10.55 -0.38 -0.16
N VAL A 38 -9.94 -0.89 0.90
CA VAL A 38 -9.73 -2.32 1.15
C VAL A 38 -10.50 -2.72 2.43
N ASP A 39 -10.52 -4.01 2.77
CA ASP A 39 -11.15 -4.51 4.01
C ASP A 39 -10.32 -4.13 5.26
N ASP A 40 -10.93 -4.22 6.45
CA ASP A 40 -10.31 -3.76 7.71
C ASP A 40 -9.24 -4.75 8.23
N ASP A 41 -9.24 -5.98 7.70
CA ASP A 41 -8.21 -7.01 8.04
C ASP A 41 -6.92 -6.77 7.21
N ALA A 42 -7.08 -6.11 6.04
CA ALA A 42 -5.98 -5.81 5.12
C ALA A 42 -4.96 -4.85 5.75
N THR A 43 -3.66 -5.10 5.47
CA THR A 43 -2.52 -4.32 5.99
C THR A 43 -1.60 -3.88 4.81
N VAL A 44 -0.43 -3.25 5.13
CA VAL A 44 0.51 -2.69 4.12
C VAL A 44 0.89 -3.74 3.04
N GLY A 45 0.95 -5.02 3.45
CA GLY A 45 1.20 -6.12 2.51
C GLY A 45 0.06 -6.34 1.52
N ASP A 46 -1.18 -6.41 2.05
CA ASP A 46 -2.40 -6.60 1.24
C ASP A 46 -2.61 -5.43 0.26
N VAL A 47 -2.13 -4.26 0.68
CA VAL A 47 -2.11 -3.03 -0.13
C VAL A 47 -1.24 -3.25 -1.39
N LEU A 48 0.07 -3.55 -1.20
CA LEU A 48 1.04 -3.57 -2.32
C LEU A 48 0.88 -4.79 -3.25
N ARG A 49 0.44 -5.96 -2.72
CA ARG A 49 0.19 -7.15 -3.57
C ARG A 49 -1.01 -6.91 -4.53
N SER A 50 -1.98 -6.11 -4.06
CA SER A 50 -3.09 -5.63 -4.89
C SER A 50 -2.67 -4.48 -5.84
N LEU A 51 -1.72 -3.62 -5.39
CA LEU A 51 -1.28 -2.42 -6.17
C LEU A 51 -0.68 -2.82 -7.54
N GLU A 52 0.08 -3.92 -7.57
CA GLU A 52 0.62 -4.48 -8.83
C GLU A 52 -0.48 -5.04 -9.74
N ALA A 53 -1.49 -5.67 -9.11
CA ALA A 53 -2.64 -6.27 -9.82
C ALA A 53 -3.45 -5.20 -10.60
N GLU A 54 -3.42 -3.97 -10.09
CA GLU A 54 -3.98 -2.80 -10.77
C GLU A 54 -2.99 -2.25 -11.79
N TYR A 55 -1.81 -1.89 -11.28
CA TYR A 55 -0.80 -1.13 -12.02
C TYR A 55 0.30 -2.06 -12.54
N ASP A 56 0.37 -2.19 -13.87
CA ASP A 56 1.44 -2.92 -14.57
C ASP A 56 2.80 -2.27 -14.30
N GLY A 57 2.78 -0.94 -14.10
CA GLY A 57 3.96 -0.15 -13.75
C GLY A 57 4.44 -0.35 -12.31
N LEU A 58 3.66 -1.09 -11.49
CA LEU A 58 4.05 -1.46 -10.11
C LEU A 58 4.29 -2.97 -9.98
N ALA A 59 4.16 -3.72 -11.10
CA ALA A 59 4.18 -5.20 -11.06
C ALA A 59 5.56 -5.76 -10.64
N GLY A 60 5.58 -6.55 -9.53
CA GLY A 60 6.79 -7.27 -9.07
C GLY A 60 7.80 -6.42 -8.29
N ARG A 61 7.85 -5.12 -8.59
CA ARG A 61 8.85 -4.17 -8.06
C ARG A 61 8.47 -3.61 -6.66
N LEU A 62 7.43 -4.20 -6.04
CA LEU A 62 6.91 -3.78 -4.71
C LEU A 62 6.71 -4.99 -3.78
N ILE A 63 7.22 -6.17 -4.22
CA ILE A 63 7.21 -7.44 -3.43
C ILE A 63 8.54 -8.19 -3.66
N GLU A 64 9.09 -8.80 -2.60
CA GLU A 64 10.12 -9.85 -2.71
C GLU A 64 9.87 -10.96 -1.68
N ASP A 65 9.48 -12.14 -2.18
CA ASP A 65 9.41 -13.39 -1.40
C ASP A 65 8.48 -13.24 -0.16
N GLY A 66 7.40 -12.46 -0.34
CA GLY A 66 6.42 -12.23 0.71
C GLY A 66 6.87 -11.25 1.80
N GLU A 67 7.77 -10.33 1.43
CA GLU A 67 8.03 -9.09 2.19
C GLU A 67 7.94 -7.92 1.21
N VAL A 68 8.21 -6.69 1.69
CA VAL A 68 7.98 -5.48 0.90
C VAL A 68 8.95 -5.39 -0.32
N LYS A 69 10.29 -5.45 -0.09
CA LYS A 69 11.37 -5.43 -1.14
C LYS A 69 12.62 -4.76 -0.55
N PRO A 70 13.83 -5.36 -0.76
CA PRO A 70 15.12 -4.67 -0.53
C PRO A 70 15.27 -3.39 -1.40
N HIS A 71 15.71 -2.29 -0.76
CA HIS A 71 16.02 -0.97 -1.41
C HIS A 71 14.76 -0.10 -1.65
N VAL A 72 13.58 -0.74 -1.82
CA VAL A 72 12.27 -0.02 -1.79
C VAL A 72 12.04 0.50 -0.37
N ASN A 73 11.89 1.82 -0.24
CA ASN A 73 11.60 2.46 1.03
C ASN A 73 10.09 2.67 1.15
N VAL A 74 9.44 1.84 1.97
CA VAL A 74 8.00 1.97 2.28
C VAL A 74 7.82 2.44 3.72
N LEU A 75 6.77 3.23 3.93
CA LEU A 75 6.56 4.06 5.12
C LEU A 75 5.12 3.88 5.65
N LYS A 76 4.89 4.44 6.85
CA LYS A 76 3.65 4.26 7.62
C LYS A 76 3.59 5.38 8.67
N ASN A 77 2.72 6.38 8.44
CA ASN A 77 2.66 7.62 9.26
C ASN A 77 4.06 8.31 9.28
N GLY A 78 4.77 8.20 8.14
CA GLY A 78 6.14 8.70 7.99
C GLY A 78 7.23 7.73 8.49
N ARG A 79 6.84 6.70 9.25
CA ARG A 79 7.77 5.71 9.84
C ARG A 79 8.04 4.57 8.84
N GLU A 80 9.32 4.41 8.44
CA GLU A 80 9.71 3.54 7.32
C GLU A 80 9.72 2.06 7.73
N VAL A 81 8.68 1.32 7.28
CA VAL A 81 8.37 -0.06 7.72
C VAL A 81 9.35 -1.14 7.20
N VAL A 82 10.36 -0.74 6.40
CA VAL A 82 11.45 -1.67 6.03
C VAL A 82 12.34 -2.00 7.26
N HIS A 83 12.27 -1.13 8.30
CA HIS A 83 13.04 -1.28 9.56
C HIS A 83 12.23 -2.05 10.62
N LEU A 84 10.88 -1.94 10.54
CA LEU A 84 9.92 -2.65 11.43
C LEU A 84 9.05 -3.61 10.57
N ASP A 85 7.80 -3.88 11.00
CA ASP A 85 6.86 -4.74 10.27
C ASP A 85 6.44 -4.08 8.93
N GLY A 86 6.94 -4.62 7.81
CA GLY A 86 6.60 -4.11 6.48
C GLY A 86 5.28 -4.67 5.98
N MET A 87 5.04 -5.95 6.28
CA MET A 87 3.88 -6.69 5.78
C MET A 87 2.61 -6.38 6.59
N ALA A 88 2.74 -6.21 7.92
CA ALA A 88 1.59 -5.92 8.82
C ALA A 88 2.06 -5.12 10.05
N THR A 89 2.15 -3.80 9.87
CA THR A 89 2.55 -2.87 10.96
C THR A 89 1.35 -2.53 11.88
N ALA A 90 0.42 -1.67 11.42
CA ALA A 90 -0.54 -1.00 12.32
C ALA A 90 -1.68 -0.26 11.59
N LEU A 91 -2.14 -0.79 10.43
CA LEU A 91 -3.10 -0.06 9.58
C LEU A 91 -4.53 -0.04 10.17
N ASP A 92 -5.18 1.11 9.95
CA ASP A 92 -6.52 1.43 10.46
C ASP A 92 -7.18 2.41 9.46
N ASP A 93 -8.48 2.67 9.62
CA ASP A 93 -9.21 3.60 8.72
C ASP A 93 -8.66 5.03 8.85
N GLY A 94 -8.47 5.68 7.70
CA GLY A 94 -7.90 7.04 7.63
C GLY A 94 -6.39 7.08 7.87
N ASP A 95 -5.71 5.92 7.77
CA ASP A 95 -4.24 5.85 7.95
C ASP A 95 -3.54 6.20 6.62
N ALA A 96 -2.27 6.63 6.70
CA ALA A 96 -1.49 7.06 5.53
C ALA A 96 -0.22 6.21 5.35
N VAL A 97 -0.23 5.32 4.35
CA VAL A 97 0.96 4.57 3.90
C VAL A 97 1.67 5.44 2.85
N SER A 98 3.01 5.51 2.91
CA SER A 98 3.83 6.18 1.87
C SER A 98 4.77 5.13 1.25
N VAL A 99 5.17 5.32 -0.03
CA VAL A 99 6.04 4.35 -0.75
C VAL A 99 7.05 5.10 -1.65
N PHE A 100 8.23 4.50 -1.81
CA PHE A 100 9.31 4.97 -2.69
C PHE A 100 9.87 3.73 -3.44
N PRO A 101 10.22 3.85 -4.76
CA PRO A 101 10.87 2.77 -5.57
C PRO A 101 12.29 2.43 -5.05
N PRO A 102 12.92 1.30 -5.53
CA PRO A 102 14.27 0.92 -5.04
C PRO A 102 15.32 1.98 -5.39
N VAL A 103 16.09 2.39 -4.38
CA VAL A 103 17.09 3.48 -4.49
C VAL A 103 18.47 2.94 -4.92
N ALA A 104 18.54 1.61 -5.13
CA ALA A 104 19.72 0.91 -5.63
C ALA A 104 19.29 -0.42 -6.26
N GLY A 105 19.43 -0.54 -7.60
CA GLY A 105 19.17 -1.79 -8.29
C GLY A 105 20.26 -2.82 -8.04
N GLY A 106 21.51 -2.42 -8.32
CA GLY A 106 22.69 -3.28 -8.14
C GLY A 106 23.10 -3.92 -9.47
N GLY A 1 -25.71 -1.99 4.46
CA GLY A 1 -24.48 -2.35 3.74
C GLY A 1 -24.32 -1.54 2.46
N GLY A 2 -23.76 -0.32 2.61
CA GLY A 2 -23.55 0.59 1.48
C GLY A 2 -22.39 1.55 1.72
N GLY A 3 -21.16 1.04 1.51
CA GLY A 3 -19.94 1.83 1.70
C GLY A 3 -18.72 1.14 1.13
N ARG A 4 -18.84 0.70 -0.16
CA ARG A 4 -17.80 -0.09 -0.89
C ARG A 4 -17.48 -1.42 -0.14
N ASP A 5 -18.44 -1.86 0.68
CA ASP A 5 -18.30 -3.04 1.55
C ASP A 5 -18.14 -4.33 0.74
N TYR A 6 -17.28 -5.22 1.24
CA TYR A 6 -16.98 -6.51 0.60
C TYR A 6 -17.68 -7.66 1.36
N LYS A 7 -18.71 -7.28 2.15
CA LYS A 7 -19.50 -8.19 2.99
C LYS A 7 -20.99 -8.00 2.71
N ASP A 8 -21.84 -8.84 3.34
CA ASP A 8 -23.31 -8.76 3.22
C ASP A 8 -23.92 -8.28 4.55
N ASP A 9 -25.26 -8.37 4.65
CA ASP A 9 -26.06 -7.99 5.83
C ASP A 9 -26.12 -6.45 5.98
N ASP A 10 -25.20 -5.87 6.78
CA ASP A 10 -25.16 -4.42 7.05
C ASP A 10 -23.88 -4.08 7.84
N ASP A 11 -22.84 -3.68 7.11
CA ASP A 11 -21.55 -3.24 7.66
C ASP A 11 -20.64 -2.78 6.51
N LYS A 12 -19.95 -1.64 6.68
CA LYS A 12 -18.97 -1.19 5.67
C LYS A 12 -17.69 -2.04 5.78
N GLY A 13 -17.13 -2.12 7.01
CA GLY A 13 -15.87 -2.81 7.27
C GLY A 13 -14.79 -2.49 6.25
N THR A 14 -14.65 -1.19 5.95
CA THR A 14 -13.74 -0.69 4.92
C THR A 14 -12.81 0.36 5.53
N MET A 15 -11.59 0.42 5.00
CA MET A 15 -10.53 1.31 5.46
C MET A 15 -10.05 2.18 4.27
N GLU A 16 -10.34 3.49 4.35
CA GLU A 16 -9.90 4.48 3.36
C GLU A 16 -8.50 4.97 3.72
N LEU A 17 -7.54 4.77 2.81
CA LEU A 17 -6.11 4.96 3.08
C LEU A 17 -5.52 5.98 2.09
N GLU A 18 -4.71 6.91 2.60
CA GLU A 18 -4.01 7.91 1.79
C GLU A 18 -2.64 7.33 1.37
N LEU A 19 -2.60 6.81 0.14
CA LEU A 19 -1.42 6.18 -0.46
C LEU A 19 -0.64 7.20 -1.30
N ARG A 20 0.49 7.66 -0.75
CA ARG A 20 1.32 8.68 -1.38
C ARG A 20 2.53 8.02 -2.06
N PHE A 21 2.62 8.15 -3.39
CA PHE A 21 3.68 7.53 -4.22
C PHE A 21 4.72 8.59 -4.57
N PHE A 22 6.00 8.19 -4.55
CA PHE A 22 7.12 9.10 -4.83
C PHE A 22 8.06 8.47 -5.86
N ALA A 23 8.82 9.34 -6.55
CA ALA A 23 9.84 8.96 -7.54
C ALA A 23 9.26 8.14 -8.74
N THR A 24 9.79 6.90 -8.97
CA THR A 24 9.32 6.02 -10.05
C THR A 24 7.88 5.58 -9.82
N PHE A 25 7.57 5.13 -8.59
CA PHE A 25 6.21 4.66 -8.22
C PHE A 25 5.17 5.77 -8.40
N ARG A 26 5.62 7.04 -8.34
CA ARG A 26 4.76 8.21 -8.57
C ARG A 26 4.38 8.35 -10.05
N GLU A 27 5.39 8.24 -10.96
CA GLU A 27 5.16 8.40 -12.42
C GLU A 27 4.46 7.17 -13.03
N VAL A 28 4.52 6.04 -12.30
CA VAL A 28 3.72 4.84 -12.60
C VAL A 28 2.23 5.11 -12.36
N VAL A 29 1.93 5.62 -11.15
CA VAL A 29 0.57 5.95 -10.74
C VAL A 29 0.09 7.24 -11.45
N GLY A 30 1.07 8.06 -11.89
CA GLY A 30 0.81 9.38 -12.46
C GLY A 30 0.32 10.39 -11.44
N GLN A 31 0.42 10.00 -10.14
CA GLN A 31 -0.17 10.73 -9.01
C GLN A 31 0.77 10.55 -7.79
N LYS A 32 1.01 11.64 -7.03
CA LYS A 32 1.92 11.59 -5.85
C LYS A 32 1.16 11.20 -4.58
N SER A 33 -0.18 11.24 -4.60
CA SER A 33 -1.05 10.83 -3.48
C SER A 33 -2.43 10.42 -4.02
N ILE A 34 -3.00 9.33 -3.50
CA ILE A 34 -4.33 8.82 -3.89
C ILE A 34 -5.04 8.28 -2.65
N TYR A 35 -6.34 8.53 -2.54
CA TYR A 35 -7.16 7.87 -1.53
C TYR A 35 -7.70 6.56 -2.11
N TRP A 36 -7.22 5.44 -1.56
CA TRP A 36 -7.74 4.08 -1.81
C TRP A 36 -8.77 3.74 -0.74
N ARG A 37 -9.48 2.63 -0.94
CA ARG A 37 -10.41 2.09 0.06
C ARG A 37 -10.60 0.58 -0.19
N VAL A 38 -10.02 -0.20 0.72
CA VAL A 38 -10.04 -1.67 0.73
C VAL A 38 -10.85 -2.13 1.95
N ASP A 39 -10.98 -3.45 2.15
CA ASP A 39 -11.67 -4.02 3.32
C ASP A 39 -10.76 -3.91 4.57
N ASP A 40 -11.35 -3.99 5.78
CA ASP A 40 -10.64 -3.71 7.05
C ASP A 40 -9.60 -4.79 7.41
N ASP A 41 -9.57 -5.89 6.64
CA ASP A 41 -8.57 -6.98 6.80
C ASP A 41 -7.24 -6.64 6.11
N ALA A 42 -7.25 -5.61 5.25
CA ALA A 42 -6.06 -5.24 4.46
C ALA A 42 -5.04 -4.49 5.33
N THR A 43 -3.78 -4.93 5.28
CA THR A 43 -2.67 -4.24 5.94
C THR A 43 -1.76 -3.61 4.86
N VAL A 44 -0.67 -2.94 5.31
CA VAL A 44 0.28 -2.23 4.41
C VAL A 44 0.85 -3.14 3.29
N GLY A 45 0.99 -4.44 3.61
CA GLY A 45 1.39 -5.47 2.65
C GLY A 45 0.30 -5.81 1.63
N ASP A 46 -0.97 -5.89 2.08
CA ASP A 46 -2.13 -6.15 1.20
C ASP A 46 -2.35 -4.96 0.25
N VAL A 47 -2.03 -3.74 0.73
CA VAL A 47 -2.12 -2.51 -0.05
C VAL A 47 -1.26 -2.62 -1.31
N LEU A 48 0.06 -2.81 -1.13
CA LEU A 48 1.01 -2.91 -2.25
C LEU A 48 0.75 -4.20 -3.08
N ARG A 49 0.25 -5.25 -2.43
CA ARG A 49 -0.23 -6.47 -3.11
C ARG A 49 -1.32 -6.15 -4.16
N SER A 50 -2.29 -5.37 -3.74
CA SER A 50 -3.42 -5.00 -4.59
C SER A 50 -3.03 -3.93 -5.64
N LEU A 51 -2.06 -3.05 -5.28
CA LEU A 51 -1.57 -1.95 -6.16
C LEU A 51 -1.03 -2.47 -7.51
N GLU A 52 -0.23 -3.55 -7.47
CA GLU A 52 0.34 -4.17 -8.68
C GLU A 52 -0.74 -4.79 -9.58
N ALA A 53 -1.87 -5.16 -8.97
CA ALA A 53 -3.01 -5.76 -9.69
C ALA A 53 -3.68 -4.74 -10.63
N GLU A 54 -3.47 -3.43 -10.36
CA GLU A 54 -3.96 -2.36 -11.24
C GLU A 54 -2.81 -1.86 -12.14
N TYR A 55 -1.74 -1.39 -11.50
CA TYR A 55 -0.63 -0.67 -12.16
C TYR A 55 0.45 -1.66 -12.63
N ASP A 56 0.67 -1.71 -13.95
CA ASP A 56 1.68 -2.60 -14.59
C ASP A 56 3.11 -2.21 -14.19
N GLY A 57 3.32 -0.89 -14.03
CA GLY A 57 4.63 -0.33 -13.66
C GLY A 57 4.97 -0.50 -12.19
N LEU A 58 4.05 -1.08 -11.39
CA LEU A 58 4.31 -1.45 -9.99
C LEU A 58 4.52 -2.97 -9.85
N ALA A 59 4.14 -3.73 -10.89
CA ALA A 59 4.10 -5.21 -10.86
C ALA A 59 5.49 -5.83 -10.56
N GLY A 60 5.57 -6.61 -9.46
CA GLY A 60 6.76 -7.39 -9.09
C GLY A 60 7.91 -6.59 -8.48
N ARG A 61 7.74 -5.27 -8.30
CA ARG A 61 8.79 -4.36 -7.78
C ARG A 61 8.37 -3.69 -6.46
N LEU A 62 7.16 -4.00 -5.99
CA LEU A 62 6.64 -3.56 -4.67
C LEU A 62 6.35 -4.77 -3.77
N ILE A 63 6.55 -5.98 -4.34
CA ILE A 63 6.57 -7.27 -3.61
C ILE A 63 7.80 -8.07 -4.09
N GLU A 64 8.51 -8.69 -3.15
CA GLU A 64 9.56 -9.69 -3.45
C GLU A 64 9.39 -10.89 -2.50
N ASP A 65 8.94 -12.02 -3.04
CA ASP A 65 8.89 -13.34 -2.33
C ASP A 65 8.06 -13.29 -1.02
N GLY A 66 7.02 -12.44 -1.02
CA GLY A 66 6.08 -12.31 0.11
C GLY A 66 6.44 -11.24 1.13
N GLU A 67 7.55 -10.50 0.91
CA GLU A 67 7.83 -9.25 1.65
C GLU A 67 7.67 -8.06 0.71
N VAL A 68 8.00 -6.85 1.21
CA VAL A 68 7.88 -5.62 0.44
C VAL A 68 8.86 -5.61 -0.76
N LYS A 69 10.18 -5.79 -0.52
CA LYS A 69 11.27 -5.76 -1.54
C LYS A 69 12.55 -5.27 -0.85
N PRO A 70 13.73 -5.89 -1.15
CA PRO A 70 15.05 -5.32 -0.77
C PRO A 70 15.21 -3.90 -1.35
N HIS A 71 15.60 -2.96 -0.48
CA HIS A 71 15.98 -1.57 -0.83
C HIS A 71 14.79 -0.65 -1.20
N VAL A 72 13.55 -1.19 -1.27
CA VAL A 72 12.34 -0.35 -1.47
C VAL A 72 12.04 0.38 -0.15
N ASN A 73 11.81 1.69 -0.20
CA ASN A 73 11.53 2.48 1.01
C ASN A 73 10.04 2.71 1.12
N VAL A 74 9.39 1.96 2.02
CA VAL A 74 7.94 2.01 2.20
C VAL A 74 7.61 2.44 3.64
N LEU A 75 6.62 3.33 3.74
CA LEU A 75 6.27 4.06 4.96
C LEU A 75 4.84 3.73 5.41
N LYS A 76 4.53 4.19 6.63
CA LYS A 76 3.25 3.96 7.28
C LYS A 76 3.12 4.95 8.46
N ASN A 77 2.26 5.96 8.25
CA ASN A 77 2.05 7.10 9.18
C ASN A 77 3.38 7.86 9.41
N GLY A 78 4.17 7.97 8.32
CA GLY A 78 5.48 8.62 8.32
C GLY A 78 6.63 7.71 8.75
N ARG A 79 6.29 6.55 9.35
CA ARG A 79 7.30 5.60 9.87
C ARG A 79 7.60 4.54 8.80
N GLU A 80 8.87 4.47 8.37
CA GLU A 80 9.28 3.59 7.27
C GLU A 80 9.34 2.13 7.76
N VAL A 81 8.39 1.33 7.28
CA VAL A 81 8.15 -0.05 7.75
C VAL A 81 9.22 -1.07 7.33
N VAL A 82 10.25 -0.63 6.60
CA VAL A 82 11.42 -1.49 6.28
C VAL A 82 12.28 -1.73 7.55
N HIS A 83 12.11 -0.86 8.57
CA HIS A 83 12.82 -0.96 9.87
C HIS A 83 12.03 -1.86 10.86
N LEU A 84 10.72 -2.03 10.58
CA LEU A 84 9.78 -2.83 11.39
C LEU A 84 9.01 -3.81 10.47
N ASP A 85 7.75 -4.14 10.81
CA ASP A 85 6.91 -5.04 10.00
C ASP A 85 6.43 -4.33 8.71
N GLY A 86 6.98 -4.75 7.55
CA GLY A 86 6.64 -4.14 6.26
C GLY A 86 5.34 -4.63 5.67
N MET A 87 5.05 -5.93 5.85
CA MET A 87 3.83 -6.57 5.32
C MET A 87 2.59 -6.33 6.21
N ALA A 88 2.78 -6.11 7.53
CA ALA A 88 1.66 -5.89 8.47
C ALA A 88 2.14 -5.35 9.82
N THR A 89 2.31 -4.01 9.91
CA THR A 89 2.66 -3.33 11.17
C THR A 89 1.40 -3.09 12.07
N ALA A 90 0.54 -2.12 11.67
CA ALA A 90 -0.49 -1.53 12.54
C ALA A 90 -1.41 -0.57 11.72
N LEU A 91 -1.64 -0.91 10.43
CA LEU A 91 -2.40 -0.05 9.50
C LEU A 91 -3.89 -0.09 9.83
N ASP A 92 -4.48 1.09 10.09
CA ASP A 92 -5.89 1.22 10.51
C ASP A 92 -6.67 2.02 9.43
N ASP A 93 -7.98 2.22 9.62
CA ASP A 93 -8.83 3.03 8.72
C ASP A 93 -8.49 4.53 8.84
N GLY A 94 -8.63 5.26 7.72
CA GLY A 94 -8.36 6.71 7.68
C GLY A 94 -6.88 7.05 7.78
N ASP A 95 -6.02 6.03 7.66
CA ASP A 95 -4.57 6.17 7.86
C ASP A 95 -3.88 6.69 6.58
N ALA A 96 -2.56 6.89 6.64
CA ALA A 96 -1.76 7.42 5.51
C ALA A 96 -0.49 6.56 5.30
N VAL A 97 -0.47 5.79 4.21
CA VAL A 97 0.70 5.00 3.76
C VAL A 97 1.46 5.79 2.69
N SER A 98 2.78 5.82 2.75
CA SER A 98 3.63 6.44 1.71
C SER A 98 4.57 5.36 1.14
N VAL A 99 5.04 5.52 -0.11
CA VAL A 99 5.99 4.57 -0.75
C VAL A 99 7.00 5.33 -1.62
N PHE A 100 8.20 4.77 -1.68
CA PHE A 100 9.31 5.21 -2.53
C PHE A 100 9.86 3.91 -3.18
N PRO A 101 10.25 3.92 -4.49
CA PRO A 101 10.85 2.75 -5.18
C PRO A 101 12.24 2.39 -4.62
N PRO A 102 12.81 1.20 -4.99
CA PRO A 102 14.17 0.82 -4.54
C PRO A 102 15.22 1.79 -5.11
N VAL A 103 16.08 2.28 -4.22
CA VAL A 103 17.05 3.35 -4.54
C VAL A 103 18.28 2.80 -5.30
N ALA A 104 18.66 1.54 -4.96
CA ALA A 104 19.78 0.81 -5.58
C ALA A 104 19.84 -0.60 -5.00
N GLY A 105 19.91 -1.63 -5.86
CA GLY A 105 19.90 -3.03 -5.43
C GLY A 105 21.31 -3.56 -5.13
N GLY A 106 22.07 -2.79 -4.31
CA GLY A 106 23.45 -3.12 -3.96
C GLY A 106 23.56 -3.82 -2.60
N GLY A 1 -25.02 4.45 -4.01
CA GLY A 1 -23.88 4.38 -3.05
C GLY A 1 -22.82 3.39 -3.52
N GLY A 2 -21.56 3.88 -3.67
CA GLY A 2 -20.43 3.03 -4.08
C GLY A 2 -19.81 2.28 -2.89
N GLY A 3 -20.61 1.37 -2.29
CA GLY A 3 -20.20 0.61 -1.12
C GLY A 3 -19.33 -0.59 -1.47
N ARG A 4 -18.07 -0.30 -1.87
CA ARG A 4 -17.06 -1.33 -2.15
C ARG A 4 -16.49 -1.90 -0.85
N ASP A 5 -17.23 -2.85 -0.28
CA ASP A 5 -16.77 -3.69 0.83
C ASP A 5 -15.95 -4.86 0.29
N TYR A 6 -15.33 -5.63 1.20
CA TYR A 6 -14.39 -6.71 0.82
C TYR A 6 -14.79 -8.06 1.42
N LYS A 7 -16.11 -8.26 1.53
CA LYS A 7 -16.69 -9.54 2.00
C LYS A 7 -17.76 -10.00 0.98
N ASP A 8 -18.87 -9.26 0.94
CA ASP A 8 -20.08 -9.55 0.13
C ASP A 8 -21.16 -8.54 0.52
N ASP A 9 -21.45 -8.55 1.83
CA ASP A 9 -22.47 -7.71 2.49
C ASP A 9 -22.27 -7.86 4.02
N ASP A 10 -23.17 -7.25 4.86
CA ASP A 10 -23.07 -7.28 6.34
C ASP A 10 -21.88 -6.40 6.76
N ASP A 11 -22.14 -5.08 6.78
CA ASP A 11 -21.16 -4.01 7.14
C ASP A 11 -20.03 -3.89 6.09
N LYS A 12 -19.66 -2.63 5.76
CA LYS A 12 -18.57 -2.33 4.80
C LYS A 12 -17.22 -2.87 5.31
N GLY A 13 -16.93 -2.65 6.62
CA GLY A 13 -15.67 -3.03 7.25
C GLY A 13 -14.44 -2.61 6.47
N THR A 14 -14.42 -1.35 6.06
CA THR A 14 -13.38 -0.77 5.22
C THR A 14 -12.63 0.36 5.95
N MET A 15 -11.54 0.84 5.33
CA MET A 15 -10.71 1.91 5.87
C MET A 15 -10.08 2.71 4.70
N GLU A 16 -10.33 4.03 4.69
CA GLU A 16 -9.91 4.95 3.62
C GLU A 16 -8.46 5.40 3.88
N LEU A 17 -7.52 5.00 3.01
CA LEU A 17 -6.07 5.18 3.22
C LEU A 17 -5.48 6.12 2.16
N GLU A 18 -4.65 7.07 2.60
CA GLU A 18 -3.96 8.00 1.70
C GLU A 18 -2.62 7.38 1.29
N LEU A 19 -2.56 6.87 0.07
CA LEU A 19 -1.35 6.22 -0.45
C LEU A 19 -0.53 7.26 -1.20
N ARG A 20 0.55 7.71 -0.58
CA ARG A 20 1.45 8.70 -1.12
C ARG A 20 2.57 7.98 -1.88
N PHE A 21 2.64 8.22 -3.19
CA PHE A 21 3.65 7.63 -4.09
C PHE A 21 4.71 8.67 -4.41
N PHE A 22 5.98 8.26 -4.37
CA PHE A 22 7.12 9.14 -4.69
C PHE A 22 8.02 8.44 -5.73
N ALA A 23 8.86 9.25 -6.41
CA ALA A 23 9.85 8.80 -7.39
C ALA A 23 9.19 8.03 -8.59
N THR A 24 9.75 6.85 -8.98
CA THR A 24 9.22 5.99 -10.08
C THR A 24 7.74 5.61 -9.84
N PHE A 25 7.40 5.24 -8.60
CA PHE A 25 6.02 4.83 -8.23
C PHE A 25 5.02 5.99 -8.41
N ARG A 26 5.49 7.23 -8.18
CA ARG A 26 4.67 8.45 -8.38
C ARG A 26 4.35 8.63 -9.86
N GLU A 27 5.37 8.37 -10.70
CA GLU A 27 5.28 8.50 -12.15
C GLU A 27 4.33 7.44 -12.74
N VAL A 28 4.36 6.25 -12.14
CA VAL A 28 3.45 5.14 -12.50
C VAL A 28 1.99 5.56 -12.26
N VAL A 29 1.71 5.97 -11.02
CA VAL A 29 0.35 6.32 -10.56
C VAL A 29 -0.07 7.69 -11.15
N GLY A 30 0.92 8.47 -11.62
CA GLY A 30 0.71 9.78 -12.23
C GLY A 30 0.29 10.87 -11.22
N GLN A 31 0.41 10.54 -9.92
CA GLN A 31 -0.03 11.40 -8.81
C GLN A 31 0.66 10.99 -7.50
N LYS A 32 1.01 12.00 -6.67
CA LYS A 32 1.91 11.84 -5.52
C LYS A 32 1.20 11.39 -4.24
N SER A 33 -0.11 11.61 -4.16
CA SER A 33 -0.93 11.17 -3.02
C SER A 33 -2.35 10.90 -3.53
N ILE A 34 -2.92 9.76 -3.14
CA ILE A 34 -4.29 9.35 -3.50
C ILE A 34 -5.02 8.92 -2.22
N TYR A 35 -6.34 8.67 -2.31
CA TYR A 35 -7.07 7.93 -1.29
C TYR A 35 -7.61 6.64 -1.90
N TRP A 36 -7.06 5.52 -1.45
CA TRP A 36 -7.61 4.17 -1.64
C TRP A 36 -8.53 3.86 -0.46
N ARG A 37 -9.09 2.66 -0.50
CA ARG A 37 -9.90 2.10 0.57
C ARG A 37 -9.85 0.58 0.47
N VAL A 38 -9.23 -0.07 1.48
CA VAL A 38 -9.18 -1.54 1.60
C VAL A 38 -9.99 -1.96 2.83
N ASP A 39 -10.06 -3.26 3.10
CA ASP A 39 -10.76 -3.80 4.29
C ASP A 39 -10.03 -3.38 5.59
N ASP A 40 -10.74 -3.36 6.72
CA ASP A 40 -10.20 -2.90 8.02
C ASP A 40 -9.29 -3.98 8.65
N ASP A 41 -9.54 -5.26 8.27
CA ASP A 41 -8.71 -6.42 8.67
C ASP A 41 -7.45 -6.53 7.76
N ALA A 42 -7.45 -5.80 6.63
CA ALA A 42 -6.31 -5.73 5.71
C ALA A 42 -5.15 -4.90 6.31
N THR A 43 -3.95 -5.01 5.72
CA THR A 43 -2.73 -4.33 6.19
C THR A 43 -2.00 -3.61 5.02
N VAL A 44 -0.84 -3.00 5.34
CA VAL A 44 0.06 -2.34 4.36
C VAL A 44 0.51 -3.32 3.26
N GLY A 45 0.72 -4.59 3.65
CA GLY A 45 1.10 -5.64 2.71
C GLY A 45 -0.02 -6.02 1.75
N ASP A 46 -1.26 -6.05 2.28
CA ASP A 46 -2.48 -6.31 1.46
C ASP A 46 -2.72 -5.16 0.46
N VAL A 47 -2.36 -3.93 0.89
CA VAL A 47 -2.45 -2.72 0.07
C VAL A 47 -1.55 -2.83 -1.17
N LEU A 48 -0.22 -2.99 -0.97
CA LEU A 48 0.74 -3.09 -2.09
C LEU A 48 0.50 -4.37 -2.92
N ARG A 49 0.01 -5.44 -2.27
CA ARG A 49 -0.47 -6.67 -2.95
C ARG A 49 -1.54 -6.34 -4.02
N SER A 50 -2.50 -5.52 -3.63
CA SER A 50 -3.60 -5.13 -4.49
C SER A 50 -3.14 -4.07 -5.54
N LEU A 51 -2.17 -3.21 -5.16
CA LEU A 51 -1.66 -2.12 -6.03
C LEU A 51 -1.07 -2.63 -7.36
N GLU A 52 -0.42 -3.80 -7.34
CA GLU A 52 0.18 -4.39 -8.56
C GLU A 52 -0.90 -5.05 -9.45
N ALA A 53 -1.96 -5.54 -8.80
CA ALA A 53 -3.12 -6.15 -9.49
C ALA A 53 -3.88 -5.10 -10.31
N GLU A 54 -3.78 -3.83 -9.89
CA GLU A 54 -4.37 -2.67 -10.57
C GLU A 54 -3.39 -2.08 -11.58
N TYR A 55 -2.20 -1.72 -11.06
CA TYR A 55 -1.19 -0.96 -11.79
C TYR A 55 -0.14 -1.88 -12.43
N ASP A 56 0.00 -1.78 -13.76
CA ASP A 56 0.98 -2.55 -14.55
C ASP A 56 2.42 -2.13 -14.19
N GLY A 57 2.59 -0.83 -13.90
CA GLY A 57 3.90 -0.24 -13.60
C GLY A 57 4.33 -0.41 -12.15
N LEU A 58 3.48 -1.03 -11.31
CA LEU A 58 3.83 -1.37 -9.92
C LEU A 58 3.99 -2.89 -9.74
N ALA A 59 3.91 -3.65 -10.85
CA ALA A 59 3.89 -5.12 -10.81
C ALA A 59 5.27 -5.70 -10.40
N GLY A 60 5.29 -6.49 -9.29
CA GLY A 60 6.47 -7.27 -8.87
C GLY A 60 7.48 -6.49 -8.03
N ARG A 61 7.49 -5.17 -8.19
CA ARG A 61 8.51 -4.25 -7.61
C ARG A 61 8.11 -3.73 -6.21
N LEU A 62 7.02 -4.29 -5.66
CA LEU A 62 6.44 -3.87 -4.37
C LEU A 62 6.15 -5.10 -3.47
N ILE A 63 6.32 -6.33 -4.04
CA ILE A 63 6.32 -7.60 -3.29
C ILE A 63 7.53 -8.44 -3.74
N GLU A 64 8.34 -8.90 -2.78
CA GLU A 64 9.42 -9.89 -3.04
C GLU A 64 9.29 -11.08 -2.07
N ASP A 65 8.88 -12.24 -2.61
CA ASP A 65 8.83 -13.53 -1.88
C ASP A 65 8.03 -13.42 -0.55
N GLY A 66 6.93 -12.66 -0.61
CA GLY A 66 5.99 -12.53 0.51
C GLY A 66 6.25 -11.35 1.44
N GLU A 67 7.43 -10.72 1.35
CA GLU A 67 7.72 -9.45 2.08
C GLU A 67 7.62 -8.26 1.10
N VAL A 68 7.94 -7.03 1.55
CA VAL A 68 7.74 -5.83 0.70
C VAL A 68 8.70 -5.80 -0.52
N LYS A 69 10.06 -5.84 -0.31
CA LYS A 69 11.08 -5.76 -1.41
C LYS A 69 12.39 -5.18 -0.86
N PRO A 70 13.57 -5.79 -1.21
CA PRO A 70 14.90 -5.16 -1.00
C PRO A 70 15.00 -3.78 -1.69
N HIS A 71 15.56 -2.80 -0.96
CA HIS A 71 15.86 -1.42 -1.45
C HIS A 71 14.61 -0.51 -1.55
N VAL A 72 13.39 -1.08 -1.50
CA VAL A 72 12.14 -0.30 -1.50
C VAL A 72 12.03 0.43 -0.15
N ASN A 73 11.46 1.64 -0.13
CA ASN A 73 11.24 2.37 1.12
C ASN A 73 9.75 2.65 1.26
N VAL A 74 9.10 1.88 2.13
CA VAL A 74 7.66 1.96 2.36
C VAL A 74 7.39 2.40 3.80
N LEU A 75 6.51 3.39 3.92
CA LEU A 75 6.21 4.12 5.16
C LEU A 75 4.73 3.96 5.54
N LYS A 76 4.48 3.66 6.80
CA LYS A 76 3.17 3.68 7.41
C LYS A 76 3.08 4.92 8.30
N ASN A 77 2.34 5.93 7.83
CA ASN A 77 2.08 7.19 8.57
C ASN A 77 3.41 7.93 8.91
N GLY A 78 4.40 7.83 7.98
CA GLY A 78 5.73 8.42 8.14
C GLY A 78 6.76 7.49 8.79
N ARG A 79 6.30 6.37 9.40
CA ARG A 79 7.16 5.37 10.05
C ARG A 79 7.49 4.26 9.06
N GLU A 80 8.74 4.26 8.58
CA GLU A 80 9.18 3.43 7.45
C GLU A 80 9.26 1.94 7.86
N VAL A 81 8.26 1.17 7.38
CA VAL A 81 8.02 -0.24 7.78
C VAL A 81 9.05 -1.23 7.23
N VAL A 82 10.03 -0.78 6.43
CA VAL A 82 11.17 -1.64 6.02
C VAL A 82 12.06 -1.99 7.23
N HIS A 83 12.00 -1.13 8.28
CA HIS A 83 12.78 -1.30 9.52
C HIS A 83 12.03 -2.22 10.53
N LEU A 84 10.68 -2.21 10.45
CA LEU A 84 9.78 -3.06 11.27
C LEU A 84 8.99 -4.01 10.36
N ASP A 85 7.79 -4.45 10.81
CA ASP A 85 6.90 -5.30 10.00
C ASP A 85 6.39 -4.53 8.76
N GLY A 86 6.92 -4.91 7.57
CA GLY A 86 6.56 -4.26 6.31
C GLY A 86 5.24 -4.73 5.76
N MET A 87 4.93 -6.02 5.96
CA MET A 87 3.68 -6.65 5.50
C MET A 87 2.49 -6.38 6.44
N ALA A 88 2.72 -6.40 7.76
CA ALA A 88 1.61 -6.23 8.74
C ALA A 88 2.10 -5.48 10.00
N THR A 89 2.14 -4.14 9.90
CA THR A 89 2.53 -3.26 11.01
C THR A 89 1.35 -3.02 11.99
N ALA A 90 0.35 -2.20 11.57
CA ALA A 90 -0.61 -1.55 12.46
C ALA A 90 -1.53 -0.60 11.67
N LEU A 91 -1.87 -0.96 10.41
CA LEU A 91 -2.51 -0.01 9.47
C LEU A 91 -3.99 0.21 9.87
N ASP A 92 -4.34 1.50 10.11
CA ASP A 92 -5.65 1.92 10.64
C ASP A 92 -6.38 2.79 9.60
N ASP A 93 -7.64 3.15 9.91
CA ASP A 93 -8.49 3.99 9.05
C ASP A 93 -8.02 5.46 9.05
N GLY A 94 -8.19 6.13 7.89
CA GLY A 94 -7.80 7.54 7.72
C GLY A 94 -6.28 7.75 7.69
N ASP A 95 -5.52 6.65 7.50
CA ASP A 95 -4.04 6.67 7.58
C ASP A 95 -3.43 7.34 6.32
N ALA A 96 -2.09 7.58 6.33
CA ALA A 96 -1.35 8.02 5.15
C ALA A 96 -0.11 7.12 4.97
N VAL A 97 -0.25 6.07 4.14
CA VAL A 97 0.84 5.12 3.83
C VAL A 97 1.65 5.67 2.64
N SER A 98 2.85 6.15 2.92
CA SER A 98 3.79 6.64 1.88
C SER A 98 4.60 5.47 1.30
N VAL A 99 5.09 5.61 0.05
CA VAL A 99 5.93 4.59 -0.62
C VAL A 99 6.96 5.28 -1.53
N PHE A 100 8.13 4.67 -1.62
CA PHE A 100 9.23 5.05 -2.50
C PHE A 100 9.69 3.72 -3.18
N PRO A 101 9.95 3.70 -4.51
CA PRO A 101 10.46 2.50 -5.24
C PRO A 101 11.83 2.02 -4.73
N PRO A 102 12.28 0.80 -5.17
CA PRO A 102 13.64 0.34 -4.85
C PRO A 102 14.69 1.31 -5.44
N VAL A 103 15.63 1.70 -4.58
CA VAL A 103 16.64 2.75 -4.89
C VAL A 103 17.90 2.15 -5.56
N ALA A 104 17.74 0.93 -6.10
CA ALA A 104 18.79 0.19 -6.81
C ALA A 104 18.42 0.03 -8.30
N GLY A 105 19.45 -0.15 -9.14
CA GLY A 105 19.25 -0.27 -10.59
C GLY A 105 20.50 -0.78 -11.28
N GLY A 106 20.82 -2.06 -11.03
CA GLY A 106 21.98 -2.71 -11.63
C GLY A 106 22.14 -4.15 -11.16
#